data_4LKV
#
_entry.id   4LKV
#
_cell.length_a   136.632
_cell.length_b   140.691
_cell.length_c   173.846
_cell.angle_alpha   90.00
_cell.angle_beta   90.00
_cell.angle_gamma   90.00
#
_symmetry.space_group_name_H-M   'C 2 2 21'
#
loop_
_entity.id
_entity.type
_entity.pdbx_description
1 polymer "Tetraacyldisaccharide 4'-kinase"
2 non-polymer '4-(2-HYDROXYETHYL)-1-PIPERAZINE ETHANESULFONIC ACID'
3 non-polymer 2-deoxy-3-O-[(3R)-3-hydroxytetradecanoyl]-2-{[(3R)-3-hydroxytetradecanoyl]amino}-4-O-phosphono-beta-D-glucopyranose
4 non-polymer '(R)-((2R,3S,4R,5R,6R)-3-HYDROXY-2-(HYDROXYMETHYL)-5-((R)-3-HYDROXYTETRADECANAMIDO)-6-(PHOSPHONOOXY)TETRAHYDRO-2H-PYRAN-4-YL) 3-HYDROXYTETRADECANOATE'
#
_entity_poly.entity_id   1
_entity_poly.type   'polypeptide(L)'
_entity_poly.pdbx_seq_one_letter_code
;MLRSSLLPFSYLYEKIINFRNTLYDKGFLKIKKLPVPVISVGNLSVGGSGKTSFVMYLADLLKDKRVCILSRGYKRKSKG
TLIVSEYGNLKVSWEEAGDEPYLMAKLLPHVSVVASEDRYKGGLLALEKLSPEVFILDDGFQHRKLHRDLNILLLKKKDL
KDRLLPAGNLREPLKEIRRADALVLTYQEVEPFEFFTGKPTFKMFREFCCLLNSDFEEVPFDILKEREVIAFSGLGDNGQ
FRKVLKNLGIKVKEFMSFPDHYDYSDFTPEEGEIYLTTPKDLIKLQGYENVFALNFKVKLEREEKLKKLIYRIFY
;
_entity_poly.pdbx_strand_id   A,B,C,D
#
loop_
_chem_comp.id
_chem_comp.type
_chem_comp.name
_chem_comp.formula
EPE non-polymer '4-(2-HYDROXYETHYL)-1-PIPERAZINE ETHANESULFONIC ACID' 'C8 H18 N2 O4 S'
LP4 non-polymer 2-deoxy-3-O-[(3R)-3-hydroxytetradecanoyl]-2-{[(3R)-3-hydroxytetradecanoyl]amino}-4-O-phosphono-beta-D-glucopyranose 'C34 H66 N O12 P'
LP5 non-polymer '(R)-((2R,3S,4R,5R,6R)-3-HYDROXY-2-(HYDROXYMETHYL)-5-((R)-3-HYDROXYTETRADECANAMIDO)-6-(PHOSPHONOOXY)TETRAHYDRO-2H-PYRAN-4-YL) 3-HYDROXYTETRADECANOATE' 'C34 H66 N O12 P'
#
# COMPACT_ATOMS: atom_id res chain seq x y z
N SER A 4 -14.73 21.44 26.16
CA SER A 4 -15.96 21.50 25.39
C SER A 4 -16.35 22.95 25.12
N SER A 5 -15.97 23.84 26.03
CA SER A 5 -16.30 25.26 25.92
C SER A 5 -15.53 25.94 24.79
N LEU A 6 -14.59 25.20 24.20
CA LEU A 6 -13.75 25.74 23.16
C LEU A 6 -14.36 25.53 21.78
N LEU A 7 -15.26 24.56 21.70
CA LEU A 7 -15.95 24.27 20.44
C LEU A 7 -16.75 25.45 19.89
N PRO A 8 -17.47 26.19 20.76
CA PRO A 8 -18.13 27.38 20.23
C PRO A 8 -17.16 28.33 19.55
N PHE A 9 -15.99 28.49 20.13
CA PHE A 9 -14.98 29.37 19.55
C PHE A 9 -14.50 28.79 18.24
N SER A 10 -14.46 27.47 18.19
CA SER A 10 -14.04 26.78 16.98
C SER A 10 -15.07 27.01 15.90
N TYR A 11 -16.33 26.91 16.27
CA TYR A 11 -17.41 27.15 15.33
C TYR A 11 -17.31 28.58 14.82
N LEU A 12 -17.04 29.51 15.73
CA LEU A 12 -16.91 30.90 15.36
C LEU A 12 -15.74 31.12 14.43
N TYR A 13 -14.62 30.52 14.79
CA TYR A 13 -13.41 30.62 14.00
C TYR A 13 -13.67 30.09 12.60
N GLU A 14 -14.50 29.06 12.51
CA GLU A 14 -14.80 28.46 11.22
C GLU A 14 -15.53 29.42 10.32
N LYS A 15 -16.40 30.22 10.93
CA LYS A 15 -17.17 31.17 10.17
C LYS A 15 -16.27 32.23 9.59
N ILE A 16 -15.33 32.69 10.41
CA ILE A 16 -14.44 33.75 9.99
C ILE A 16 -13.53 33.29 8.87
N ILE A 17 -12.95 32.10 9.04
CA ILE A 17 -12.00 31.60 8.06
C ILE A 17 -12.68 31.30 6.74
N ASN A 18 -13.83 30.64 6.79
CA ASN A 18 -14.54 30.30 5.58
C ASN A 18 -14.98 31.55 4.85
N PHE A 19 -15.42 32.53 5.62
CA PHE A 19 -15.85 33.80 5.05
C PHE A 19 -14.68 34.44 4.33
N ARG A 20 -13.53 34.44 4.99
CA ARG A 20 -12.33 35.02 4.43
C ARG A 20 -12.00 34.33 3.12
N ASN A 21 -11.92 33.01 3.17
CA ASN A 21 -11.55 32.27 1.98
C ASN A 21 -12.57 32.45 0.89
N THR A 22 -13.81 32.61 1.29
CA THR A 22 -14.87 32.77 0.33
C THR A 22 -14.62 34.02 -0.48
N LEU A 23 -14.22 35.08 0.22
CA LEU A 23 -13.93 36.34 -0.43
C LEU A 23 -12.82 36.16 -1.45
N TYR A 24 -11.86 35.31 -1.12
CA TYR A 24 -10.74 35.08 -2.01
C TYR A 24 -11.17 34.21 -3.17
N ASP A 25 -12.05 33.27 -2.90
CA ASP A 25 -12.50 32.34 -3.92
C ASP A 25 -13.18 33.06 -5.07
N LYS A 26 -13.99 34.06 -4.73
CA LYS A 26 -14.79 34.73 -5.73
C LYS A 26 -14.29 36.12 -6.06
N GLY A 27 -12.99 36.32 -5.88
CA GLY A 27 -12.33 37.52 -6.33
C GLY A 27 -12.82 38.82 -5.73
N PHE A 28 -13.28 38.77 -4.48
CA PHE A 28 -13.69 39.98 -3.80
C PHE A 28 -12.49 40.68 -3.18
N LEU A 29 -11.45 39.91 -2.91
CA LEU A 29 -10.20 40.45 -2.41
C LEU A 29 -9.11 40.22 -3.45
N LYS A 30 -8.16 41.13 -3.55
CA LYS A 30 -7.18 41.04 -4.61
C LYS A 30 -6.10 40.03 -4.31
N ILE A 31 -5.73 39.27 -5.33
CA ILE A 31 -4.59 38.37 -5.28
C ILE A 31 -3.50 38.89 -6.20
N LYS A 32 -2.40 39.33 -5.62
CA LYS A 32 -1.37 40.01 -6.39
C LYS A 32 -0.47 39.03 -7.13
N LYS A 33 0.18 39.54 -8.18
CA LYS A 33 1.05 38.71 -9.01
C LYS A 33 2.41 39.33 -9.23
N LEU A 34 3.44 38.53 -9.02
CA LEU A 34 4.82 38.93 -9.29
C LEU A 34 5.19 38.62 -10.72
N PRO A 35 6.12 39.39 -11.30
CA PRO A 35 6.50 39.19 -12.71
C PRO A 35 7.25 37.89 -12.95
N VAL A 36 7.77 37.30 -11.90
CA VAL A 36 8.50 36.06 -12.02
C VAL A 36 7.74 34.97 -11.28
N PRO A 37 8.03 33.69 -11.58
CA PRO A 37 7.30 32.58 -10.97
C PRO A 37 7.36 32.52 -9.45
N VAL A 38 6.35 31.90 -8.84
CA VAL A 38 6.28 31.77 -7.40
C VAL A 38 5.78 30.40 -6.96
N ILE A 39 6.60 29.69 -6.22
CA ILE A 39 6.23 28.39 -5.70
C ILE A 39 5.93 28.47 -4.21
N SER A 40 4.96 27.70 -3.76
CA SER A 40 4.57 27.77 -2.35
C SER A 40 4.64 26.45 -1.62
N VAL A 41 5.00 26.53 -0.35
CA VAL A 41 5.05 25.38 0.52
C VAL A 41 4.34 25.72 1.82
N GLY A 42 3.49 24.83 2.29
CA GLY A 42 2.79 25.08 3.52
C GLY A 42 2.00 23.90 4.06
N ASN A 43 1.26 24.15 5.13
CA ASN A 43 0.41 23.13 5.73
C ASN A 43 -0.75 23.75 6.48
N LEU A 44 -1.66 22.90 6.94
CA LEU A 44 -2.90 23.37 7.54
C LEU A 44 -2.84 23.54 9.03
N SER A 45 -1.85 22.93 9.66
CA SER A 45 -1.84 22.87 11.11
C SER A 45 -0.68 23.61 11.71
N VAL A 46 -0.62 23.59 13.04
CA VAL A 46 0.50 24.14 13.76
C VAL A 46 1.29 23.00 14.36
N GLY A 47 2.50 23.29 14.83
CA GLY A 47 3.34 22.26 15.40
C GLY A 47 4.19 21.62 14.36
N GLY A 48 4.72 20.45 14.67
CA GLY A 48 5.62 19.74 13.79
C GLY A 48 4.99 19.56 12.43
N SER A 49 5.66 20.02 11.39
CA SER A 49 5.06 20.02 10.07
C SER A 49 5.93 19.35 9.03
N GLY A 50 7.20 19.69 9.04
CA GLY A 50 8.13 19.13 8.08
C GLY A 50 8.25 19.99 6.84
N LYS A 51 7.58 21.13 6.85
CA LYS A 51 7.64 22.03 5.71
C LYS A 51 9.06 22.52 5.52
N THR A 52 9.72 22.83 6.62
CA THR A 52 11.07 23.36 6.56
C THR A 52 11.98 22.36 5.88
N SER A 53 11.69 21.08 6.05
CA SER A 53 12.53 20.05 5.44
C SER A 53 12.34 20.02 3.96
N PHE A 54 11.13 20.32 3.52
CA PHE A 54 10.78 20.19 2.13
C PHE A 54 11.37 21.34 1.33
N VAL A 55 11.37 22.50 1.95
CA VAL A 55 11.85 23.70 1.30
C VAL A 55 13.29 23.54 0.90
N MET A 56 14.07 22.99 1.81
CA MET A 56 15.46 22.78 1.53
C MET A 56 15.61 21.80 0.38
N TYR A 57 14.83 20.73 0.40
CA TYR A 57 14.90 19.71 -0.62
C TYR A 57 14.53 20.30 -1.97
N LEU A 58 13.58 21.21 -1.92
CA LEU A 58 13.11 21.86 -3.12
C LEU A 58 14.21 22.71 -3.70
N ALA A 59 14.94 23.38 -2.82
CA ALA A 59 15.97 24.32 -3.22
C ALA A 59 17.07 23.62 -3.97
N ASP A 60 17.32 22.37 -3.63
CA ASP A 60 18.37 21.61 -4.25
C ASP A 60 17.97 21.20 -5.65
N LEU A 61 16.67 21.19 -5.91
CA LEU A 61 16.18 20.87 -7.24
C LEU A 61 16.31 22.06 -8.16
N LEU A 62 16.42 23.23 -7.58
CA LEU A 62 16.57 24.45 -8.35
C LEU A 62 17.96 25.01 -8.24
N LYS A 63 18.92 24.12 -8.05
CA LYS A 63 20.30 24.55 -7.86
C LYS A 63 20.82 25.19 -9.12
N ASP A 64 20.22 24.83 -10.24
CA ASP A 64 20.69 25.30 -11.53
C ASP A 64 20.18 26.70 -11.85
N LYS A 65 19.33 27.22 -10.98
CA LYS A 65 18.72 28.52 -11.24
C LYS A 65 18.94 29.49 -10.08
N ARG A 66 18.54 30.74 -10.30
CA ARG A 66 18.70 31.78 -9.28
C ARG A 66 17.51 31.78 -8.34
N VAL A 67 17.74 31.32 -7.11
CA VAL A 67 16.67 31.12 -6.15
C VAL A 67 16.67 32.13 -5.01
N CYS A 68 15.49 32.57 -4.62
CA CYS A 68 15.34 33.44 -3.47
C CYS A 68 14.16 33.04 -2.61
N ILE A 69 14.41 32.91 -1.30
CA ILE A 69 13.37 32.51 -0.37
C ILE A 69 12.64 33.73 0.16
N LEU A 70 11.33 33.61 0.28
CA LEU A 70 10.52 34.66 0.88
C LEU A 70 9.99 34.23 2.23
N SER A 71 10.74 34.50 3.29
CA SER A 71 10.35 34.04 4.60
C SER A 71 9.38 34.99 5.27
N ARG A 72 8.76 34.51 6.34
CA ARG A 72 7.79 35.29 7.06
C ARG A 72 8.50 36.30 7.91
N GLY A 73 9.53 35.85 8.60
CA GLY A 73 10.27 36.71 9.50
C GLY A 73 9.35 37.29 10.53
N TYR A 74 8.77 36.42 11.36
CA TYR A 74 7.77 36.86 12.31
C TYR A 74 8.26 37.96 13.21
N LYS A 75 7.33 38.84 13.60
CA LYS A 75 7.46 39.88 14.63
C LYS A 75 7.45 41.29 14.03
N ARG A 76 7.60 42.26 14.94
CA ARG A 76 7.53 43.67 14.59
C ARG A 76 8.93 44.14 14.29
N LYS A 77 9.91 43.66 15.06
CA LYS A 77 11.30 44.08 14.90
C LYS A 77 11.91 43.69 13.55
N SER A 78 11.14 43.87 12.49
CA SER A 78 11.65 43.90 11.14
C SER A 78 11.14 45.20 10.55
N LYS A 79 11.63 45.59 9.39
CA LYS A 79 11.10 46.81 8.78
C LYS A 79 9.72 46.51 8.21
N GLY A 80 9.41 45.21 8.10
CA GLY A 80 8.24 44.73 7.40
C GLY A 80 8.82 44.06 6.18
N THR A 81 10.06 44.43 5.90
CA THR A 81 10.88 43.79 4.89
C THR A 81 12.34 43.89 5.32
N LEU A 82 13.14 42.90 4.93
CA LEU A 82 14.56 42.86 5.28
C LEU A 82 15.28 41.78 4.47
N ILE A 83 16.54 42.04 4.12
CA ILE A 83 17.33 41.04 3.43
C ILE A 83 18.16 40.32 4.46
N VAL A 84 18.02 39.01 4.53
CA VAL A 84 18.78 38.26 5.52
C VAL A 84 20.06 37.72 4.93
N SER A 85 20.00 37.20 3.71
CA SER A 85 21.19 36.60 3.12
C SER A 85 21.30 36.86 1.64
N GLU A 86 22.49 37.24 1.22
CA GLU A 86 22.76 37.44 -0.19
C GLU A 86 23.53 36.25 -0.73
N TYR A 87 22.81 35.22 -1.15
CA TYR A 87 23.39 34.00 -1.68
C TYR A 87 24.46 33.42 -0.77
N GLY A 88 24.07 33.15 0.47
CA GLY A 88 24.96 32.53 1.43
C GLY A 88 25.46 33.52 2.45
N ASN A 89 25.70 34.75 2.02
CA ASN A 89 26.31 35.74 2.89
C ASN A 89 25.28 36.40 3.79
N LEU A 90 25.37 36.08 5.08
CA LEU A 90 24.49 36.65 6.08
C LEU A 90 24.80 38.12 6.26
N LYS A 91 23.77 38.95 6.21
CA LYS A 91 23.96 40.38 6.30
C LYS A 91 23.55 40.91 7.66
N VAL A 92 22.90 40.07 8.45
CA VAL A 92 22.44 40.45 9.78
C VAL A 92 22.61 39.31 10.77
N SER A 93 22.31 39.59 12.03
CA SER A 93 22.49 38.61 13.08
C SER A 93 21.26 37.75 13.24
N TRP A 94 21.40 36.68 14.03
CA TRP A 94 20.28 35.78 14.26
C TRP A 94 19.26 36.44 15.16
N GLU A 95 19.71 37.38 15.96
CA GLU A 95 18.80 38.10 16.83
C GLU A 95 17.88 38.98 16.01
N GLU A 96 18.43 39.59 14.97
CA GLU A 96 17.68 40.53 14.17
C GLU A 96 16.86 39.82 13.10
N ALA A 97 17.41 38.73 12.57
CA ALA A 97 16.74 38.02 11.50
C ALA A 97 15.73 37.02 12.03
N GLY A 98 16.00 36.48 13.21
CA GLY A 98 15.14 35.46 13.79
C GLY A 98 15.75 34.09 13.61
N ASP A 99 15.22 33.11 14.32
CA ASP A 99 15.79 31.77 14.29
C ASP A 99 15.51 31.03 13.00
N GLU A 100 14.29 31.14 12.50
CA GLU A 100 13.91 30.40 11.31
C GLU A 100 14.61 30.85 10.03
N PRO A 101 14.64 32.16 9.75
CA PRO A 101 15.26 32.50 8.46
C PRO A 101 16.76 32.32 8.48
N TYR A 102 17.38 32.66 9.60
CA TYR A 102 18.82 32.54 9.75
C TYR A 102 19.23 31.11 9.46
N LEU A 103 18.58 30.18 10.16
CA LEU A 103 18.86 28.76 10.02
C LEU A 103 18.75 28.35 8.58
N MET A 104 17.70 28.83 7.92
CA MET A 104 17.46 28.46 6.55
C MET A 104 18.59 28.96 5.68
N ALA A 105 19.14 30.12 6.03
CA ALA A 105 20.17 30.73 5.22
C ALA A 105 21.43 29.89 5.22
N LYS A 106 21.78 29.36 6.38
CA LYS A 106 23.00 28.59 6.52
C LYS A 106 22.86 27.27 5.77
N LEU A 107 21.69 26.67 5.86
CA LEU A 107 21.47 25.37 5.28
C LEU A 107 21.43 25.43 3.77
N LEU A 108 21.31 26.63 3.24
CA LEU A 108 21.28 26.82 1.79
C LEU A 108 22.29 27.89 1.40
N PRO A 109 23.56 27.51 1.33
CA PRO A 109 24.66 28.44 1.10
C PRO A 109 24.66 29.05 -0.29
N HIS A 110 23.85 28.52 -1.19
CA HIS A 110 23.82 29.06 -2.54
C HIS A 110 22.50 29.77 -2.83
N VAL A 111 21.77 30.12 -1.78
CA VAL A 111 20.44 30.66 -1.95
C VAL A 111 20.22 31.88 -1.07
N SER A 112 19.41 32.82 -1.57
CA SER A 112 19.11 34.03 -0.84
C SER A 112 17.91 33.85 0.09
N VAL A 113 17.82 34.70 1.11
CA VAL A 113 16.72 34.65 2.06
C VAL A 113 16.20 36.04 2.37
N VAL A 114 14.88 36.23 2.25
CA VAL A 114 14.27 37.52 2.51
C VAL A 114 13.10 37.42 3.49
N ALA A 115 13.25 38.04 4.65
CA ALA A 115 12.21 38.01 5.66
C ALA A 115 11.24 39.17 5.48
N SER A 116 9.95 38.85 5.40
CA SER A 116 8.95 39.88 5.24
C SER A 116 7.57 39.38 5.62
N GLU A 117 6.86 40.16 6.42
CA GLU A 117 5.49 39.85 6.73
C GLU A 117 4.68 39.85 5.45
N ASP A 118 4.85 40.91 4.66
CA ASP A 118 4.21 40.97 3.37
C ASP A 118 5.15 40.46 2.30
N ARG A 119 4.74 39.40 1.62
CA ARG A 119 5.62 38.75 0.67
C ARG A 119 5.80 39.55 -0.60
N TYR A 120 4.73 40.20 -1.04
CA TYR A 120 4.80 40.99 -2.26
C TYR A 120 5.85 42.07 -2.13
N LYS A 121 5.90 42.71 -0.97
CA LYS A 121 6.90 43.72 -0.71
C LYS A 121 8.29 43.10 -0.73
N GLY A 122 8.38 41.88 -0.22
CA GLY A 122 9.64 41.17 -0.22
C GLY A 122 10.12 40.92 -1.63
N GLY A 123 9.20 40.70 -2.55
CA GLY A 123 9.54 40.41 -3.93
C GLY A 123 10.15 41.60 -4.63
N LEU A 124 9.59 42.79 -4.36
CA LEU A 124 10.06 44.01 -5.00
C LEU A 124 11.53 44.23 -4.71
N LEU A 125 11.90 44.17 -3.44
CA LEU A 125 13.28 44.34 -3.05
C LEU A 125 14.14 43.26 -3.66
N ALA A 126 13.54 42.10 -3.84
CA ALA A 126 14.28 40.95 -4.34
C ALA A 126 14.67 41.16 -5.78
N LEU A 127 13.69 41.51 -6.60
CA LEU A 127 13.92 41.64 -8.03
C LEU A 127 14.88 42.78 -8.31
N GLU A 128 14.85 43.79 -7.45
CA GLU A 128 15.64 44.98 -7.69
C GLU A 128 17.10 44.73 -7.41
N LYS A 129 17.38 44.10 -6.27
CA LYS A 129 18.75 43.96 -5.80
C LYS A 129 19.37 42.63 -6.22
N LEU A 130 18.70 41.53 -5.91
CA LEU A 130 19.27 40.21 -6.12
C LEU A 130 18.94 39.66 -7.50
N SER A 131 17.85 40.17 -8.08
CA SER A 131 17.39 39.74 -9.40
C SER A 131 17.31 38.22 -9.56
N PRO A 132 16.46 37.57 -8.77
CA PRO A 132 16.33 36.12 -8.87
C PRO A 132 15.35 35.69 -9.95
N GLU A 133 15.22 34.40 -10.16
CA GLU A 133 14.35 33.88 -11.20
C GLU A 133 13.14 33.18 -10.62
N VAL A 134 13.22 32.77 -9.37
CA VAL A 134 12.13 32.02 -8.78
C VAL A 134 12.03 32.26 -7.29
N PHE A 135 10.80 32.33 -6.79
CA PHE A 135 10.56 32.52 -5.38
C PHE A 135 10.01 31.30 -4.71
N ILE A 136 10.24 31.20 -3.41
CA ILE A 136 9.72 30.09 -2.65
C ILE A 136 9.10 30.56 -1.34
N LEU A 137 7.83 30.24 -1.16
CA LEU A 137 7.13 30.62 0.05
C LEU A 137 7.11 29.51 1.07
N ASP A 138 7.75 29.74 2.21
CA ASP A 138 7.62 28.77 3.28
C ASP A 138 6.47 29.18 4.18
N ASP A 139 5.54 28.24 4.35
CA ASP A 139 4.32 28.49 5.10
C ASP A 139 3.57 29.64 4.49
N GLY A 140 3.20 29.51 3.23
CA GLY A 140 2.48 30.55 2.54
C GLY A 140 1.17 30.07 2.00
N PHE A 141 0.73 28.92 2.49
CA PHE A 141 -0.50 28.33 2.01
C PHE A 141 -1.67 29.19 2.42
N GLN A 142 -1.58 29.80 3.60
CA GLN A 142 -2.66 30.64 4.07
C GLN A 142 -2.54 32.03 3.47
N HIS A 143 -1.34 32.38 3.05
CA HIS A 143 -1.07 33.70 2.52
C HIS A 143 -1.59 33.83 1.11
N ARG A 144 -2.90 33.98 0.96
CA ARG A 144 -3.49 33.97 -0.37
C ARG A 144 -3.38 35.32 -1.04
N LYS A 145 -2.80 36.28 -0.34
CA LYS A 145 -2.69 37.61 -0.88
C LYS A 145 -1.80 37.58 -2.11
N LEU A 146 -0.83 36.71 -2.08
CA LEU A 146 0.13 36.60 -3.17
C LEU A 146 -0.13 35.36 -3.98
N HIS A 147 -0.24 35.54 -5.30
CA HIS A 147 -0.53 34.43 -6.20
C HIS A 147 0.64 33.47 -6.25
N ARG A 148 0.36 32.22 -6.56
CA ARG A 148 1.40 31.23 -6.70
C ARG A 148 1.04 30.26 -7.81
N ASP A 149 2.02 29.99 -8.67
CA ASP A 149 1.78 29.13 -9.81
C ASP A 149 1.69 27.70 -9.36
N LEU A 150 2.50 27.35 -8.38
CA LEU A 150 2.55 25.98 -7.89
C LEU A 150 2.31 25.95 -6.40
N ASN A 151 1.08 25.63 -6.02
CA ASN A 151 0.70 25.69 -4.62
C ASN A 151 0.79 24.35 -3.95
N ILE A 152 1.94 24.05 -3.35
CA ILE A 152 2.15 22.76 -2.71
C ILE A 152 1.68 22.77 -1.29
N LEU A 153 0.98 21.70 -0.92
CA LEU A 153 0.44 21.59 0.42
C LEU A 153 0.92 20.32 1.08
N LEU A 154 1.26 20.41 2.35
CA LEU A 154 1.74 19.24 3.07
C LEU A 154 0.69 18.71 4.04
N LEU A 155 0.59 17.39 4.12
CA LEU A 155 -0.36 16.77 5.02
C LEU A 155 0.24 15.59 5.75
N LYS A 156 -0.02 15.54 7.05
CA LYS A 156 0.35 14.40 7.85
C LYS A 156 -0.91 13.68 8.30
N LYS A 157 -0.78 12.39 8.62
CA LYS A 157 -1.91 11.55 8.97
C LYS A 157 -2.71 12.14 10.10
N LYS A 158 -2.04 12.88 10.98
CA LYS A 158 -2.72 13.48 12.10
C LYS A 158 -3.70 14.55 11.65
N ASP A 159 -3.33 15.29 10.60
CA ASP A 159 -4.12 16.42 10.13
C ASP A 159 -5.56 16.03 9.78
N LEU A 160 -5.72 14.87 9.17
CA LEU A 160 -7.04 14.40 8.80
C LEU A 160 -7.87 14.08 10.02
N LYS A 161 -7.21 13.73 11.11
CA LYS A 161 -7.91 13.37 12.34
C LYS A 161 -7.83 14.50 13.35
N ASP A 162 -7.90 15.74 12.87
CA ASP A 162 -7.73 16.88 13.74
C ASP A 162 -8.80 17.92 13.51
N ARG A 163 -8.88 18.88 14.42
CA ARG A 163 -9.93 19.88 14.37
C ARG A 163 -9.38 21.28 14.40
N LEU A 164 -10.25 22.26 14.16
CA LEU A 164 -9.83 23.64 14.12
C LEU A 164 -9.42 24.12 15.49
N LEU A 165 -8.69 25.21 15.51
CA LEU A 165 -8.34 25.89 16.74
C LEU A 165 -9.59 26.51 17.34
N PRO A 166 -9.58 26.75 18.65
CA PRO A 166 -8.52 26.44 19.61
C PRO A 166 -8.61 25.02 20.17
N ALA A 167 -9.61 24.26 19.76
CA ALA A 167 -9.76 22.90 20.23
C ALA A 167 -8.66 22.02 19.64
N GLY A 168 -8.69 21.85 18.34
CA GLY A 168 -7.70 21.05 17.64
C GLY A 168 -6.49 21.88 17.28
N ASN A 169 -5.89 21.58 16.13
CA ASN A 169 -4.68 22.27 15.74
C ASN A 169 -4.75 22.90 14.35
N LEU A 170 -5.83 22.65 13.62
CA LEU A 170 -5.96 23.16 12.27
C LEU A 170 -6.18 24.66 12.26
N ARG A 171 -5.60 25.34 11.28
CA ARG A 171 -5.83 26.77 11.14
C ARG A 171 -6.95 27.01 10.16
N GLU A 172 -7.13 26.04 9.26
CA GLU A 172 -8.18 26.10 8.27
C GLU A 172 -8.83 24.73 8.16
N PRO A 173 -10.08 24.66 7.72
CA PRO A 173 -10.75 23.37 7.58
C PRO A 173 -10.07 22.50 6.54
N LEU A 174 -10.26 21.19 6.66
CA LEU A 174 -9.64 20.27 5.75
C LEU A 174 -10.18 20.43 4.33
N LYS A 175 -11.31 21.12 4.19
CA LYS A 175 -11.92 21.24 2.87
C LYS A 175 -11.11 22.14 1.96
N GLU A 176 -10.18 22.87 2.54
CA GLU A 176 -9.39 23.84 1.79
C GLU A 176 -8.25 23.19 1.04
N ILE A 177 -8.14 21.87 1.20
CA ILE A 177 -7.11 21.10 0.53
C ILE A 177 -7.19 21.31 -0.97
N ARG A 178 -8.41 21.55 -1.44
CA ARG A 178 -8.67 21.72 -2.85
C ARG A 178 -7.85 22.83 -3.49
N ARG A 179 -7.43 23.81 -2.70
CA ARG A 179 -6.69 24.92 -3.26
C ARG A 179 -5.33 24.49 -3.78
N ALA A 180 -4.84 23.38 -3.25
CA ALA A 180 -3.50 22.93 -3.58
C ALA A 180 -3.41 22.43 -5.01
N ASP A 181 -2.26 22.68 -5.63
CA ASP A 181 -2.02 22.18 -6.97
C ASP A 181 -1.39 20.79 -6.90
N ALA A 182 -0.71 20.51 -5.78
CA ALA A 182 -0.06 19.22 -5.60
C ALA A 182 0.11 18.92 -4.13
N LEU A 183 0.05 17.63 -3.78
CA LEU A 183 0.13 17.23 -2.39
C LEU A 183 1.42 16.53 -2.04
N VAL A 184 1.78 16.60 -0.77
CA VAL A 184 2.93 15.88 -0.26
C VAL A 184 2.58 15.18 1.04
N LEU A 185 2.47 13.86 0.99
CA LEU A 185 2.07 13.11 2.15
C LEU A 185 3.25 12.90 3.08
N THR A 186 3.22 13.57 4.23
CA THR A 186 4.37 13.57 5.12
C THR A 186 4.31 12.51 6.21
N TYR A 187 5.44 12.39 6.90
CA TYR A 187 5.60 11.45 7.99
C TYR A 187 5.28 10.04 7.56
N GLN A 188 5.79 9.66 6.41
CA GLN A 188 5.59 8.31 5.93
C GLN A 188 6.48 7.35 6.70
N GLU A 189 7.57 7.88 7.26
CA GLU A 189 8.55 7.03 7.90
C GLU A 189 8.02 6.45 9.21
N VAL A 190 6.99 7.08 9.76
CA VAL A 190 6.42 6.58 11.00
C VAL A 190 4.96 6.17 10.83
N GLU A 191 4.19 6.95 10.08
CA GLU A 191 2.79 6.66 9.89
C GLU A 191 2.38 6.81 8.43
N PRO A 192 2.61 5.76 7.63
CA PRO A 192 2.33 5.76 6.20
C PRO A 192 0.84 5.89 5.92
N PHE A 193 0.50 6.51 4.79
CA PHE A 193 -0.89 6.61 4.38
C PHE A 193 -0.99 7.10 2.95
N GLU A 194 -2.14 6.85 2.34
CA GLU A 194 -2.42 7.31 0.99
C GLU A 194 -3.56 8.30 0.99
N PHE A 195 -3.64 9.10 -0.06
CA PHE A 195 -4.70 10.08 -0.17
C PHE A 195 -5.12 10.25 -1.60
N PHE A 196 -6.43 10.36 -1.78
CA PHE A 196 -7.07 10.27 -3.09
C PHE A 196 -7.69 11.60 -3.48
N THR A 197 -7.11 12.27 -4.48
CA THR A 197 -7.58 13.60 -4.86
C THR A 197 -7.73 13.76 -6.36
N GLY A 198 -6.82 13.13 -7.10
CA GLY A 198 -6.77 13.31 -8.54
C GLY A 198 -5.67 14.28 -8.89
N LYS A 199 -5.23 15.02 -7.88
CA LYS A 199 -4.12 15.93 -8.04
C LYS A 199 -2.84 15.11 -8.00
N PRO A 200 -1.72 15.69 -8.48
CA PRO A 200 -0.41 15.08 -8.28
C PRO A 200 -0.16 14.82 -6.82
N THR A 201 0.49 13.71 -6.51
CA THR A 201 0.65 13.29 -5.13
C THR A 201 2.02 12.66 -4.96
N PHE A 202 2.67 12.93 -3.83
CA PHE A 202 3.99 12.40 -3.60
C PHE A 202 4.18 11.93 -2.16
N LYS A 203 4.70 10.72 -2.00
CA LYS A 203 4.99 10.20 -0.68
C LYS A 203 6.33 10.71 -0.19
N MET A 204 6.36 11.20 1.05
CA MET A 204 7.56 11.81 1.59
C MET A 204 8.08 11.11 2.82
N PHE A 205 9.34 10.70 2.77
CA PHE A 205 9.98 10.07 3.90
C PHE A 205 11.07 10.95 4.47
N ARG A 206 11.26 10.88 5.79
CA ARG A 206 12.40 11.52 6.42
C ARG A 206 13.24 10.46 7.11
N GLU A 207 14.54 10.48 6.85
CA GLU A 207 15.43 9.46 7.40
C GLU A 207 16.66 10.08 8.03
N PHE A 208 17.05 9.55 9.19
CA PHE A 208 18.22 10.02 9.89
C PHE A 208 19.47 9.71 9.10
N CYS A 209 20.19 10.74 8.70
CA CYS A 209 21.34 10.53 7.83
C CYS A 209 22.66 10.78 8.52
N CYS A 210 22.79 11.92 9.17
CA CYS A 210 24.06 12.28 9.79
C CYS A 210 23.88 13.38 10.82
N LEU A 211 25.00 13.95 11.26
CA LEU A 211 24.97 15.04 12.21
C LEU A 211 25.42 16.32 11.54
N LEU A 212 25.08 17.45 12.16
CA LEU A 212 25.51 18.73 11.67
C LEU A 212 26.29 19.46 12.74
N ASN A 213 27.52 19.80 12.42
CA ASN A 213 28.32 20.59 13.33
C ASN A 213 27.91 22.05 13.22
N SER A 214 28.59 22.92 13.96
CA SER A 214 28.23 24.33 14.00
C SER A 214 28.44 25.05 12.68
N ASP A 215 29.31 24.51 11.84
CA ASP A 215 29.52 25.15 10.55
C ASP A 215 28.59 24.55 9.52
N PHE A 216 27.70 23.70 10.00
CA PHE A 216 26.69 23.08 9.17
C PHE A 216 27.33 22.31 8.04
N GLU A 217 28.37 21.57 8.40
CA GLU A 217 29.00 20.65 7.47
C GLU A 217 28.82 19.24 8.02
N GLU A 218 28.41 18.33 7.16
CA GLU A 218 27.96 17.01 7.58
C GLU A 218 29.08 16.16 8.15
N VAL A 219 28.77 15.46 9.24
CA VAL A 219 29.70 14.53 9.84
C VAL A 219 28.95 13.25 10.21
N PRO A 220 29.62 12.09 10.11
CA PRO A 220 28.98 10.80 10.33
C PRO A 220 28.41 10.65 11.73
N PHE A 221 27.47 9.72 11.89
CA PHE A 221 26.85 9.52 13.18
C PHE A 221 27.49 8.35 13.90
N ASP A 222 28.48 7.75 13.26
CA ASP A 222 29.18 6.63 13.87
C ASP A 222 29.92 7.06 15.11
N ILE A 223 30.19 8.35 15.21
CA ILE A 223 30.92 8.88 16.35
C ILE A 223 30.13 8.71 17.63
N LEU A 224 28.83 8.50 17.48
CA LEU A 224 27.97 8.33 18.65
C LEU A 224 28.09 6.93 19.22
N LYS A 225 28.49 6.00 18.38
CA LYS A 225 28.54 4.60 18.77
C LYS A 225 29.47 4.41 19.96
N GLU A 226 29.04 3.57 20.89
CA GLU A 226 29.82 3.27 22.08
C GLU A 226 30.17 4.53 22.87
N ARG A 227 29.30 5.52 22.81
CA ARG A 227 29.45 6.70 23.65
C ARG A 227 28.10 7.28 24.03
N GLU A 228 27.94 7.61 25.30
CA GLU A 228 26.73 8.25 25.79
C GLU A 228 26.85 9.76 25.61
N VAL A 229 25.71 10.41 25.43
CA VAL A 229 25.72 11.83 25.13
C VAL A 229 24.88 12.64 26.09
N ILE A 230 25.16 13.94 26.12
CA ILE A 230 24.39 14.87 26.92
C ILE A 230 23.50 15.73 26.04
N ALA A 231 22.23 15.38 25.96
CA ALA A 231 21.30 16.09 25.10
C ALA A 231 20.69 17.28 25.81
N PHE A 232 20.28 18.29 25.05
CA PHE A 232 19.57 19.43 25.63
C PHE A 232 18.70 20.15 24.61
N SER A 233 17.61 20.74 25.11
CA SER A 233 16.66 21.46 24.27
C SER A 233 16.24 22.80 24.87
N GLY A 234 16.20 23.82 24.03
CA GLY A 234 15.97 25.18 24.48
C GLY A 234 14.58 25.52 24.97
N LEU A 235 13.62 24.63 24.76
CA LEU A 235 12.25 24.96 25.12
C LEU A 235 11.44 23.72 25.47
N GLY A 236 10.12 23.82 25.33
CA GLY A 236 9.23 22.75 25.71
C GLY A 236 9.05 21.68 24.64
N ASP A 237 10.03 21.55 23.75
CA ASP A 237 9.95 20.52 22.73
C ASP A 237 10.54 19.21 23.21
N ASN A 238 10.99 19.19 24.47
CA ASN A 238 11.72 18.07 25.03
C ASN A 238 11.02 16.73 24.86
N GLY A 239 9.70 16.74 25.05
CA GLY A 239 8.92 15.52 24.93
C GLY A 239 9.02 14.94 23.54
N GLN A 240 9.09 15.81 22.54
CA GLN A 240 9.18 15.35 21.17
C GLN A 240 10.62 15.01 20.83
N PHE A 241 11.54 15.82 21.33
CA PHE A 241 12.96 15.64 21.07
C PHE A 241 13.48 14.34 21.66
N ARG A 242 13.09 14.06 22.89
CA ARG A 242 13.48 12.84 23.55
C ARG A 242 12.97 11.64 22.79
N LYS A 243 11.75 11.74 22.28
CA LYS A 243 11.14 10.63 21.56
C LYS A 243 11.98 10.24 20.37
N VAL A 244 12.48 11.23 19.66
CA VAL A 244 13.31 11.00 18.49
C VAL A 244 14.59 10.31 18.88
N LEU A 245 15.23 10.82 19.93
CA LEU A 245 16.45 10.22 20.44
C LEU A 245 16.24 8.76 20.81
N LYS A 246 15.07 8.45 21.31
CA LYS A 246 14.78 7.10 21.75
C LYS A 246 14.59 6.17 20.57
N ASN A 247 13.91 6.65 19.55
CA ASN A 247 13.64 5.82 18.39
C ASN A 247 14.88 5.53 17.57
N LEU A 248 15.80 6.48 17.54
CA LEU A 248 17.02 6.31 16.76
C LEU A 248 17.95 5.32 17.43
N GLY A 249 17.78 5.16 18.74
CA GLY A 249 18.60 4.23 19.48
C GLY A 249 19.82 4.90 20.06
N ILE A 250 19.73 6.20 20.28
CA ILE A 250 20.85 6.93 20.84
C ILE A 250 20.79 6.92 22.35
N LYS A 251 21.90 6.55 22.97
CA LYS A 251 21.93 6.44 24.42
C LYS A 251 22.12 7.81 25.08
N VAL A 252 21.14 8.19 25.88
CA VAL A 252 21.15 9.47 26.56
C VAL A 252 21.39 9.29 28.05
N LYS A 253 22.50 9.81 28.54
CA LYS A 253 22.78 9.70 29.97
C LYS A 253 21.96 10.70 30.74
N GLU A 254 21.62 11.82 30.10
CA GLU A 254 20.90 12.89 30.77
C GLU A 254 20.28 13.87 29.78
N PHE A 255 19.15 14.44 30.14
CA PHE A 255 18.51 15.44 29.31
C PHE A 255 18.51 16.78 30.04
N MET A 256 18.49 17.88 29.29
CA MET A 256 18.52 19.21 29.89
C MET A 256 17.56 20.15 29.19
N SER A 257 16.68 20.80 29.96
CA SER A 257 15.74 21.74 29.38
C SER A 257 16.08 23.17 29.79
N PHE A 258 15.88 24.10 28.87
CA PHE A 258 16.14 25.52 29.14
C PHE A 258 14.91 26.36 28.85
N PRO A 259 14.87 27.58 29.40
CA PRO A 259 13.78 28.51 29.08
C PRO A 259 13.68 28.75 27.59
N ASP A 260 12.46 28.91 27.10
CA ASP A 260 12.20 29.07 25.68
C ASP A 260 13.04 30.16 25.03
N HIS A 261 13.34 31.22 25.77
CA HIS A 261 14.04 32.37 25.21
C HIS A 261 15.54 32.34 25.46
N TYR A 262 16.00 31.24 26.03
CA TYR A 262 17.40 31.11 26.40
C TYR A 262 18.29 31.20 25.19
N ASP A 263 19.31 32.06 25.25
CA ASP A 263 20.19 32.28 24.11
C ASP A 263 21.55 31.62 24.27
N TYR A 264 21.67 30.80 25.32
CA TYR A 264 22.89 30.06 25.57
C TYR A 264 24.11 30.96 25.64
N SER A 265 24.01 32.02 26.42
CA SER A 265 25.09 33.00 26.51
C SER A 265 26.13 32.61 27.56
N ASP A 266 25.67 32.03 28.66
CA ASP A 266 26.54 31.77 29.80
C ASP A 266 26.97 30.32 29.94
N PHE A 267 26.61 29.48 28.97
CA PHE A 267 26.96 28.07 29.08
C PHE A 267 28.42 27.85 28.75
N THR A 268 29.04 26.94 29.48
CA THR A 268 30.44 26.63 29.26
C THR A 268 30.64 25.12 29.25
N PRO A 269 30.80 24.55 28.05
CA PRO A 269 30.88 23.10 27.81
C PRO A 269 32.14 22.44 28.36
N GLU A 270 31.98 21.27 28.96
CA GLU A 270 33.11 20.48 29.42
C GLU A 270 33.91 19.98 28.23
N GLU A 271 35.22 19.87 28.41
CA GLU A 271 36.06 19.37 27.34
C GLU A 271 35.93 17.86 27.21
N GLY A 272 36.04 17.38 25.98
CA GLY A 272 36.02 15.95 25.71
C GLY A 272 34.68 15.31 26.04
N GLU A 273 33.61 16.01 25.71
CA GLU A 273 32.28 15.45 25.86
C GLU A 273 31.44 15.83 24.66
N ILE A 274 30.55 14.94 24.26
CA ILE A 274 29.71 15.17 23.10
C ILE A 274 28.33 15.63 23.53
N TYR A 275 27.80 16.62 22.82
CA TYR A 275 26.48 17.15 23.10
C TYR A 275 25.60 17.18 21.85
N LEU A 276 24.31 16.89 22.05
CA LEU A 276 23.34 16.96 20.98
C LEU A 276 22.26 17.99 21.29
N THR A 277 21.67 18.54 20.23
CA THR A 277 20.62 19.53 20.38
C THR A 277 19.89 19.71 19.08
N THR A 278 19.00 20.70 19.03
CA THR A 278 18.25 20.97 17.82
C THR A 278 19.00 21.95 16.94
N PRO A 279 18.81 21.84 15.63
CA PRO A 279 19.41 22.77 14.68
C PRO A 279 19.04 24.20 15.02
N LYS A 280 17.80 24.38 15.43
CA LYS A 280 17.28 25.70 15.74
C LYS A 280 18.07 26.33 16.87
N ASP A 281 18.62 25.50 17.74
CA ASP A 281 19.39 26.00 18.87
C ASP A 281 20.87 26.02 18.55
N LEU A 282 21.26 25.18 17.60
CA LEU A 282 22.66 25.03 17.25
C LEU A 282 23.24 26.33 16.70
N ILE A 283 22.40 27.09 16.02
CA ILE A 283 22.85 28.32 15.39
C ILE A 283 23.40 29.29 16.42
N LYS A 284 22.96 29.13 17.66
CA LYS A 284 23.36 30.03 18.71
C LYS A 284 24.64 29.57 19.41
N LEU A 285 25.12 28.39 19.04
CA LEU A 285 26.29 27.81 19.70
C LEU A 285 27.47 27.68 18.75
N GLN A 286 27.69 28.70 17.94
CA GLN A 286 28.86 28.71 17.08
C GLN A 286 30.09 29.04 17.92
N GLY A 287 31.05 28.11 17.93
CA GLY A 287 32.28 28.32 18.68
C GLY A 287 32.67 27.19 19.60
N TYR A 288 31.69 26.59 20.27
CA TYR A 288 31.93 25.52 21.24
C TYR A 288 32.16 24.16 20.57
N GLU A 289 33.42 23.85 20.25
CA GLU A 289 33.79 22.84 19.26
C GLU A 289 33.47 21.36 19.54
N ASN A 290 32.43 21.06 20.29
CA ASN A 290 32.04 19.66 20.46
C ASN A 290 30.54 19.48 20.66
N VAL A 291 29.76 20.30 19.96
CA VAL A 291 28.32 20.21 20.02
C VAL A 291 27.78 19.98 18.62
N PHE A 292 26.76 19.14 18.51
CA PHE A 292 26.21 18.80 17.22
C PHE A 292 24.70 18.81 17.23
N ALA A 293 24.11 18.56 16.06
CA ALA A 293 22.68 18.47 15.93
C ALA A 293 22.31 17.38 14.96
N LEU A 294 21.12 16.82 15.11
CA LEU A 294 20.67 15.75 14.24
C LEU A 294 20.31 16.28 12.87
N ASN A 295 20.52 15.46 11.85
CA ASN A 295 20.23 15.89 10.49
C ASN A 295 19.48 14.85 9.70
N PHE A 296 18.31 15.25 9.22
CA PHE A 296 17.48 14.36 8.43
C PHE A 296 17.42 14.85 7.00
N LYS A 297 17.28 13.93 6.07
CA LYS A 297 17.16 14.32 4.69
C LYS A 297 15.93 13.72 4.05
N VAL A 298 15.37 14.45 3.10
CA VAL A 298 14.14 14.05 2.45
C VAL A 298 14.39 12.99 1.39
N LYS A 299 13.66 11.89 1.50
CA LYS A 299 13.70 10.87 0.46
C LYS A 299 12.36 10.85 -0.26
N LEU A 300 12.33 11.45 -1.45
CA LEU A 300 11.08 11.63 -2.16
C LEU A 300 10.95 10.70 -3.36
N GLU A 301 9.84 9.95 -3.40
CA GLU A 301 9.56 9.07 -4.52
C GLU A 301 9.18 9.88 -5.75
N ARG A 302 9.43 9.31 -6.93
CA ARG A 302 9.09 9.96 -8.19
C ARG A 302 9.70 11.35 -8.31
N GLU A 303 10.95 11.46 -7.90
CA GLU A 303 11.66 12.73 -7.96
C GLU A 303 11.63 13.30 -9.37
N GLU A 304 11.86 12.44 -10.35
CA GLU A 304 11.89 12.88 -11.75
C GLU A 304 10.59 13.55 -12.14
N LYS A 305 9.48 13.10 -11.57
CA LYS A 305 8.19 13.65 -11.95
C LYS A 305 7.99 15.02 -11.36
N LEU A 306 8.55 15.22 -10.18
CA LEU A 306 8.35 16.47 -9.49
C LEU A 306 9.07 17.60 -10.22
N LYS A 307 10.28 17.31 -10.67
CA LYS A 307 11.04 18.29 -11.42
C LYS A 307 10.24 18.71 -12.63
N LYS A 308 9.67 17.71 -13.30
CA LYS A 308 8.87 17.92 -14.49
C LYS A 308 7.69 18.82 -14.18
N LEU A 309 7.07 18.59 -13.03
CA LEU A 309 6.00 19.47 -12.57
C LEU A 309 6.50 20.89 -12.46
N ILE A 310 7.71 21.03 -11.93
CA ILE A 310 8.29 22.32 -11.69
C ILE A 310 8.76 22.97 -12.98
N TYR A 311 9.20 22.13 -13.90
CA TYR A 311 9.87 22.61 -15.09
C TYR A 311 8.91 23.30 -16.07
N ARG A 312 7.62 23.08 -15.91
CA ARG A 312 6.65 23.61 -16.88
C ARG A 312 6.16 25.00 -16.56
N ILE A 313 6.49 25.49 -15.38
CA ILE A 313 5.95 26.78 -14.95
C ILE A 313 6.86 27.93 -15.37
N PHE A 314 7.99 27.61 -15.98
CA PHE A 314 8.94 28.64 -16.34
C PHE A 314 8.71 29.21 -17.74
N TYR A 315 7.59 28.84 -18.35
CA TYR A 315 7.27 29.38 -19.67
C TYR A 315 6.04 30.26 -19.60
N ARG B 3 -8.22 -32.16 11.29
CA ARG B 3 -7.16 -31.58 12.12
C ARG B 3 -7.63 -31.56 13.57
N SER B 4 -8.91 -31.31 13.76
CA SER B 4 -9.52 -31.35 15.08
C SER B 4 -9.38 -32.74 15.68
N SER B 5 -9.35 -33.75 14.82
CA SER B 5 -9.22 -35.13 15.26
C SER B 5 -7.85 -35.39 15.87
N LEU B 6 -6.96 -34.41 15.76
CA LEU B 6 -5.61 -34.55 16.27
C LEU B 6 -5.52 -34.04 17.70
N LEU B 7 -6.55 -33.31 18.11
CA LEU B 7 -6.57 -32.76 19.44
C LEU B 7 -6.43 -33.80 20.54
N PRO B 8 -7.15 -34.94 20.43
CA PRO B 8 -6.93 -35.94 21.48
C PRO B 8 -5.46 -36.33 21.61
N PHE B 9 -4.77 -36.44 20.49
CA PHE B 9 -3.37 -36.85 20.53
C PHE B 9 -2.52 -35.76 21.14
N SER B 10 -2.91 -34.52 20.92
CA SER B 10 -2.18 -33.41 21.51
C SER B 10 -2.32 -33.46 23.01
N TYR B 11 -3.53 -33.72 23.48
CA TYR B 11 -3.78 -33.86 24.89
C TYR B 11 -2.95 -35.01 25.42
N LEU B 12 -2.87 -36.08 24.64
CA LEU B 12 -2.08 -37.23 25.01
C LEU B 12 -0.62 -36.83 25.09
N TYR B 13 -0.20 -36.08 24.09
CA TYR B 13 1.17 -35.64 24.01
C TYR B 13 1.52 -34.80 25.21
N GLU B 14 0.55 -34.01 25.66
CA GLU B 14 0.74 -33.11 26.78
C GLU B 14 1.10 -33.87 28.04
N LYS B 15 0.47 -35.02 28.20
CA LYS B 15 0.69 -35.85 29.36
C LYS B 15 2.12 -36.35 29.35
N ILE B 16 2.61 -36.69 28.17
CA ILE B 16 3.96 -37.17 28.06
C ILE B 16 4.94 -36.08 28.37
N ILE B 17 4.72 -34.92 27.78
CA ILE B 17 5.63 -33.81 27.95
C ILE B 17 5.68 -33.36 29.40
N ASN B 18 4.50 -33.18 29.99
CA ASN B 18 4.45 -32.77 31.37
C ASN B 18 5.11 -33.78 32.27
N PHE B 19 4.94 -35.05 31.93
CA PHE B 19 5.55 -36.11 32.69
C PHE B 19 7.06 -36.01 32.60
N ARG B 20 7.55 -35.80 31.39
CA ARG B 20 8.97 -35.70 31.19
C ARG B 20 9.54 -34.51 31.94
N ASN B 21 8.90 -33.35 31.80
CA ASN B 21 9.38 -32.16 32.48
C ASN B 21 9.32 -32.32 33.98
N THR B 22 8.30 -33.02 34.44
CA THR B 22 8.11 -33.24 35.86
C THR B 22 9.32 -33.94 36.42
N LEU B 23 9.76 -34.98 35.74
CA LEU B 23 10.92 -35.73 36.18
C LEU B 23 12.14 -34.84 36.29
N TYR B 24 12.25 -33.89 35.39
CA TYR B 24 13.40 -32.99 35.38
C TYR B 24 13.26 -31.95 36.46
N ASP B 25 12.02 -31.54 36.71
CA ASP B 25 11.76 -30.50 37.69
C ASP B 25 12.17 -30.95 39.08
N LYS B 26 11.88 -32.20 39.40
CA LYS B 26 12.10 -32.68 40.75
C LYS B 26 13.29 -33.63 40.83
N GLY B 27 14.23 -33.46 39.93
CA GLY B 27 15.51 -34.15 40.00
C GLY B 27 15.43 -35.66 40.04
N PHE B 28 14.47 -36.23 39.33
CA PHE B 28 14.40 -37.67 39.21
C PHE B 28 15.26 -38.16 38.05
N LEU B 29 15.60 -37.23 37.17
CA LEU B 29 16.49 -37.52 36.05
C LEU B 29 17.74 -36.66 36.14
N LYS B 30 18.87 -37.22 35.72
CA LYS B 30 20.15 -36.58 35.92
C LYS B 30 20.41 -35.44 34.97
N ILE B 31 20.96 -34.35 35.50
CA ILE B 31 21.40 -33.23 34.70
C ILE B 31 22.90 -33.08 34.80
N LYS B 32 23.59 -33.23 33.68
CA LYS B 32 25.04 -33.21 33.70
C LYS B 32 25.59 -31.80 33.59
N LYS B 33 26.82 -31.61 34.03
CA LYS B 33 27.42 -30.29 34.12
C LYS B 33 28.80 -30.24 33.51
N LEU B 34 29.04 -29.23 32.68
CA LEU B 34 30.34 -29.03 32.06
C LEU B 34 31.18 -28.08 32.89
N PRO B 35 32.51 -28.23 32.84
CA PRO B 35 33.39 -27.42 33.67
C PRO B 35 33.45 -25.96 33.26
N VAL B 36 33.01 -25.64 32.06
CA VAL B 36 33.05 -24.28 31.58
C VAL B 36 31.64 -23.77 31.41
N PRO B 37 31.45 -22.45 31.27
CA PRO B 37 30.11 -21.91 31.13
C PRO B 37 29.36 -22.42 29.91
N VAL B 38 28.05 -22.49 30.00
CA VAL B 38 27.21 -22.95 28.90
C VAL B 38 25.97 -22.09 28.73
N ILE B 39 25.83 -21.48 27.56
CA ILE B 39 24.65 -20.69 27.25
C ILE B 39 23.74 -21.45 26.30
N SER B 40 22.43 -21.29 26.47
CA SER B 40 21.49 -21.99 25.61
C SER B 40 20.53 -21.07 24.89
N VAL B 41 20.22 -21.43 23.66
CA VAL B 41 19.26 -20.68 22.87
C VAL B 41 18.24 -21.61 22.27
N GLY B 42 16.96 -21.27 22.38
CA GLY B 42 15.93 -22.11 21.83
C GLY B 42 14.57 -21.46 21.76
N ASN B 43 13.56 -22.26 21.43
CA ASN B 43 12.20 -21.77 21.36
C ASN B 43 11.21 -22.90 21.61
N LEU B 44 9.93 -22.55 21.66
CA LEU B 44 8.90 -23.50 22.03
C LEU B 44 8.25 -24.20 20.86
N SER B 45 8.38 -23.62 19.67
CA SER B 45 7.64 -24.14 18.54
C SER B 45 8.54 -24.62 17.42
N VAL B 46 7.90 -25.12 16.37
CA VAL B 46 8.60 -25.52 15.17
C VAL B 46 8.36 -24.48 14.10
N GLY B 47 9.15 -24.51 13.04
CA GLY B 47 9.00 -23.56 11.97
C GLY B 47 9.90 -22.36 12.19
N GLY B 48 9.53 -21.24 11.57
CA GLY B 48 10.32 -20.02 11.66
C GLY B 48 10.54 -19.66 13.11
N SER B 49 11.80 -19.49 13.49
CA SER B 49 12.10 -19.32 14.90
C SER B 49 12.92 -18.08 15.18
N GLY B 50 13.93 -17.84 14.36
CA GLY B 50 14.81 -16.68 14.56
C GLY B 50 16.01 -17.10 15.37
N LYS B 51 16.05 -18.39 15.68
CA LYS B 51 17.12 -18.95 16.48
C LYS B 51 18.46 -18.66 15.86
N THR B 52 18.63 -19.10 14.61
CA THR B 52 19.91 -19.06 13.94
C THR B 52 20.47 -17.66 13.89
N SER B 53 19.62 -16.68 13.68
CA SER B 53 20.08 -15.30 13.60
C SER B 53 20.56 -14.84 14.96
N PHE B 54 19.89 -15.32 16.01
CA PHE B 54 20.22 -14.86 17.34
C PHE B 54 21.54 -15.43 17.81
N VAL B 55 21.81 -16.65 17.38
CA VAL B 55 23.03 -17.31 17.74
C VAL B 55 24.20 -16.51 17.22
N MET B 56 24.03 -15.99 16.02
CA MET B 56 25.09 -15.19 15.43
C MET B 56 25.32 -13.94 16.26
N TYR B 57 24.26 -13.22 16.55
CA TYR B 57 24.36 -11.99 17.30
C TYR B 57 24.97 -12.25 18.66
N LEU B 58 24.62 -13.38 19.23
CA LEU B 58 25.14 -13.76 20.52
C LEU B 58 26.62 -14.06 20.39
N ALA B 59 26.99 -14.65 19.27
CA ALA B 59 28.38 -15.02 19.05
C ALA B 59 29.22 -13.79 18.88
N ASP B 60 28.58 -12.72 18.43
CA ASP B 60 29.28 -11.48 18.18
C ASP B 60 29.61 -10.79 19.49
N LEU B 61 28.88 -11.14 20.54
CA LEU B 61 29.11 -10.54 21.84
C LEU B 61 30.27 -11.22 22.56
N LEU B 62 30.60 -12.41 22.11
CA LEU B 62 31.66 -13.19 22.73
C LEU B 62 32.86 -13.30 21.80
N LYS B 63 33.03 -12.30 20.94
CA LYS B 63 34.12 -12.32 19.98
C LYS B 63 35.45 -12.28 20.71
N ASP B 64 35.40 -11.81 21.94
CA ASP B 64 36.61 -11.64 22.71
C ASP B 64 37.04 -12.96 23.36
N LYS B 65 36.25 -14.00 23.13
CA LYS B 65 36.56 -15.29 23.72
C LYS B 65 36.65 -16.37 22.64
N ARG B 66 37.14 -17.54 23.03
CA ARG B 66 37.20 -18.67 22.12
C ARG B 66 35.92 -19.46 22.23
N VAL B 67 35.09 -19.37 21.21
CA VAL B 67 33.74 -19.89 21.28
C VAL B 67 33.60 -21.21 20.53
N CYS B 68 32.75 -22.11 21.03
CA CYS B 68 32.46 -23.35 20.36
C CYS B 68 30.98 -23.68 20.39
N ILE B 69 30.41 -23.97 19.23
CA ILE B 69 29.00 -24.30 19.14
C ILE B 69 28.78 -25.79 19.28
N LEU B 70 27.72 -26.17 19.97
CA LEU B 70 27.36 -27.57 20.08
C LEU B 70 26.04 -27.82 19.37
N SER B 71 26.11 -28.24 18.11
CA SER B 71 24.90 -28.44 17.34
C SER B 71 24.35 -29.84 17.50
N ARG B 72 23.21 -30.10 16.87
CA ARG B 72 22.57 -31.40 16.97
C ARG B 72 22.93 -32.30 15.81
N GLY B 73 22.69 -31.81 14.60
CA GLY B 73 22.92 -32.62 13.42
C GLY B 73 21.91 -33.74 13.41
N TYR B 74 20.65 -33.38 13.45
CA TYR B 74 19.54 -34.31 13.60
C TYR B 74 19.55 -35.46 12.61
N LYS B 75 19.78 -35.13 11.35
CA LYS B 75 19.83 -36.14 10.32
C LYS B 75 21.10 -36.03 9.49
N ARG B 76 21.97 -37.02 9.64
CA ARG B 76 23.22 -37.05 8.89
C ARG B 76 23.61 -38.47 8.54
N LYS B 77 24.61 -38.59 7.66
CA LYS B 77 25.01 -39.90 7.13
C LYS B 77 25.72 -40.72 8.18
N SER B 78 26.47 -40.06 9.04
CA SER B 78 27.19 -40.74 10.11
C SER B 78 26.45 -40.55 11.43
N LYS B 79 27.08 -41.01 12.50
CA LYS B 79 26.46 -40.91 13.81
C LYS B 79 27.54 -40.93 14.88
N GLY B 80 27.22 -40.34 16.03
CA GLY B 80 28.14 -40.30 17.14
C GLY B 80 28.60 -38.90 17.42
N THR B 81 29.87 -38.74 17.75
CA THR B 81 30.41 -37.43 18.03
C THR B 81 31.35 -37.03 16.93
N LEU B 82 31.29 -35.76 16.53
CA LEU B 82 32.03 -35.32 15.37
C LEU B 82 32.37 -33.85 15.43
N ILE B 83 33.65 -33.54 15.22
CA ILE B 83 34.09 -32.15 15.15
C ILE B 83 33.88 -31.62 13.75
N VAL B 84 33.01 -30.62 13.63
CA VAL B 84 32.68 -30.11 12.31
C VAL B 84 33.68 -29.06 11.85
N SER B 85 34.03 -28.16 12.74
CA SER B 85 34.93 -27.08 12.36
C SER B 85 35.90 -26.74 13.46
N GLU B 86 37.18 -26.65 13.11
CA GLU B 86 38.19 -26.31 14.08
C GLU B 86 38.53 -24.84 13.97
N TYR B 87 37.74 -24.01 14.63
CA TYR B 87 37.92 -22.57 14.62
C TYR B 87 38.02 -22.01 13.21
N GLY B 88 36.99 -22.26 12.42
CA GLY B 88 36.93 -21.73 11.07
C GLY B 88 37.22 -22.76 10.01
N ASN B 89 38.17 -23.64 10.28
CA ASN B 89 38.57 -24.64 9.30
C ASN B 89 37.61 -25.81 9.26
N LEU B 90 36.85 -25.90 8.18
CA LEU B 90 35.95 -27.02 7.98
C LEU B 90 36.76 -28.28 7.76
N LYS B 91 36.48 -29.30 8.55
CA LYS B 91 37.23 -30.54 8.46
C LYS B 91 36.44 -31.62 7.74
N VAL B 92 35.15 -31.36 7.54
CA VAL B 92 34.28 -32.31 6.86
C VAL B 92 33.25 -31.62 5.98
N SER B 93 32.52 -32.41 5.21
CA SER B 93 31.52 -31.88 4.31
C SER B 93 30.17 -31.76 5.00
N TRP B 94 29.24 -31.08 4.36
CA TRP B 94 27.91 -30.91 4.93
C TRP B 94 27.20 -32.24 5.01
N GLU B 95 27.59 -33.15 4.12
CA GLU B 95 26.94 -34.44 4.06
C GLU B 95 27.23 -35.25 5.31
N GLU B 96 28.45 -35.14 5.80
CA GLU B 96 28.87 -35.92 6.95
C GLU B 96 28.55 -35.20 8.24
N ALA B 97 28.60 -33.88 8.20
CA ALA B 97 28.39 -33.09 9.40
C ALA B 97 26.92 -32.80 9.65
N GLY B 98 26.15 -32.77 8.58
CA GLY B 98 24.75 -32.43 8.67
C GLY B 98 24.51 -31.05 8.14
N ASP B 99 23.25 -30.70 7.91
CA ASP B 99 22.92 -29.42 7.30
C ASP B 99 23.02 -28.28 8.27
N GLU B 100 22.48 -28.47 9.47
CA GLU B 100 22.47 -27.40 10.46
C GLU B 100 23.86 -27.04 10.99
N PRO B 101 24.67 -28.03 11.34
CA PRO B 101 25.94 -27.59 11.93
C PRO B 101 26.87 -26.97 10.90
N TYR B 102 26.90 -27.54 9.70
CA TYR B 102 27.81 -27.07 8.66
C TYR B 102 27.52 -25.63 8.35
N LEU B 103 26.25 -25.31 8.20
CA LEU B 103 25.84 -23.96 7.89
C LEU B 103 26.31 -23.00 8.95
N MET B 104 26.18 -23.43 10.20
CA MET B 104 26.49 -22.56 11.32
C MET B 104 27.96 -22.20 11.34
N ALA B 105 28.79 -23.13 10.88
CA ALA B 105 30.21 -22.90 10.83
C ALA B 105 30.53 -21.81 9.83
N LYS B 106 29.83 -21.82 8.70
CA LYS B 106 30.09 -20.85 7.64
C LYS B 106 29.75 -19.46 8.11
N LEU B 107 28.64 -19.34 8.84
CA LEU B 107 28.18 -18.04 9.26
C LEU B 107 29.06 -17.47 10.35
N LEU B 108 29.86 -18.32 10.96
CA LEU B 108 30.74 -17.89 12.03
C LEU B 108 32.13 -18.43 11.80
N PRO B 109 32.92 -17.70 11.00
CA PRO B 109 34.25 -18.12 10.59
C PRO B 109 35.27 -18.10 11.72
N HIS B 110 34.91 -17.52 12.86
CA HIS B 110 35.84 -17.46 13.99
C HIS B 110 35.38 -18.36 15.14
N VAL B 111 34.48 -19.30 14.85
CA VAL B 111 33.88 -20.12 15.88
C VAL B 111 33.89 -21.59 15.51
N SER B 112 34.06 -22.45 16.51
CA SER B 112 34.08 -23.88 16.27
C SER B 112 32.68 -24.47 16.29
N VAL B 113 32.54 -25.67 15.72
CA VAL B 113 31.27 -26.37 15.71
C VAL B 113 31.45 -27.85 15.96
N VAL B 114 30.68 -28.40 16.89
CA VAL B 114 30.76 -29.82 17.19
C VAL B 114 29.41 -30.50 17.15
N ALA B 115 29.28 -31.49 16.29
CA ALA B 115 28.02 -32.17 16.13
C ALA B 115 27.94 -33.40 17.00
N SER B 116 26.89 -33.50 17.80
CA SER B 116 26.67 -34.65 18.65
C SER B 116 25.25 -34.68 19.17
N GLU B 117 24.62 -35.85 19.08
CA GLU B 117 23.25 -35.99 19.57
C GLU B 117 23.25 -35.68 21.06
N ASP B 118 24.19 -36.28 21.77
CA ASP B 118 24.36 -35.92 23.16
C ASP B 118 25.37 -34.82 23.27
N ARG B 119 24.95 -33.70 23.85
CA ARG B 119 25.78 -32.51 23.86
C ARG B 119 26.95 -32.64 24.81
N TYR B 120 26.76 -33.33 25.91
CA TYR B 120 27.78 -33.42 26.94
C TYR B 120 29.04 -34.06 26.38
N LYS B 121 28.87 -35.17 25.68
CA LYS B 121 30.01 -35.84 25.08
C LYS B 121 30.66 -34.91 24.08
N GLY B 122 29.82 -34.16 23.37
CA GLY B 122 30.31 -33.21 22.39
C GLY B 122 31.14 -32.15 23.06
N GLY B 123 30.73 -31.75 24.25
CA GLY B 123 31.45 -30.74 24.98
C GLY B 123 32.82 -31.24 25.38
N LEU B 124 32.88 -32.48 25.83
CA LEU B 124 34.13 -33.05 26.31
C LEU B 124 35.15 -33.09 25.19
N LEU B 125 34.68 -33.52 24.03
CA LEU B 125 35.55 -33.61 22.88
C LEU B 125 36.13 -32.25 22.58
N ALA B 126 35.29 -31.23 22.77
CA ALA B 126 35.72 -29.86 22.53
C ALA B 126 36.81 -29.48 23.51
N LEU B 127 36.59 -29.79 24.77
CA LEU B 127 37.55 -29.48 25.82
C LEU B 127 38.84 -30.25 25.63
N GLU B 128 38.71 -31.43 25.06
CA GLU B 128 39.86 -32.27 24.87
C GLU B 128 40.70 -31.76 23.72
N LYS B 129 40.05 -31.49 22.59
CA LYS B 129 40.78 -31.09 21.40
C LYS B 129 40.85 -29.58 21.22
N LEU B 130 39.70 -28.92 21.32
CA LEU B 130 39.59 -27.52 20.94
C LEU B 130 39.86 -26.57 22.08
N SER B 131 39.63 -27.05 23.31
CA SER B 131 39.83 -26.25 24.51
C SER B 131 39.19 -24.86 24.41
N PRO B 132 37.87 -24.81 24.29
CA PRO B 132 37.20 -23.53 24.17
C PRO B 132 37.00 -22.88 25.52
N GLU B 133 36.38 -21.70 25.53
CA GLU B 133 36.19 -20.98 26.77
C GLU B 133 34.71 -20.86 27.13
N VAL B 134 33.84 -21.05 26.15
CA VAL B 134 32.41 -20.92 26.38
C VAL B 134 31.62 -21.67 25.32
N PHE B 135 30.51 -22.27 25.72
CA PHE B 135 29.68 -23.02 24.79
C PHE B 135 28.38 -22.33 24.48
N ILE B 136 27.82 -22.64 23.33
CA ILE B 136 26.49 -22.15 22.98
C ILE B 136 25.65 -23.25 22.39
N LEU B 137 24.54 -23.53 23.04
CA LEU B 137 23.63 -24.55 22.54
C LEU B 137 22.58 -23.94 21.67
N ASP B 138 22.57 -24.27 20.39
CA ASP B 138 21.48 -23.83 19.55
C ASP B 138 20.38 -24.86 19.58
N ASP B 139 19.16 -24.38 19.82
CA ASP B 139 18.00 -25.24 19.94
C ASP B 139 18.22 -26.27 21.03
N GLY B 140 18.50 -25.79 22.23
CA GLY B 140 18.80 -26.66 23.34
C GLY B 140 17.97 -26.35 24.57
N PHE B 141 16.86 -25.66 24.35
CA PHE B 141 15.97 -25.34 25.44
C PHE B 141 15.29 -26.59 25.96
N GLN B 142 14.98 -27.51 25.06
CA GLN B 142 14.30 -28.74 25.46
C GLN B 142 15.29 -29.77 25.97
N HIS B 143 16.53 -29.66 25.53
CA HIS B 143 17.57 -30.60 25.92
C HIS B 143 18.00 -30.30 27.34
N ARG B 144 17.21 -30.77 28.30
CA ARG B 144 17.47 -30.41 29.69
C ARG B 144 18.49 -31.32 30.34
N LYS B 145 18.97 -32.31 29.60
CA LYS B 145 19.96 -33.21 30.13
C LYS B 145 21.23 -32.45 30.48
N LEU B 146 21.51 -31.39 29.72
CA LEU B 146 22.71 -30.61 29.93
C LEU B 146 22.40 -29.29 30.62
N HIS B 147 23.11 -29.03 31.70
CA HIS B 147 22.89 -27.82 32.47
C HIS B 147 23.27 -26.61 31.68
N ARG B 148 22.64 -25.49 32.01
CA ARG B 148 22.95 -24.25 31.34
C ARG B 148 22.83 -23.09 32.30
N ASP B 149 23.82 -22.22 32.27
CA ASP B 149 23.90 -21.12 33.19
C ASP B 149 22.90 -20.04 32.82
N LEU B 150 22.79 -19.79 31.52
CA LEU B 150 21.88 -18.76 31.03
C LEU B 150 20.97 -19.35 29.98
N ASN B 151 19.74 -19.66 30.38
CA ASN B 151 18.81 -20.34 29.50
C ASN B 151 17.92 -19.38 28.74
N ILE B 152 18.32 -19.03 27.53
CA ILE B 152 17.59 -18.04 26.74
C ILE B 152 16.49 -18.69 25.93
N LEU B 153 15.33 -18.07 25.93
CA LEU B 153 14.19 -18.59 25.19
C LEU B 153 13.63 -17.56 24.22
N LEU B 154 13.24 -18.02 23.05
CA LEU B 154 12.74 -17.14 22.01
C LEU B 154 11.25 -17.30 21.82
N LEU B 155 10.56 -16.20 21.57
CA LEU B 155 9.12 -16.25 21.38
C LEU B 155 8.63 -15.33 20.29
N LYS B 156 7.70 -15.83 19.51
CA LYS B 156 7.03 -15.00 18.54
C LYS B 156 5.57 -14.89 18.90
N LYS B 157 4.92 -13.86 18.39
CA LYS B 157 3.54 -13.56 18.73
C LYS B 157 2.63 -14.74 18.49
N LYS B 158 2.96 -15.58 17.51
CA LYS B 158 2.12 -16.71 17.18
C LYS B 158 2.11 -17.73 18.29
N ASP B 159 3.26 -17.86 18.95
CA ASP B 159 3.46 -18.91 19.93
C ASP B 159 2.44 -18.87 21.04
N LEU B 160 2.09 -17.67 21.48
CA LEU B 160 1.13 -17.51 22.56
C LEU B 160 -0.25 -17.98 22.16
N LYS B 161 -0.57 -17.88 20.87
CA LYS B 161 -1.88 -18.28 20.39
C LYS B 161 -1.82 -19.63 19.73
N ASP B 162 -0.96 -20.51 20.22
CA ASP B 162 -0.74 -21.78 19.56
C ASP B 162 -0.98 -22.96 20.49
N ARG B 163 -1.10 -24.15 19.90
CA ARG B 163 -1.38 -25.35 20.67
C ARG B 163 -0.34 -26.42 20.40
N LEU B 164 -0.33 -27.45 21.21
CA LEU B 164 0.68 -28.48 21.12
C LEU B 164 0.56 -29.29 19.84
N LEU B 165 1.65 -29.96 19.52
CA LEU B 165 1.66 -30.90 18.43
C LEU B 165 0.73 -32.04 18.74
N PRO B 166 0.25 -32.74 17.71
CA PRO B 166 0.50 -32.49 16.29
C PRO B 166 -0.49 -31.53 15.68
N ALA B 167 -1.45 -31.07 16.48
CA ALA B 167 -2.42 -30.12 16.00
C ALA B 167 -1.73 -28.80 15.72
N GLY B 168 -1.24 -28.18 16.78
CA GLY B 168 -0.56 -26.91 16.66
C GLY B 168 0.91 -27.11 16.36
N ASN B 169 1.74 -26.22 16.88
CA ASN B 169 3.17 -26.28 16.57
C ASN B 169 4.05 -26.29 17.81
N LEU B 170 3.43 -26.16 18.97
CA LEU B 170 4.19 -26.13 20.21
C LEU B 170 4.72 -27.51 20.56
N ARG B 171 5.97 -27.55 21.03
CA ARG B 171 6.55 -28.79 21.51
C ARG B 171 6.37 -28.92 23.01
N GLU B 172 6.18 -27.79 23.67
CA GLU B 172 5.96 -27.75 25.12
C GLU B 172 4.92 -26.69 25.44
N PRO B 173 4.21 -26.86 26.56
CA PRO B 173 3.23 -25.85 26.96
C PRO B 173 3.86 -24.52 27.29
N LEU B 174 3.10 -23.45 27.16
CA LEU B 174 3.60 -22.12 27.44
C LEU B 174 3.99 -21.96 28.89
N LYS B 175 3.49 -22.84 29.75
CA LYS B 175 3.78 -22.71 31.17
C LYS B 175 5.25 -23.00 31.45
N GLU B 176 5.92 -23.60 30.47
CA GLU B 176 7.31 -23.97 30.65
C GLU B 176 8.22 -22.77 30.46
N ILE B 177 7.62 -21.65 30.09
CA ILE B 177 8.37 -20.42 29.89
C ILE B 177 9.20 -20.10 31.11
N ARG B 178 8.70 -20.46 32.27
CA ARG B 178 9.34 -20.08 33.52
C ARG B 178 10.76 -20.59 33.66
N ARG B 179 11.08 -21.66 32.95
CA ARG B 179 12.41 -22.23 33.07
C ARG B 179 13.46 -21.29 32.52
N ALA B 180 13.04 -20.40 31.64
CA ALA B 180 13.95 -19.50 30.97
C ALA B 180 14.50 -18.47 31.92
N ASP B 181 15.75 -18.09 31.71
CA ASP B 181 16.34 -17.01 32.49
C ASP B 181 16.09 -15.67 31.82
N ALA B 182 15.94 -15.68 30.50
CA ALA B 182 15.73 -14.43 29.77
C ALA B 182 14.91 -14.64 28.50
N LEU B 183 14.10 -13.65 28.15
CA LEU B 183 13.25 -13.76 26.98
C LEU B 183 13.75 -12.94 25.81
N VAL B 184 13.43 -13.40 24.61
CA VAL B 184 13.74 -12.67 23.40
C VAL B 184 12.53 -12.66 22.49
N LEU B 185 11.88 -11.51 22.36
CA LEU B 185 10.70 -11.40 21.53
C LEU B 185 11.06 -11.14 20.09
N THR B 186 10.91 -12.15 19.24
CA THR B 186 11.36 -12.06 17.86
C THR B 186 10.27 -11.62 16.90
N TYR B 187 10.66 -11.47 15.65
CA TYR B 187 9.75 -11.09 14.56
C TYR B 187 8.97 -9.84 14.91
N GLN B 188 9.67 -8.86 15.46
CA GLN B 188 9.03 -7.60 15.78
C GLN B 188 8.85 -6.78 14.52
N GLU B 189 9.67 -7.06 13.51
CA GLU B 189 9.69 -6.22 12.32
C GLU B 189 8.43 -6.41 11.51
N VAL B 190 7.71 -7.49 11.76
CA VAL B 190 6.48 -7.73 11.03
C VAL B 190 5.28 -7.83 11.96
N GLU B 191 5.47 -8.46 13.11
CA GLU B 191 4.38 -8.63 14.06
C GLU B 191 4.82 -8.25 15.47
N PRO B 192 4.75 -6.95 15.77
CA PRO B 192 5.12 -6.43 17.08
C PRO B 192 4.18 -6.88 18.17
N PHE B 193 4.70 -7.07 19.37
CA PHE B 193 3.91 -7.41 20.53
C PHE B 193 4.75 -7.22 21.78
N GLU B 194 4.10 -7.07 22.92
CA GLU B 194 4.82 -7.00 24.19
C GLU B 194 4.33 -8.09 25.13
N PHE B 195 5.18 -8.45 26.09
CA PHE B 195 4.88 -9.53 27.01
C PHE B 195 5.66 -9.33 28.29
N PHE B 196 4.95 -9.18 29.40
CA PHE B 196 5.61 -8.85 30.65
C PHE B 196 5.54 -10.02 31.62
N THR B 197 6.70 -10.51 32.02
CA THR B 197 6.78 -11.66 32.90
C THR B 197 7.54 -11.33 34.16
N GLY B 198 8.36 -10.29 34.08
CA GLY B 198 9.20 -9.92 35.19
C GLY B 198 10.63 -10.36 34.94
N LYS B 199 10.80 -11.26 34.00
CA LYS B 199 12.14 -11.71 33.63
C LYS B 199 12.75 -10.70 32.67
N PRO B 200 14.09 -10.74 32.51
CA PRO B 200 14.72 -9.91 31.49
C PRO B 200 14.10 -10.17 30.13
N THR B 201 13.89 -9.13 29.36
CA THR B 201 13.22 -9.25 28.08
C THR B 201 13.89 -8.35 27.06
N PHE B 202 14.04 -8.85 25.85
CA PHE B 202 14.72 -8.10 24.80
C PHE B 202 13.99 -8.25 23.47
N LYS B 203 13.66 -7.12 22.84
CA LYS B 203 13.03 -7.14 21.54
C LYS B 203 14.06 -7.33 20.44
N MET B 204 13.77 -8.21 19.51
CA MET B 204 14.69 -8.50 18.42
C MET B 204 14.07 -8.18 17.08
N PHE B 205 14.79 -7.41 16.28
CA PHE B 205 14.33 -7.05 14.95
C PHE B 205 15.27 -7.61 13.91
N ARG B 206 14.72 -7.94 12.75
CA ARG B 206 15.54 -8.36 11.62
C ARG B 206 15.35 -7.37 10.48
N GLU B 207 16.46 -6.98 9.85
CA GLU B 207 16.39 -6.06 8.73
C GLU B 207 17.22 -6.59 7.57
N PHE B 208 16.62 -6.58 6.38
CA PHE B 208 17.29 -7.08 5.19
C PHE B 208 18.48 -6.20 4.88
N CYS B 209 19.65 -6.82 4.80
CA CYS B 209 20.87 -6.07 4.58
C CYS B 209 21.41 -6.30 3.19
N CYS B 210 21.59 -7.57 2.83
CA CYS B 210 22.20 -7.88 1.57
C CYS B 210 21.95 -9.32 1.20
N LEU B 211 22.65 -9.78 0.17
CA LEU B 211 22.57 -11.17 -0.24
C LEU B 211 23.87 -11.84 0.11
N LEU B 212 23.85 -13.17 0.12
CA LEU B 212 25.03 -13.95 0.44
C LEU B 212 25.28 -14.98 -0.65
N ASN B 213 26.49 -14.99 -1.17
CA ASN B 213 26.90 -15.99 -2.14
C ASN B 213 27.51 -17.18 -1.42
N SER B 214 27.97 -18.17 -2.16
CA SER B 214 28.42 -19.40 -1.51
C SER B 214 29.70 -19.22 -0.71
N ASP B 215 30.43 -18.14 -0.95
CA ASP B 215 31.59 -17.90 -0.12
C ASP B 215 31.18 -17.11 1.09
N PHE B 216 29.87 -16.89 1.19
CA PHE B 216 29.28 -16.17 2.30
C PHE B 216 29.96 -14.82 2.46
N GLU B 217 30.15 -14.16 1.33
CA GLU B 217 30.63 -12.80 1.33
C GLU B 217 29.54 -11.93 0.77
N GLU B 218 29.33 -10.79 1.42
CA GLU B 218 28.16 -9.95 1.15
C GLU B 218 28.21 -9.30 -0.22
N VAL B 219 27.07 -9.30 -0.89
CA VAL B 219 26.90 -8.60 -2.15
C VAL B 219 25.61 -7.78 -2.11
N PRO B 220 25.62 -6.60 -2.72
CA PRO B 220 24.47 -5.70 -2.63
C PRO B 220 23.24 -6.33 -3.24
N PHE B 221 22.06 -5.81 -2.90
CA PHE B 221 20.84 -6.38 -3.45
C PHE B 221 20.40 -5.58 -4.64
N ASP B 222 21.20 -4.60 -5.02
CA ASP B 222 20.87 -3.80 -6.20
C ASP B 222 20.93 -4.64 -7.45
N ILE B 223 21.63 -5.76 -7.38
CA ILE B 223 21.75 -6.65 -8.53
C ILE B 223 20.41 -7.24 -8.89
N LEU B 224 19.46 -7.15 -7.97
CA LEU B 224 18.15 -7.72 -8.20
C LEU B 224 17.32 -6.87 -9.12
N LYS B 225 17.08 -5.64 -8.72
CA LYS B 225 16.25 -4.75 -9.51
C LYS B 225 16.84 -4.66 -10.90
N GLU B 226 15.94 -4.53 -11.87
CA GLU B 226 16.24 -4.65 -13.30
C GLU B 226 16.44 -6.11 -13.68
N ARG B 227 15.87 -7.03 -12.91
CA ARG B 227 15.92 -8.44 -13.26
C ARG B 227 14.98 -9.30 -12.43
N GLU B 228 14.39 -10.31 -13.06
CA GLU B 228 13.54 -11.27 -12.38
C GLU B 228 14.35 -12.47 -11.94
N VAL B 229 13.86 -13.20 -10.93
CA VAL B 229 14.64 -14.29 -10.35
C VAL B 229 13.93 -15.62 -10.28
N ILE B 230 14.73 -16.67 -10.09
CA ILE B 230 14.22 -18.02 -9.95
C ILE B 230 14.51 -18.54 -8.55
N ALA B 231 13.48 -18.66 -7.74
CA ALA B 231 13.66 -19.09 -6.37
C ALA B 231 13.52 -20.59 -6.23
N PHE B 232 14.17 -21.16 -5.23
CA PHE B 232 14.00 -22.59 -4.96
C PHE B 232 14.33 -22.97 -3.52
N SER B 233 13.62 -23.97 -3.02
CA SER B 233 13.75 -24.43 -1.65
C SER B 233 13.63 -25.94 -1.51
N GLY B 234 14.43 -26.52 -0.63
CA GLY B 234 14.53 -27.96 -0.52
C GLY B 234 13.45 -28.67 0.26
N LEU B 235 12.54 -27.93 0.88
CA LEU B 235 11.51 -28.56 1.69
C LEU B 235 10.21 -27.77 1.78
N GLY B 236 9.46 -27.97 2.86
CA GLY B 236 8.17 -27.32 3.02
C GLY B 236 8.24 -25.91 3.57
N ASP B 237 9.36 -25.25 3.37
CA ASP B 237 9.49 -23.87 3.84
C ASP B 237 8.95 -22.89 2.82
N ASN B 238 8.49 -23.43 1.71
CA ASN B 238 8.10 -22.64 0.55
C ASN B 238 7.11 -21.55 0.86
N GLY B 239 6.12 -21.87 1.68
CA GLY B 239 5.09 -20.91 2.03
C GLY B 239 5.68 -19.66 2.64
N GLN B 240 6.69 -19.85 3.47
CA GLN B 240 7.29 -18.72 4.18
C GLN B 240 8.29 -18.03 3.30
N PHE B 241 9.12 -18.81 2.63
CA PHE B 241 10.13 -18.28 1.76
C PHE B 241 9.50 -17.44 0.66
N ARG B 242 8.43 -17.95 0.07
CA ARG B 242 7.76 -17.24 -0.99
C ARG B 242 7.23 -15.92 -0.48
N LYS B 243 6.65 -15.95 0.71
CA LYS B 243 6.02 -14.77 1.29
C LYS B 243 7.05 -13.68 1.50
N VAL B 244 8.21 -14.07 2.01
CA VAL B 244 9.28 -13.13 2.27
C VAL B 244 9.72 -12.45 1.00
N LEU B 245 9.97 -13.26 -0.01
CA LEU B 245 10.42 -12.75 -1.29
C LEU B 245 9.43 -11.74 -1.85
N LYS B 246 8.15 -11.96 -1.57
CA LYS B 246 7.12 -11.07 -2.09
C LYS B 246 7.11 -9.77 -1.32
N ASN B 247 7.30 -9.85 -0.02
CA ASN B 247 7.26 -8.66 0.79
C ASN B 247 8.43 -7.75 0.52
N LEU B 248 9.59 -8.35 0.25
CA LEU B 248 10.78 -7.58 -0.03
C LEU B 248 10.65 -6.86 -1.36
N GLY B 249 9.73 -7.34 -2.18
CA GLY B 249 9.48 -6.73 -3.47
C GLY B 249 10.27 -7.41 -4.56
N ILE B 250 10.65 -8.66 -4.32
CA ILE B 250 11.42 -9.40 -5.31
C ILE B 250 10.48 -10.12 -6.25
N LYS B 251 10.59 -9.83 -7.53
CA LYS B 251 9.74 -10.48 -8.52
C LYS B 251 10.27 -11.85 -8.89
N VAL B 252 9.48 -12.87 -8.60
CA VAL B 252 9.88 -14.23 -8.89
C VAL B 252 9.15 -14.77 -10.10
N LYS B 253 9.89 -15.13 -11.13
CA LYS B 253 9.25 -15.63 -12.34
C LYS B 253 8.81 -17.07 -12.16
N GLU B 254 9.50 -17.81 -11.29
CA GLU B 254 9.14 -19.21 -11.06
C GLU B 254 9.77 -19.74 -9.79
N PHE B 255 9.08 -20.70 -9.17
CA PHE B 255 9.58 -21.32 -7.95
C PHE B 255 9.93 -22.78 -8.23
N MET B 256 10.83 -23.34 -7.44
CA MET B 256 11.22 -24.73 -7.65
C MET B 256 11.38 -25.47 -6.33
N SER B 257 10.73 -26.61 -6.21
CA SER B 257 10.81 -27.39 -4.98
C SER B 257 11.59 -28.67 -5.20
N PHE B 258 12.41 -29.01 -4.22
CA PHE B 258 13.20 -30.23 -4.29
C PHE B 258 12.95 -31.09 -3.05
N PRO B 259 13.36 -32.36 -3.10
CA PRO B 259 13.25 -33.20 -1.92
C PRO B 259 14.15 -32.72 -0.80
N ASP B 260 13.78 -33.01 0.42
CA ASP B 260 14.58 -32.64 1.58
C ASP B 260 15.96 -33.27 1.53
N HIS B 261 16.06 -34.41 0.87
CA HIS B 261 17.28 -35.19 0.87
C HIS B 261 18.14 -34.89 -0.35
N TYR B 262 17.70 -33.93 -1.15
CA TYR B 262 18.35 -33.61 -2.42
C TYR B 262 19.76 -33.09 -2.21
N ASP B 263 20.72 -33.72 -2.85
CA ASP B 263 22.12 -33.37 -2.64
C ASP B 263 22.69 -32.58 -3.81
N TYR B 264 21.81 -32.17 -4.71
CA TYR B 264 22.19 -31.31 -5.82
C TYR B 264 23.33 -31.86 -6.64
N SER B 265 23.20 -33.12 -7.04
CA SER B 265 24.15 -33.73 -7.94
C SER B 265 23.78 -33.42 -9.39
N ASP B 266 22.49 -33.34 -9.68
CA ASP B 266 22.04 -33.11 -11.05
C ASP B 266 21.64 -31.67 -11.31
N PHE B 267 22.07 -30.77 -10.43
CA PHE B 267 21.68 -29.38 -10.57
C PHE B 267 22.44 -28.71 -11.70
N THR B 268 21.71 -27.99 -12.54
CA THR B 268 22.32 -27.36 -13.70
C THR B 268 21.79 -25.96 -13.94
N PRO B 269 22.53 -24.96 -13.47
CA PRO B 269 22.11 -23.56 -13.58
C PRO B 269 22.20 -23.06 -15.01
N GLU B 270 21.09 -22.56 -15.53
CA GLU B 270 21.10 -21.98 -16.86
C GLU B 270 22.00 -20.76 -16.84
N GLU B 271 22.69 -20.52 -17.96
CA GLU B 271 23.56 -19.38 -18.04
C GLU B 271 22.72 -18.10 -18.06
N GLY B 272 23.22 -17.07 -17.38
CA GLY B 272 22.59 -15.78 -17.42
C GLY B 272 21.29 -15.70 -16.66
N GLU B 273 21.27 -16.28 -15.47
CA GLU B 273 20.11 -16.15 -14.61
C GLU B 273 20.52 -16.15 -13.15
N ILE B 274 19.77 -15.40 -12.36
CA ILE B 274 20.01 -15.33 -10.93
C ILE B 274 19.11 -16.30 -10.22
N TYR B 275 19.63 -16.96 -9.19
CA TYR B 275 18.84 -17.87 -8.38
C TYR B 275 18.92 -17.51 -6.91
N LEU B 276 17.79 -17.65 -6.22
CA LEU B 276 17.74 -17.42 -4.79
C LEU B 276 17.36 -18.68 -4.04
N THR B 277 17.80 -18.78 -2.80
CA THR B 277 17.49 -19.93 -2.00
C THR B 277 17.79 -19.67 -0.54
N THR B 278 17.64 -20.70 0.27
CA THR B 278 17.87 -20.59 1.69
C THR B 278 19.33 -20.84 2.00
N PRO B 279 19.84 -20.24 3.09
CA PRO B 279 21.21 -20.51 3.49
C PRO B 279 21.48 -21.98 3.64
N LYS B 280 20.47 -22.72 4.08
CA LYS B 280 20.63 -24.13 4.34
C LYS B 280 20.93 -24.89 3.07
N ASP B 281 20.50 -24.34 1.95
CA ASP B 281 20.73 -25.00 0.69
C ASP B 281 21.95 -24.44 -0.01
N LEU B 282 22.29 -23.21 0.31
CA LEU B 282 23.37 -22.51 -0.36
C LEU B 282 24.71 -23.19 -0.15
N ILE B 283 24.87 -23.87 0.96
CA ILE B 283 26.13 -24.49 1.31
C ILE B 283 26.50 -25.61 0.34
N LYS B 284 25.51 -26.10 -0.37
CA LYS B 284 25.73 -27.23 -1.26
C LYS B 284 26.18 -26.77 -2.65
N LEU B 285 26.19 -25.48 -2.88
CA LEU B 285 26.42 -24.94 -4.20
C LEU B 285 27.68 -24.09 -4.30
N GLN B 286 28.79 -24.59 -3.82
CA GLN B 286 30.01 -23.82 -3.93
C GLN B 286 30.57 -23.96 -5.33
N GLY B 287 30.79 -22.83 -5.98
CA GLY B 287 31.39 -22.81 -7.31
C GLY B 287 30.52 -22.16 -8.36
N TYR B 288 29.21 -22.23 -8.19
CA TYR B 288 28.28 -21.76 -9.21
C TYR B 288 28.07 -20.26 -9.14
N GLU B 289 28.80 -19.51 -9.95
CA GLU B 289 28.88 -18.05 -9.81
C GLU B 289 27.61 -17.24 -10.08
N ASN B 290 26.43 -17.80 -9.85
CA ASN B 290 25.22 -17.00 -10.03
C ASN B 290 24.06 -17.40 -9.12
N VAL B 291 24.38 -17.87 -7.92
CA VAL B 291 23.36 -18.27 -6.97
C VAL B 291 23.56 -17.54 -5.66
N PHE B 292 22.47 -17.07 -5.06
CA PHE B 292 22.56 -16.27 -3.85
C PHE B 292 21.50 -16.64 -2.83
N ALA B 293 21.60 -16.04 -1.66
CA ALA B 293 20.62 -16.26 -0.60
C ALA B 293 20.42 -14.98 0.19
N LEU B 294 19.31 -14.90 0.90
CA LEU B 294 18.98 -13.69 1.62
C LEU B 294 19.77 -13.59 2.91
N ASN B 295 20.08 -12.37 3.33
CA ASN B 295 20.84 -12.18 4.56
C ASN B 295 20.27 -11.09 5.44
N PHE B 296 19.95 -11.46 6.66
CA PHE B 296 19.37 -10.51 7.59
C PHE B 296 20.32 -10.21 8.73
N LYS B 297 20.12 -9.08 9.37
CA LYS B 297 20.96 -8.69 10.49
C LYS B 297 20.12 -8.46 11.73
N VAL B 298 20.67 -8.81 12.87
CA VAL B 298 19.96 -8.67 14.13
C VAL B 298 20.10 -7.29 14.72
N LYS B 299 18.98 -6.64 15.01
CA LYS B 299 19.00 -5.38 15.73
C LYS B 299 18.31 -5.55 17.07
N LEU B 300 19.09 -5.60 18.15
CA LEU B 300 18.54 -5.92 19.44
C LEU B 300 18.45 -4.73 20.40
N GLU B 301 17.26 -4.51 20.93
CA GLU B 301 17.05 -3.45 21.91
C GLU B 301 17.68 -3.80 23.25
N ARG B 302 17.97 -2.79 24.05
CA ARG B 302 18.52 -2.97 25.39
C ARG B 302 19.77 -3.83 25.41
N GLU B 303 20.66 -3.61 24.44
CA GLU B 303 21.88 -4.39 24.32
C GLU B 303 22.72 -4.30 25.58
N GLU B 304 22.75 -3.12 26.19
CA GLU B 304 23.55 -2.90 27.37
C GLU B 304 23.11 -3.77 28.53
N LYS B 305 21.81 -4.04 28.62
CA LYS B 305 21.32 -4.91 29.68
C LYS B 305 21.73 -6.33 29.42
N LEU B 306 21.71 -6.73 28.16
CA LEU B 306 22.08 -8.09 27.80
C LEU B 306 23.54 -8.32 28.08
N LYS B 307 24.36 -7.34 27.75
CA LYS B 307 25.80 -7.43 27.98
C LYS B 307 26.10 -7.80 29.41
N LYS B 308 25.46 -7.09 30.33
CA LYS B 308 25.71 -7.32 31.75
C LYS B 308 25.30 -8.72 32.13
N LEU B 309 24.20 -9.18 31.56
CA LEU B 309 23.69 -10.51 31.83
C LEU B 309 24.73 -11.56 31.49
N ILE B 310 25.40 -11.35 30.38
CA ILE B 310 26.37 -12.30 29.88
C ILE B 310 27.61 -12.30 30.74
N TYR B 311 27.95 -11.12 31.24
CA TYR B 311 29.16 -10.95 32.02
C TYR B 311 29.08 -11.68 33.35
N ARG B 312 27.87 -12.07 33.73
CA ARG B 312 27.65 -12.66 35.03
C ARG B 312 27.92 -14.15 35.06
N ILE B 313 28.08 -14.75 33.89
CA ILE B 313 28.28 -16.20 33.84
C ILE B 313 29.74 -16.58 33.87
N PHE B 314 30.62 -15.59 33.86
CA PHE B 314 32.04 -15.90 33.84
C PHE B 314 32.60 -16.03 35.24
N TYR B 315 31.78 -15.72 36.25
CA TYR B 315 32.16 -15.94 37.64
C TYR B 315 30.95 -15.86 38.53
N LEU C 2 13.81 10.47 -59.47
CA LEU C 2 12.47 10.89 -59.16
C LEU C 2 12.42 11.18 -57.68
N ARG C 3 12.82 10.20 -56.89
CA ARG C 3 12.83 10.37 -55.45
C ARG C 3 13.84 11.43 -55.09
N SER C 4 15.04 11.27 -55.63
CA SER C 4 16.12 12.20 -55.39
C SER C 4 15.77 13.59 -55.83
N SER C 5 14.91 13.69 -56.84
CA SER C 5 14.53 14.98 -57.37
C SER C 5 13.71 15.77 -56.38
N LEU C 6 13.31 15.14 -55.28
CA LEU C 6 12.46 15.80 -54.31
C LEU C 6 13.27 16.41 -53.19
N LEU C 7 14.55 16.09 -53.16
CA LEU C 7 15.43 16.57 -52.11
C LEU C 7 15.34 18.08 -51.87
N PRO C 8 15.31 18.90 -52.93
CA PRO C 8 15.19 20.33 -52.65
C PRO C 8 14.03 20.67 -51.75
N PHE C 9 12.92 19.97 -51.93
CA PHE C 9 11.73 20.26 -51.16
C PHE C 9 11.91 19.76 -49.75
N SER C 10 12.67 18.69 -49.59
CA SER C 10 12.90 18.13 -48.28
C SER C 10 13.69 19.10 -47.41
N TYR C 11 14.68 19.75 -48.02
CA TYR C 11 15.52 20.67 -47.28
C TYR C 11 14.68 21.84 -46.81
N LEU C 12 13.73 22.23 -47.63
CA LEU C 12 12.82 23.31 -47.29
C LEU C 12 11.90 22.85 -46.19
N TYR C 13 11.44 21.61 -46.31
CA TYR C 13 10.52 21.03 -45.35
C TYR C 13 11.15 20.91 -43.98
N GLU C 14 12.45 20.67 -43.95
CA GLU C 14 13.18 20.57 -42.69
C GLU C 14 13.06 21.86 -41.89
N LYS C 15 13.15 22.97 -42.59
CA LYS C 15 13.16 24.27 -41.94
C LYS C 15 11.82 24.56 -41.29
N ILE C 16 10.76 24.08 -41.91
CA ILE C 16 9.43 24.28 -41.38
C ILE C 16 9.22 23.48 -40.11
N ILE C 17 9.62 22.22 -40.16
CA ILE C 17 9.42 21.34 -39.02
C ILE C 17 10.23 21.80 -37.83
N ASN C 18 11.49 22.12 -38.07
CA ASN C 18 12.36 22.58 -37.00
C ASN C 18 11.81 23.84 -36.38
N PHE C 19 11.29 24.72 -37.22
CA PHE C 19 10.78 25.99 -36.75
C PHE C 19 9.56 25.77 -35.88
N ARG C 20 8.69 24.88 -36.32
CA ARG C 20 7.50 24.54 -35.58
C ARG C 20 7.88 23.97 -34.23
N ASN C 21 8.82 23.03 -34.24
CA ASN C 21 9.23 22.38 -33.02
C ASN C 21 9.84 23.33 -32.03
N THR C 22 10.58 24.31 -32.55
CA THR C 22 11.26 25.25 -31.69
C THR C 22 10.26 26.04 -30.86
N LEU C 23 9.16 26.41 -31.49
CA LEU C 23 8.12 27.16 -30.79
C LEU C 23 7.55 26.38 -29.63
N TYR C 24 7.35 25.09 -29.87
CA TYR C 24 6.84 24.24 -28.82
C TYR C 24 7.87 24.09 -27.72
N ASP C 25 9.12 24.00 -28.12
CA ASP C 25 10.20 23.82 -27.17
C ASP C 25 10.28 25.01 -26.23
N LYS C 26 10.11 26.20 -26.78
CA LYS C 26 10.32 27.42 -26.01
C LYS C 26 9.00 28.06 -25.60
N GLY C 27 7.95 27.25 -25.60
CA GLY C 27 6.66 27.66 -25.06
C GLY C 27 6.03 28.88 -25.72
N PHE C 28 6.28 29.06 -27.00
CA PHE C 28 5.68 30.19 -27.70
C PHE C 28 4.29 29.83 -28.17
N LEU C 29 4.04 28.54 -28.32
CA LEU C 29 2.72 28.06 -28.65
C LEU C 29 2.19 27.27 -27.46
N LYS C 30 0.87 27.24 -27.32
CA LYS C 30 0.27 26.67 -26.14
C LYS C 30 0.28 25.15 -26.15
N ILE C 31 0.65 24.57 -25.02
CA ILE C 31 0.53 23.13 -24.81
C ILE C 31 -0.52 22.86 -23.75
N LYS C 32 -1.61 22.24 -24.15
CA LYS C 32 -2.72 22.04 -23.23
C LYS C 32 -2.53 20.76 -22.42
N LYS C 33 -3.11 20.73 -21.23
CA LYS C 33 -2.92 19.61 -20.32
C LYS C 33 -4.22 19.05 -19.80
N LEU C 34 -4.35 17.73 -19.83
CA LEU C 34 -5.50 17.06 -19.26
C LEU C 34 -5.25 16.73 -17.80
N PRO C 35 -6.31 16.67 -16.99
CA PRO C 35 -6.18 16.39 -15.56
C PRO C 35 -5.77 14.95 -15.24
N VAL C 36 -5.85 14.08 -16.22
CA VAL C 36 -5.53 12.68 -16.00
C VAL C 36 -4.27 12.30 -16.77
N PRO C 37 -3.64 11.17 -16.41
CA PRO C 37 -2.42 10.73 -17.09
C PRO C 37 -2.61 10.45 -18.57
N VAL C 38 -1.55 10.65 -19.35
CA VAL C 38 -1.60 10.44 -20.79
C VAL C 38 -0.37 9.76 -21.33
N ILE C 39 -0.59 8.62 -21.98
CA ILE C 39 0.49 7.87 -22.61
C ILE C 39 0.45 8.04 -24.12
N SER C 40 1.61 8.10 -24.76
CA SER C 40 1.67 8.24 -26.20
C SER C 40 2.51 7.16 -26.87
N VAL C 41 2.08 6.72 -28.03
CA VAL C 41 2.83 5.74 -28.80
C VAL C 41 2.93 6.21 -30.25
N GLY C 42 4.13 6.19 -30.80
CA GLY C 42 4.33 6.62 -32.16
C GLY C 42 5.66 6.24 -32.78
N ASN C 43 5.93 6.79 -33.96
CA ASN C 43 7.20 6.59 -34.62
C ASN C 43 7.53 7.75 -35.55
N LEU C 44 8.72 7.74 -36.11
CA LEU C 44 9.21 8.86 -36.91
C LEU C 44 8.95 8.71 -38.39
N SER C 45 8.65 7.50 -38.83
CA SER C 45 8.59 7.23 -40.25
C SER C 45 7.19 6.90 -40.73
N VAL C 46 7.10 6.57 -42.01
CA VAL C 46 5.86 6.17 -42.63
C VAL C 46 6.03 4.73 -43.10
N GLY C 47 4.93 4.01 -43.26
CA GLY C 47 4.98 2.65 -43.72
C GLY C 47 4.86 1.67 -42.57
N GLY C 48 5.24 0.43 -42.82
CA GLY C 48 5.19 -0.60 -41.80
C GLY C 48 5.94 -0.17 -40.57
N SER C 49 5.26 -0.17 -39.43
CA SER C 49 5.86 0.34 -38.21
C SER C 49 5.80 -0.67 -37.08
N GLY C 50 4.67 -1.37 -37.01
CA GLY C 50 4.44 -2.30 -35.92
C GLY C 50 3.93 -1.59 -34.69
N LYS C 51 3.65 -0.30 -34.84
CA LYS C 51 3.20 0.51 -33.71
C LYS C 51 1.73 0.28 -33.41
N THR C 52 0.95 0.02 -34.45
CA THR C 52 -0.46 -0.21 -34.28
C THR C 52 -0.63 -1.46 -33.44
N SER C 53 0.30 -2.40 -33.61
CA SER C 53 0.24 -3.63 -32.88
C SER C 53 0.57 -3.42 -31.41
N PHE C 54 1.53 -2.54 -31.15
CA PHE C 54 2.04 -2.32 -29.80
C PHE C 54 0.96 -1.82 -28.87
N VAL C 55 0.14 -0.90 -29.36
CA VAL C 55 -0.90 -0.27 -28.56
C VAL C 55 -1.79 -1.31 -27.92
N MET C 56 -2.03 -2.38 -28.66
CA MET C 56 -2.83 -3.47 -28.13
C MET C 56 -2.10 -4.12 -26.96
N TYR C 57 -0.82 -4.40 -27.15
CA TYR C 57 0.00 -5.02 -26.11
C TYR C 57 0.02 -4.15 -24.87
N LEU C 58 0.12 -2.85 -25.09
CA LEU C 58 0.10 -1.90 -24.02
C LEU C 58 -1.20 -1.97 -23.27
N ALA C 59 -2.28 -2.11 -24.03
CA ALA C 59 -3.60 -2.15 -23.46
C ALA C 59 -3.78 -3.43 -22.68
N ASP C 60 -3.06 -4.46 -23.10
CA ASP C 60 -3.19 -5.75 -22.47
C ASP C 60 -2.55 -5.74 -21.11
N LEU C 61 -1.63 -4.81 -20.91
CA LEU C 61 -0.96 -4.71 -19.63
C LEU C 61 -1.80 -3.95 -18.63
N LEU C 62 -2.74 -3.16 -19.13
CA LEU C 62 -3.54 -2.32 -18.27
C LEU C 62 -4.95 -2.85 -18.15
N LYS C 63 -5.08 -4.18 -18.08
CA LYS C 63 -6.37 -4.83 -17.98
C LYS C 63 -7.14 -4.37 -16.77
N ASP C 64 -6.43 -4.06 -15.69
CA ASP C 64 -7.08 -3.78 -14.42
C ASP C 64 -7.58 -2.34 -14.27
N LYS C 65 -7.39 -1.53 -15.31
CA LYS C 65 -7.80 -0.14 -15.21
C LYS C 65 -8.70 0.26 -16.36
N ARG C 66 -9.25 1.45 -16.28
CA ARG C 66 -10.13 1.96 -17.31
C ARG C 66 -9.35 2.73 -18.36
N VAL C 67 -9.21 2.14 -19.54
CA VAL C 67 -8.38 2.71 -20.60
C VAL C 67 -9.21 3.31 -21.72
N CYS C 68 -8.77 4.46 -22.22
CA CYS C 68 -9.43 5.10 -23.36
C CYS C 68 -8.42 5.59 -24.39
N ILE C 69 -8.63 5.21 -25.64
CA ILE C 69 -7.76 5.63 -26.73
C ILE C 69 -8.22 6.95 -27.33
N LEU C 70 -7.29 7.87 -27.55
CA LEU C 70 -7.63 9.04 -28.32
C LEU C 70 -7.10 8.88 -29.72
N SER C 71 -7.87 8.25 -30.59
CA SER C 71 -7.34 7.95 -31.91
C SER C 71 -7.40 9.13 -32.85
N ARG C 72 -6.93 8.90 -34.06
CA ARG C 72 -6.81 9.95 -35.06
C ARG C 72 -8.06 10.01 -35.92
N GLY C 73 -8.35 8.91 -36.61
CA GLY C 73 -9.48 8.87 -37.51
C GLY C 73 -9.25 9.86 -38.62
N TYR C 74 -8.16 9.67 -39.35
CA TYR C 74 -7.76 10.61 -40.38
C TYR C 74 -8.84 10.78 -41.44
N LYS C 75 -9.44 9.68 -41.85
CA LYS C 75 -10.48 9.72 -42.87
C LYS C 75 -11.79 9.20 -42.32
N ARG C 76 -12.75 10.11 -42.15
CA ARG C 76 -14.09 9.70 -41.74
C ARG C 76 -15.15 10.58 -42.39
N LYS C 77 -16.38 10.07 -42.39
CA LYS C 77 -17.48 10.77 -43.04
C LYS C 77 -17.75 12.08 -42.32
N SER C 78 -17.56 12.09 -41.01
CA SER C 78 -17.80 13.29 -40.22
C SER C 78 -16.48 13.95 -39.85
N LYS C 79 -16.58 14.97 -39.00
CA LYS C 79 -15.40 15.67 -38.54
C LYS C 79 -15.68 16.30 -37.19
N GLY C 80 -14.64 16.48 -36.40
CA GLY C 80 -14.77 17.01 -35.06
C GLY C 80 -14.48 15.93 -34.03
N THR C 81 -15.33 15.82 -33.04
CA THR C 81 -15.15 14.81 -32.00
C THR C 81 -16.19 13.73 -32.11
N LEU C 82 -15.81 12.49 -31.83
CA LEU C 82 -16.69 11.37 -32.05
C LEU C 82 -16.39 10.18 -31.17
N ILE C 83 -17.40 9.71 -30.45
CA ILE C 83 -17.25 8.51 -29.64
C ILE C 83 -17.50 7.25 -30.46
N VAL C 84 -16.46 6.46 -30.64
CA VAL C 84 -16.57 5.28 -31.47
C VAL C 84 -16.94 4.05 -30.67
N SER C 85 -16.37 3.94 -29.48
CA SER C 85 -16.60 2.77 -28.64
C SER C 85 -16.61 3.15 -27.17
N GLU C 86 -17.63 2.72 -26.45
CA GLU C 86 -17.74 3.03 -25.05
C GLU C 86 -17.48 1.79 -24.21
N TYR C 87 -16.20 1.57 -23.90
CA TYR C 87 -15.78 0.45 -23.08
C TYR C 87 -16.25 -0.88 -23.64
N GLY C 88 -15.90 -1.15 -24.89
CA GLY C 88 -16.21 -2.43 -25.51
C GLY C 88 -17.41 -2.42 -26.41
N ASN C 89 -18.42 -1.63 -26.03
CA ASN C 89 -19.64 -1.57 -26.80
C ASN C 89 -19.50 -0.63 -27.99
N LEU C 90 -19.52 -1.19 -29.19
CA LEU C 90 -19.48 -0.39 -30.40
C LEU C 90 -20.74 0.43 -30.54
N LYS C 91 -20.59 1.75 -30.66
CA LYS C 91 -21.74 2.63 -30.70
C LYS C 91 -22.05 3.12 -32.12
N VAL C 92 -21.11 2.89 -33.03
CA VAL C 92 -21.25 3.34 -34.40
C VAL C 92 -20.66 2.33 -35.38
N SER C 93 -20.87 2.57 -36.66
CA SER C 93 -20.39 1.68 -37.70
C SER C 93 -19.00 2.11 -38.15
N TRP C 94 -18.37 1.28 -38.98
CA TRP C 94 -17.04 1.59 -39.48
C TRP C 94 -17.10 2.70 -40.51
N GLU C 95 -18.25 2.84 -41.16
CA GLU C 95 -18.44 3.90 -42.15
C GLU C 95 -18.45 5.27 -41.49
N GLU C 96 -19.04 5.33 -40.30
CA GLU C 96 -19.21 6.60 -39.61
C GLU C 96 -17.95 6.97 -38.83
N ALA C 97 -17.29 5.96 -38.28
CA ALA C 97 -16.17 6.19 -37.39
C ALA C 97 -14.84 6.28 -38.14
N GLY C 98 -14.75 5.58 -39.26
CA GLY C 98 -13.51 5.49 -39.99
C GLY C 98 -12.93 4.11 -39.82
N ASP C 99 -11.89 3.79 -40.58
CA ASP C 99 -11.33 2.45 -40.54
C ASP C 99 -10.40 2.25 -39.36
N GLU C 100 -9.65 3.29 -39.03
CA GLU C 100 -8.65 3.18 -37.98
C GLU C 100 -9.29 2.95 -36.61
N PRO C 101 -10.22 3.83 -36.20
CA PRO C 101 -10.68 3.67 -34.80
C PRO C 101 -11.49 2.40 -34.54
N TYR C 102 -12.35 2.03 -35.50
CA TYR C 102 -13.28 0.94 -35.30
C TYR C 102 -12.58 -0.39 -35.05
N LEU C 103 -11.60 -0.69 -35.90
CA LEU C 103 -10.94 -1.98 -35.86
C LEU C 103 -10.33 -2.26 -34.50
N MET C 104 -9.71 -1.24 -33.93
CA MET C 104 -9.01 -1.41 -32.67
C MET C 104 -10.00 -1.74 -31.56
N ALA C 105 -11.19 -1.17 -31.62
CA ALA C 105 -12.20 -1.46 -30.62
C ALA C 105 -12.56 -2.93 -30.66
N LYS C 106 -12.57 -3.50 -31.86
CA LYS C 106 -12.93 -4.89 -31.99
C LYS C 106 -11.79 -5.78 -31.55
N LEU C 107 -10.57 -5.36 -31.82
CA LEU C 107 -9.42 -6.12 -31.38
C LEU C 107 -9.24 -6.00 -29.87
N LEU C 108 -9.83 -4.95 -29.32
CA LEU C 108 -9.78 -4.70 -27.88
C LEU C 108 -11.17 -4.58 -27.30
N PRO C 109 -11.85 -5.73 -27.12
CA PRO C 109 -13.27 -5.77 -26.74
C PRO C 109 -13.55 -5.19 -25.36
N HIS C 110 -12.51 -4.82 -24.62
CA HIS C 110 -12.72 -4.25 -23.31
C HIS C 110 -12.16 -2.84 -23.23
N VAL C 111 -12.02 -2.19 -24.38
CA VAL C 111 -11.37 -0.89 -24.40
C VAL C 111 -12.13 0.14 -25.23
N SER C 112 -12.07 1.39 -24.80
CA SER C 112 -12.75 2.50 -25.46
C SER C 112 -11.93 3.12 -26.58
N VAL C 113 -12.62 3.86 -27.45
CA VAL C 113 -11.99 4.51 -28.59
C VAL C 113 -12.59 5.89 -28.85
N VAL C 114 -11.74 6.90 -29.04
CA VAL C 114 -12.21 8.25 -29.33
C VAL C 114 -11.46 8.87 -30.51
N ALA C 115 -12.19 9.17 -31.58
CA ALA C 115 -11.58 9.73 -32.78
C ALA C 115 -11.72 11.24 -32.80
N SER C 116 -10.61 11.94 -33.00
CA SER C 116 -10.62 13.39 -33.00
C SER C 116 -9.34 13.97 -33.57
N GLU C 117 -9.50 14.91 -34.50
CA GLU C 117 -8.36 15.62 -35.06
C GLU C 117 -7.66 16.39 -33.96
N ASP C 118 -8.45 17.13 -33.19
CA ASP C 118 -7.92 17.77 -32.00
C ASP C 118 -8.11 16.81 -30.85
N ARG C 119 -7.01 16.38 -30.26
CA ARG C 119 -7.08 15.34 -29.25
C ARG C 119 -7.51 15.87 -27.90
N TYR C 120 -7.21 17.14 -27.64
CA TYR C 120 -7.54 17.72 -26.35
C TYR C 120 -9.03 17.70 -26.13
N LYS C 121 -9.76 18.14 -27.15
CA LYS C 121 -11.21 18.14 -27.12
C LYS C 121 -11.74 16.73 -26.94
N GLY C 122 -11.14 15.78 -27.65
CA GLY C 122 -11.52 14.39 -27.52
C GLY C 122 -11.32 13.93 -26.09
N GLY C 123 -10.32 14.49 -25.44
CA GLY C 123 -10.01 14.15 -24.07
C GLY C 123 -11.07 14.69 -23.13
N LEU C 124 -11.47 15.93 -23.35
CA LEU C 124 -12.49 16.55 -22.52
C LEU C 124 -13.76 15.73 -22.55
N LEU C 125 -14.19 15.36 -23.75
CA LEU C 125 -15.41 14.59 -23.92
C LEU C 125 -15.36 13.29 -23.15
N ALA C 126 -14.18 12.70 -23.10
CA ALA C 126 -14.00 11.44 -22.39
C ALA C 126 -14.14 11.66 -20.90
N LEU C 127 -13.51 12.71 -20.41
CA LEU C 127 -13.51 13.02 -18.99
C LEU C 127 -14.89 13.33 -18.48
N GLU C 128 -15.68 13.97 -19.33
CA GLU C 128 -17.02 14.37 -18.97
C GLU C 128 -17.95 13.17 -18.92
N LYS C 129 -17.88 12.33 -19.93
CA LYS C 129 -18.82 11.22 -20.06
C LYS C 129 -18.26 9.90 -19.54
N LEU C 130 -17.05 9.55 -19.97
CA LEU C 130 -16.50 8.23 -19.71
C LEU C 130 -15.74 8.14 -18.41
N SER C 131 -15.18 9.27 -17.97
CA SER C 131 -14.34 9.34 -16.78
C SER C 131 -13.30 8.22 -16.69
N PRO C 132 -12.36 8.19 -17.65
CA PRO C 132 -11.36 7.13 -17.71
C PRO C 132 -10.20 7.37 -16.75
N GLU C 133 -9.29 6.42 -16.66
CA GLU C 133 -8.15 6.56 -15.75
C GLU C 133 -6.86 6.87 -16.47
N VAL C 134 -6.79 6.50 -17.75
CA VAL C 134 -5.58 6.70 -18.52
C VAL C 134 -5.89 6.79 -20.01
N PHE C 135 -5.15 7.63 -20.71
CA PHE C 135 -5.29 7.77 -22.14
C PHE C 135 -4.13 7.16 -22.89
N ILE C 136 -4.41 6.66 -24.09
CA ILE C 136 -3.36 6.14 -24.94
C ILE C 136 -3.46 6.72 -26.33
N LEU C 137 -2.43 7.43 -26.75
CA LEU C 137 -2.43 8.01 -28.07
C LEU C 137 -1.73 7.12 -29.07
N ASP C 138 -2.48 6.54 -29.99
CA ASP C 138 -1.84 5.82 -31.08
C ASP C 138 -1.51 6.80 -32.18
N ASP C 139 -0.26 6.79 -32.63
CA ASP C 139 0.22 7.72 -33.64
C ASP C 139 0.06 9.15 -33.15
N GLY C 140 0.62 9.44 -31.98
CA GLY C 140 0.42 10.74 -31.38
C GLY C 140 1.73 11.36 -30.95
N PHE C 141 2.81 10.88 -31.54
CA PHE C 141 4.13 11.38 -31.19
C PHE C 141 4.33 12.78 -31.71
N GLN C 142 3.69 13.08 -32.83
CA GLN C 142 3.85 14.38 -33.44
C GLN C 142 2.90 15.41 -32.86
N HIS C 143 1.76 14.93 -32.35
CA HIS C 143 0.76 15.81 -31.81
C HIS C 143 1.22 16.37 -30.47
N ARG C 144 2.03 17.40 -30.51
CA ARG C 144 2.61 17.92 -29.28
C ARG C 144 1.74 18.92 -28.56
N LYS C 145 0.60 19.26 -29.16
CA LYS C 145 -0.28 20.24 -28.54
C LYS C 145 -0.84 19.67 -27.26
N LEU C 146 -1.02 18.34 -27.26
CA LEU C 146 -1.52 17.64 -26.09
C LEU C 146 -0.39 17.07 -25.26
N HIS C 147 -0.37 17.43 -23.98
CA HIS C 147 0.66 16.96 -23.06
C HIS C 147 0.61 15.45 -22.90
N ARG C 148 1.75 14.84 -22.65
CA ARG C 148 1.78 13.41 -22.38
C ARG C 148 2.84 13.12 -21.34
N ASP C 149 2.49 12.28 -20.38
CA ASP C 149 3.38 12.02 -19.26
C ASP C 149 4.42 10.99 -19.63
N LEU C 150 4.02 10.03 -20.45
CA LEU C 150 4.94 9.00 -20.88
C LEU C 150 4.93 8.90 -22.37
N ASN C 151 5.94 9.50 -23.00
CA ASN C 151 5.97 9.56 -24.44
C ASN C 151 6.81 8.46 -25.05
N ILE C 152 6.16 7.37 -25.40
CA ILE C 152 6.87 6.22 -25.93
C ILE C 152 7.09 6.34 -27.42
N LEU C 153 8.27 5.96 -27.87
CA LEU C 153 8.64 6.06 -29.27
C LEU C 153 9.18 4.75 -29.82
N LEU C 154 8.77 4.38 -31.03
CA LEU C 154 9.26 3.15 -31.64
C LEU C 154 10.21 3.46 -32.77
N LEU C 155 11.18 2.58 -32.99
CA LEU C 155 12.18 2.81 -34.01
C LEU C 155 12.61 1.52 -34.66
N LYS C 156 12.82 1.57 -35.97
CA LYS C 156 13.39 0.46 -36.69
C LYS C 156 14.64 0.92 -37.38
N LYS C 157 15.52 -0.01 -37.71
CA LYS C 157 16.81 0.34 -38.26
C LYS C 157 16.68 1.15 -39.55
N LYS C 158 15.63 0.87 -40.31
CA LYS C 158 15.40 1.61 -41.55
C LYS C 158 15.30 3.10 -41.29
N ASP C 159 14.68 3.46 -40.17
CA ASP C 159 14.52 4.86 -39.83
C ASP C 159 15.87 5.53 -39.70
N LEU C 160 16.87 4.77 -39.28
CA LEU C 160 18.19 5.32 -39.08
C LEU C 160 18.86 5.63 -40.41
N LYS C 161 18.47 4.91 -41.46
CA LYS C 161 19.07 5.10 -42.76
C LYS C 161 18.14 5.83 -43.71
N ASP C 162 17.44 6.84 -43.22
CA ASP C 162 16.42 7.49 -44.05
C ASP C 162 16.51 9.01 -44.02
N ARG C 163 15.81 9.64 -44.96
CA ARG C 163 15.83 11.08 -45.10
C ARG C 163 14.40 11.59 -44.99
N LEU C 164 14.22 12.89 -44.82
CA LEU C 164 12.89 13.48 -44.66
C LEU C 164 11.97 13.29 -45.85
N LEU C 165 10.69 13.54 -45.62
CA LEU C 165 9.72 13.64 -46.68
C LEU C 165 10.01 14.92 -47.45
N PRO C 166 9.55 14.99 -48.70
CA PRO C 166 8.82 13.97 -49.46
C PRO C 166 9.75 12.99 -50.16
N ALA C 167 11.04 13.16 -50.00
CA ALA C 167 12.00 12.25 -50.60
C ALA C 167 11.95 10.92 -49.88
N GLY C 168 12.41 10.94 -48.64
CA GLY C 168 12.45 9.76 -47.83
C GLY C 168 11.12 9.46 -47.17
N ASN C 169 11.18 8.95 -45.94
CA ASN C 169 9.98 8.50 -45.25
C ASN C 169 9.78 9.13 -43.89
N LEU C 170 10.78 9.84 -43.40
CA LEU C 170 10.70 10.42 -42.08
C LEU C 170 9.75 11.58 -42.02
N ARG C 171 9.03 11.72 -40.93
CA ARG C 171 8.13 12.85 -40.76
C ARG C 171 8.77 13.93 -39.92
N GLU C 172 9.82 13.56 -39.17
CA GLU C 172 10.59 14.50 -38.37
C GLU C 172 12.05 14.10 -38.37
N PRO C 173 12.96 15.06 -38.12
CA PRO C 173 14.38 14.74 -38.08
C PRO C 173 14.71 13.79 -36.95
N LEU C 174 15.80 13.05 -37.07
CA LEU C 174 16.18 12.11 -36.04
C LEU C 174 16.55 12.82 -34.76
N LYS C 175 16.81 14.12 -34.85
CA LYS C 175 17.26 14.86 -33.69
C LYS C 175 16.15 14.98 -32.67
N GLU C 176 14.93 14.76 -33.12
CA GLU C 176 13.78 14.91 -32.25
C GLU C 176 13.57 13.69 -31.39
N ILE C 177 14.43 12.70 -31.53
CA ILE C 177 14.39 11.51 -30.70
C ILE C 177 14.51 11.91 -29.25
N ARG C 178 15.18 13.03 -29.02
CA ARG C 178 15.38 13.56 -27.68
C ARG C 178 14.09 13.72 -26.88
N ARG C 179 12.98 13.93 -27.57
CA ARG C 179 11.72 14.20 -26.89
C ARG C 179 11.15 12.96 -26.23
N ALA C 180 11.52 11.80 -26.73
CA ALA C 180 10.95 10.55 -26.25
C ALA C 180 11.35 10.31 -24.81
N ASP C 181 10.48 9.67 -24.04
CA ASP C 181 10.81 9.34 -22.68
C ASP C 181 11.26 7.90 -22.57
N ALA C 182 10.90 7.09 -23.54
CA ALA C 182 11.27 5.69 -23.54
C ALA C 182 11.27 5.16 -24.97
N LEU C 183 12.13 4.19 -25.24
CA LEU C 183 12.32 3.71 -26.60
C LEU C 183 11.99 2.25 -26.77
N VAL C 184 11.53 1.90 -27.96
CA VAL C 184 11.20 0.53 -28.29
C VAL C 184 11.78 0.13 -29.63
N LEU C 185 12.84 -0.66 -29.61
CA LEU C 185 13.50 -1.04 -30.84
C LEU C 185 12.74 -2.15 -31.53
N THR C 186 12.13 -1.82 -32.65
CA THR C 186 11.23 -2.74 -33.30
C THR C 186 11.89 -3.57 -34.39
N TYR C 187 11.13 -4.53 -34.91
CA TYR C 187 11.58 -5.38 -36.00
C TYR C 187 12.90 -6.05 -35.69
N GLN C 188 13.01 -6.64 -34.51
CA GLN C 188 14.21 -7.34 -34.14
C GLN C 188 14.26 -8.71 -34.80
N GLU C 189 13.09 -9.23 -35.14
CA GLU C 189 12.99 -10.58 -35.66
C GLU C 189 13.49 -10.65 -37.09
N VAL C 190 13.58 -9.50 -37.74
CA VAL C 190 14.05 -9.46 -39.12
C VAL C 190 15.30 -8.60 -39.26
N GLU C 191 15.32 -7.47 -38.56
CA GLU C 191 16.46 -6.56 -38.61
C GLU C 191 16.95 -6.20 -37.23
N PRO C 192 17.75 -7.07 -36.62
CA PRO C 192 18.27 -6.80 -35.27
C PRO C 192 19.21 -5.62 -35.26
N PHE C 193 19.15 -4.82 -34.21
CA PHE C 193 20.07 -3.70 -34.06
C PHE C 193 20.01 -3.16 -32.65
N GLU C 194 21.00 -2.36 -32.29
CA GLU C 194 21.06 -1.80 -30.95
C GLU C 194 21.13 -0.29 -30.99
N PHE C 195 20.78 0.32 -29.88
CA PHE C 195 20.61 1.75 -29.83
C PHE C 195 20.71 2.19 -28.38
N PHE C 196 21.69 3.03 -28.07
CA PHE C 196 21.94 3.39 -26.69
C PHE C 196 21.87 4.89 -26.48
N THR C 197 20.95 5.35 -25.66
CA THR C 197 20.77 6.77 -25.42
C THR C 197 20.85 7.14 -23.96
N GLY C 198 20.62 6.16 -23.10
CA GLY C 198 20.58 6.43 -21.68
C GLY C 198 19.14 6.44 -21.21
N LYS C 199 18.22 6.50 -22.16
CA LYS C 199 16.81 6.42 -21.86
C LYS C 199 16.42 4.96 -21.71
N PRO C 200 15.29 4.70 -21.04
CA PRO C 200 14.80 3.33 -20.99
C PRO C 200 14.65 2.77 -22.38
N THR C 201 14.95 1.49 -22.56
CA THR C 201 14.96 0.93 -23.89
C THR C 201 14.46 -0.52 -23.84
N PHE C 202 13.70 -0.92 -24.85
CA PHE C 202 13.16 -2.26 -24.88
C PHE C 202 13.20 -2.88 -26.27
N LYS C 203 13.77 -4.06 -26.35
CA LYS C 203 13.83 -4.79 -27.60
C LYS C 203 12.50 -5.47 -27.86
N MET C 204 11.99 -5.35 -29.08
CA MET C 204 10.69 -5.90 -29.39
C MET C 204 10.71 -6.87 -30.56
N PHE C 205 10.16 -8.06 -30.34
CA PHE C 205 10.03 -9.07 -31.37
C PHE C 205 8.58 -9.30 -31.71
N ARG C 206 8.31 -9.73 -32.93
CA ARG C 206 6.95 -10.08 -33.32
C ARG C 206 6.89 -11.49 -33.88
N GLU C 207 5.92 -12.27 -33.44
CA GLU C 207 5.80 -13.64 -33.88
C GLU C 207 4.35 -14.01 -34.19
N PHE C 208 4.17 -14.77 -35.25
CA PHE C 208 2.85 -15.21 -35.67
C PHE C 208 2.29 -16.22 -34.69
N CYS C 209 1.10 -15.94 -34.20
CA CYS C 209 0.49 -16.78 -33.17
C CYS C 209 -0.71 -17.54 -33.68
N CYS C 210 -1.67 -16.84 -34.27
CA CYS C 210 -2.92 -17.48 -34.64
C CYS C 210 -3.73 -16.66 -35.63
N LEU C 211 -4.98 -17.08 -35.85
CA LEU C 211 -5.90 -16.39 -36.72
C LEU C 211 -7.03 -15.76 -35.92
N LEU C 212 -7.71 -14.80 -36.54
CA LEU C 212 -8.84 -14.15 -35.92
C LEU C 212 -10.03 -14.22 -36.84
N ASN C 213 -11.13 -14.80 -36.38
CA ASN C 213 -12.32 -14.88 -37.21
C ASN C 213 -13.10 -13.58 -37.19
N SER C 214 -14.25 -13.59 -37.86
CA SER C 214 -15.07 -12.39 -38.00
C SER C 214 -15.66 -11.94 -36.68
N ASP C 215 -15.64 -12.83 -35.70
CA ASP C 215 -16.14 -12.51 -34.37
C ASP C 215 -15.01 -12.05 -33.46
N PHE C 216 -13.83 -11.89 -34.06
CA PHE C 216 -12.65 -11.45 -33.34
C PHE C 216 -12.33 -12.39 -32.19
N GLU C 217 -12.41 -13.68 -32.46
CA GLU C 217 -12.00 -14.68 -31.49
C GLU C 217 -10.82 -15.46 -32.04
N GLU C 218 -9.78 -15.60 -31.24
CA GLU C 218 -8.59 -16.32 -31.66
C GLU C 218 -8.88 -17.78 -31.88
N VAL C 219 -8.37 -18.32 -32.96
CA VAL C 219 -8.55 -19.73 -33.28
C VAL C 219 -7.22 -20.31 -33.75
N PRO C 220 -6.96 -21.60 -33.45
CA PRO C 220 -5.72 -22.26 -33.84
C PRO C 220 -5.47 -22.23 -35.33
N PHE C 221 -4.21 -22.40 -35.74
CA PHE C 221 -3.87 -22.38 -37.16
C PHE C 221 -3.84 -23.80 -37.72
N ASP C 222 -4.27 -24.77 -36.92
CA ASP C 222 -4.23 -26.16 -37.32
C ASP C 222 -5.14 -26.46 -38.51
N ILE C 223 -6.15 -25.61 -38.72
CA ILE C 223 -7.09 -25.82 -39.81
C ILE C 223 -6.39 -25.68 -41.15
N LEU C 224 -5.20 -25.11 -41.14
CA LEU C 224 -4.39 -25.06 -42.34
C LEU C 224 -3.48 -26.28 -42.43
N LYS C 225 -2.41 -26.18 -43.20
CA LYS C 225 -1.37 -27.21 -43.30
C LYS C 225 -1.54 -28.26 -44.39
N GLU C 226 -2.70 -28.26 -45.02
CA GLU C 226 -2.92 -29.08 -46.21
C GLU C 226 -4.15 -28.60 -46.96
N ARG C 227 -4.38 -27.30 -46.89
CA ARG C 227 -5.47 -26.68 -47.61
C ARG C 227 -5.07 -25.27 -47.96
N GLU C 228 -5.17 -24.92 -49.24
CA GLU C 228 -4.80 -23.59 -49.70
C GLU C 228 -5.92 -22.62 -49.37
N VAL C 229 -5.56 -21.35 -49.22
CA VAL C 229 -6.56 -20.34 -48.88
C VAL C 229 -6.61 -19.25 -49.93
N ILE C 230 -7.71 -18.51 -49.93
CA ILE C 230 -7.91 -17.42 -50.87
C ILE C 230 -7.70 -16.07 -50.21
N ALA C 231 -6.52 -15.50 -50.40
CA ALA C 231 -6.21 -14.20 -49.83
C ALA C 231 -6.86 -13.10 -50.63
N PHE C 232 -7.10 -11.96 -50.00
CA PHE C 232 -7.69 -10.81 -50.69
C PHE C 232 -7.45 -9.51 -49.93
N SER C 233 -7.24 -8.42 -50.68
CA SER C 233 -6.92 -7.13 -50.10
C SER C 233 -7.73 -6.03 -50.76
N GLY C 234 -8.27 -5.13 -49.94
CA GLY C 234 -9.18 -4.11 -50.42
C GLY C 234 -8.49 -2.93 -51.07
N LEU C 235 -7.17 -2.89 -50.99
CA LEU C 235 -6.45 -1.76 -51.55
C LEU C 235 -5.05 -2.14 -51.98
N GLY C 236 -4.17 -1.15 -52.07
CA GLY C 236 -2.83 -1.36 -52.56
C GLY C 236 -1.84 -1.86 -51.51
N ASP C 237 -2.34 -2.54 -50.49
CA ASP C 237 -1.47 -3.11 -49.47
C ASP C 237 -1.04 -4.50 -49.87
N ASN C 238 -1.65 -5.00 -50.93
CA ASN C 238 -1.50 -6.40 -51.31
C ASN C 238 -0.06 -6.83 -51.51
N GLY C 239 0.72 -5.98 -52.15
CA GLY C 239 2.09 -6.33 -52.47
C GLY C 239 2.87 -6.65 -51.22
N GLN C 240 2.61 -5.87 -50.18
CA GLN C 240 3.30 -6.05 -48.92
C GLN C 240 2.71 -7.26 -48.19
N PHE C 241 1.39 -7.36 -48.23
CA PHE C 241 0.69 -8.44 -47.53
C PHE C 241 1.09 -9.78 -48.11
N ARG C 242 1.19 -9.85 -49.42
CA ARG C 242 1.54 -11.10 -50.08
C ARG C 242 2.94 -11.55 -49.69
N LYS C 243 3.85 -10.59 -49.57
CA LYS C 243 5.22 -10.88 -49.19
C LYS C 243 5.25 -11.54 -47.83
N VAL C 244 4.43 -11.03 -46.93
CA VAL C 244 4.35 -11.57 -45.58
C VAL C 244 3.88 -13.01 -45.60
N LEU C 245 2.82 -13.26 -46.36
CA LEU C 245 2.26 -14.60 -46.43
C LEU C 245 3.31 -15.63 -46.85
N LYS C 246 4.25 -15.22 -47.69
CA LYS C 246 5.25 -16.12 -48.17
C LYS C 246 6.19 -16.52 -47.05
N ASN C 247 6.55 -15.56 -46.22
CA ASN C 247 7.49 -15.79 -45.13
C ASN C 247 6.92 -16.77 -44.12
N LEU C 248 5.62 -16.68 -43.90
CA LEU C 248 4.97 -17.57 -42.97
C LEU C 248 4.90 -18.97 -43.56
N GLY C 249 4.92 -19.05 -44.88
CA GLY C 249 4.92 -20.33 -45.56
C GLY C 249 3.52 -20.84 -45.83
N ILE C 250 2.57 -19.92 -45.96
CA ILE C 250 1.19 -20.30 -46.26
C ILE C 250 0.92 -20.21 -47.76
N LYS C 251 0.37 -21.27 -48.32
CA LYS C 251 0.08 -21.33 -49.74
C LYS C 251 -1.31 -20.80 -50.06
N VAL C 252 -1.37 -19.83 -50.96
CA VAL C 252 -2.64 -19.27 -51.38
C VAL C 252 -3.00 -19.76 -52.77
N LYS C 253 -4.25 -20.19 -52.93
CA LYS C 253 -4.66 -20.76 -54.20
C LYS C 253 -4.98 -19.68 -55.23
N GLU C 254 -5.43 -18.52 -54.76
CA GLU C 254 -5.64 -17.37 -55.65
C GLU C 254 -5.74 -16.08 -54.84
N PHE C 255 -5.34 -14.98 -55.44
CA PHE C 255 -5.36 -13.69 -54.77
C PHE C 255 -6.33 -12.77 -55.47
N MET C 256 -6.86 -11.79 -54.74
CA MET C 256 -7.82 -10.86 -55.33
C MET C 256 -7.59 -9.44 -54.82
N SER C 257 -7.42 -8.50 -55.74
CA SER C 257 -7.26 -7.11 -55.37
C SER C 257 -8.49 -6.30 -55.77
N PHE C 258 -8.90 -5.39 -54.90
CA PHE C 258 -10.07 -4.55 -55.13
C PHE C 258 -9.71 -3.08 -55.11
N PRO C 259 -10.56 -2.23 -55.69
CA PRO C 259 -10.32 -0.78 -55.61
C PRO C 259 -10.25 -0.33 -54.16
N ASP C 260 -9.48 0.73 -53.91
CA ASP C 260 -9.31 1.25 -52.56
C ASP C 260 -10.65 1.63 -51.93
N HIS C 261 -11.61 1.99 -52.77
CA HIS C 261 -12.90 2.49 -52.31
C HIS C 261 -13.99 1.41 -52.35
N TYR C 262 -13.58 0.16 -52.61
CA TYR C 262 -14.53 -0.94 -52.76
C TYR C 262 -15.35 -1.17 -51.51
N ASP C 263 -16.67 -1.19 -51.66
CA ASP C 263 -17.58 -1.26 -50.52
C ASP C 263 -18.18 -2.66 -50.34
N TYR C 264 -17.69 -3.61 -51.12
CA TYR C 264 -18.12 -5.01 -51.01
C TYR C 264 -19.61 -5.21 -51.18
N SER C 265 -20.14 -4.64 -52.27
CA SER C 265 -21.53 -4.83 -52.62
C SER C 265 -21.71 -6.15 -53.36
N ASP C 266 -20.72 -6.52 -54.16
CA ASP C 266 -20.81 -7.70 -55.01
C ASP C 266 -20.06 -8.91 -54.47
N PHE C 267 -19.68 -8.86 -53.19
CA PHE C 267 -18.88 -9.92 -52.61
C PHE C 267 -19.70 -11.17 -52.31
N THR C 268 -19.21 -12.32 -52.77
CA THR C 268 -19.92 -13.58 -52.63
C THR C 268 -18.97 -14.74 -52.34
N PRO C 269 -18.83 -15.11 -51.06
CA PRO C 269 -17.94 -16.19 -50.65
C PRO C 269 -18.42 -17.55 -51.14
N GLU C 270 -17.58 -18.25 -51.88
CA GLU C 270 -17.91 -19.59 -52.32
C GLU C 270 -17.88 -20.54 -51.14
N GLU C 271 -18.72 -21.57 -51.17
CA GLU C 271 -18.75 -22.57 -50.11
C GLU C 271 -17.54 -23.47 -50.19
N GLY C 272 -17.06 -23.91 -49.03
CA GLY C 272 -15.97 -24.86 -48.97
C GLY C 272 -14.62 -24.27 -49.33
N GLU C 273 -14.38 -23.03 -48.89
CA GLU C 273 -13.12 -22.35 -49.12
C GLU C 273 -12.78 -21.43 -47.96
N ILE C 274 -11.51 -21.42 -47.57
CA ILE C 274 -11.04 -20.57 -46.49
C ILE C 274 -10.58 -19.25 -47.07
N TYR C 275 -10.77 -18.17 -46.32
CA TYR C 275 -10.40 -16.86 -46.82
C TYR C 275 -9.56 -16.08 -45.81
N LEU C 276 -8.56 -15.37 -46.32
CA LEU C 276 -7.72 -14.48 -45.50
C LEU C 276 -7.77 -13.05 -45.99
N THR C 277 -7.53 -12.13 -45.07
CA THR C 277 -7.47 -10.71 -45.42
C THR C 277 -6.76 -9.93 -44.34
N THR C 278 -6.73 -8.61 -44.51
CA THR C 278 -6.13 -7.76 -43.50
C THR C 278 -7.18 -7.42 -42.46
N PRO C 279 -6.73 -7.13 -41.23
CA PRO C 279 -7.64 -6.69 -40.18
C PRO C 279 -8.49 -5.50 -40.59
N LYS C 280 -7.94 -4.60 -41.40
CA LYS C 280 -8.64 -3.39 -41.76
C LYS C 280 -9.88 -3.69 -42.58
N ASP C 281 -9.85 -4.81 -43.30
CA ASP C 281 -10.96 -5.16 -44.18
C ASP C 281 -11.93 -6.12 -43.52
N LEU C 282 -11.45 -6.85 -42.53
CA LEU C 282 -12.27 -7.86 -41.87
C LEU C 282 -13.48 -7.25 -41.19
N ILE C 283 -13.35 -6.02 -40.73
CA ILE C 283 -14.43 -5.36 -40.01
C ILE C 283 -15.66 -5.14 -40.88
N LYS C 284 -15.46 -5.12 -42.19
CA LYS C 284 -16.56 -4.88 -43.11
C LYS C 284 -17.27 -6.17 -43.49
N LEU C 285 -16.66 -7.30 -43.13
CA LEU C 285 -17.22 -8.60 -43.47
C LEU C 285 -17.67 -9.34 -42.23
N GLN C 286 -18.32 -8.63 -41.32
CA GLN C 286 -18.82 -9.26 -40.11
C GLN C 286 -20.09 -10.06 -40.41
N GLY C 287 -20.09 -11.31 -39.97
CA GLY C 287 -21.22 -12.20 -40.19
C GLY C 287 -20.77 -13.44 -40.94
N TYR C 288 -19.86 -13.25 -41.90
CA TYR C 288 -19.35 -14.35 -42.69
C TYR C 288 -18.35 -15.16 -41.88
N GLU C 289 -18.78 -16.35 -41.44
CA GLU C 289 -17.98 -17.15 -40.53
C GLU C 289 -16.95 -18.01 -41.24
N ASN C 290 -16.45 -17.54 -42.37
CA ASN C 290 -15.37 -18.24 -43.04
C ASN C 290 -14.35 -17.26 -43.57
N VAL C 291 -14.27 -16.11 -42.91
CA VAL C 291 -13.27 -15.10 -43.24
C VAL C 291 -12.39 -14.86 -42.02
N PHE C 292 -11.09 -14.76 -42.24
CA PHE C 292 -10.15 -14.61 -41.12
C PHE C 292 -9.06 -13.60 -41.42
N ALA C 293 -8.26 -13.32 -40.41
CA ALA C 293 -7.10 -12.45 -40.57
C ALA C 293 -5.97 -12.94 -39.68
N LEU C 294 -4.76 -12.47 -39.96
CA LEU C 294 -3.59 -12.94 -39.24
C LEU C 294 -3.41 -12.21 -37.91
N ASN C 295 -2.78 -12.88 -36.96
CA ASN C 295 -2.54 -12.28 -35.66
C ASN C 295 -1.14 -12.56 -35.15
N PHE C 296 -0.40 -11.49 -34.90
CA PHE C 296 0.95 -11.58 -34.38
C PHE C 296 0.95 -11.10 -32.95
N LYS C 297 1.88 -11.59 -32.16
CA LYS C 297 1.92 -11.22 -30.75
C LYS C 297 3.29 -10.71 -30.34
N VAL C 298 3.29 -9.67 -29.51
CA VAL C 298 4.52 -9.02 -29.11
C VAL C 298 5.29 -9.81 -28.08
N LYS C 299 6.57 -10.05 -28.35
CA LYS C 299 7.44 -10.64 -27.36
C LYS C 299 8.50 -9.63 -26.96
N LEU C 300 8.33 -9.06 -25.78
CA LEU C 300 9.20 -7.99 -25.33
C LEU C 300 10.18 -8.45 -24.28
N GLU C 301 11.46 -8.12 -24.48
CA GLU C 301 12.46 -8.38 -23.46
C GLU C 301 12.32 -7.35 -22.35
N ARG C 302 12.79 -7.69 -21.16
CA ARG C 302 12.69 -6.83 -19.99
C ARG C 302 11.27 -6.35 -19.75
N GLU C 303 10.31 -7.25 -19.93
CA GLU C 303 8.90 -6.91 -19.83
C GLU C 303 8.56 -6.26 -18.49
N GLU C 304 9.11 -6.79 -17.42
CA GLU C 304 8.74 -6.31 -16.10
C GLU C 304 9.19 -4.88 -15.90
N LYS C 305 10.27 -4.50 -16.58
CA LYS C 305 10.79 -3.16 -16.42
C LYS C 305 9.82 -2.16 -17.05
N LEU C 306 9.26 -2.54 -18.19
CA LEU C 306 8.31 -1.68 -18.86
C LEU C 306 7.08 -1.53 -17.99
N LYS C 307 6.68 -2.64 -17.40
CA LYS C 307 5.53 -2.66 -16.51
C LYS C 307 5.68 -1.62 -15.42
N LYS C 308 6.81 -1.69 -14.73
CA LYS C 308 7.10 -0.79 -13.64
C LYS C 308 7.06 0.64 -14.13
N LEU C 309 7.55 0.85 -15.34
CA LEU C 309 7.63 2.20 -15.91
C LEU C 309 6.23 2.74 -16.11
N ILE C 310 5.37 1.93 -16.68
CA ILE C 310 4.03 2.35 -17.02
C ILE C 310 3.25 2.66 -15.76
N TYR C 311 3.43 1.83 -14.76
CA TYR C 311 2.66 1.95 -13.54
C TYR C 311 3.13 3.09 -12.67
N ARG C 312 4.20 3.75 -13.10
CA ARG C 312 4.76 4.81 -12.28
C ARG C 312 4.02 6.15 -12.48
N ILE C 313 3.18 6.21 -13.50
CA ILE C 313 2.51 7.47 -13.81
C ILE C 313 1.17 7.57 -13.12
N PHE C 314 0.79 6.51 -12.42
CA PHE C 314 -0.51 6.47 -11.78
C PHE C 314 -0.50 7.12 -10.41
N TYR C 315 0.65 7.62 -10.00
CA TYR C 315 0.78 8.15 -8.67
C TYR C 315 0.60 9.65 -8.67
N LEU D 2 -43.13 -24.22 28.41
CA LEU D 2 -41.83 -23.79 28.86
C LEU D 2 -41.80 -22.28 28.79
N ARG D 3 -42.22 -21.75 27.66
CA ARG D 3 -42.34 -20.32 27.46
C ARG D 3 -43.31 -19.76 28.48
N SER D 4 -44.45 -20.42 28.61
CA SER D 4 -45.50 -19.98 29.50
C SER D 4 -45.04 -19.96 30.93
N SER D 5 -44.24 -20.94 31.32
CA SER D 5 -43.81 -21.07 32.69
C SER D 5 -42.91 -19.92 33.12
N LEU D 6 -42.48 -19.12 32.15
CA LEU D 6 -41.55 -18.04 32.43
C LEU D 6 -42.29 -16.74 32.65
N LEU D 7 -43.57 -16.74 32.28
CA LEU D 7 -44.41 -15.57 32.43
C LEU D 7 -44.37 -14.88 33.79
N PRO D 8 -44.34 -15.65 34.89
CA PRO D 8 -44.24 -14.97 36.18
C PRO D 8 -43.05 -14.04 36.29
N PHE D 9 -41.98 -14.37 35.60
CA PHE D 9 -40.81 -13.53 35.62
C PHE D 9 -41.05 -12.31 34.75
N SER D 10 -41.80 -12.50 33.69
CA SER D 10 -42.03 -11.43 32.74
C SER D 10 -42.86 -10.32 33.33
N TYR D 11 -43.91 -10.66 34.05
CA TYR D 11 -44.75 -9.64 34.65
C TYR D 11 -43.99 -8.84 35.70
N LEU D 12 -43.07 -9.49 36.38
CA LEU D 12 -42.23 -8.82 37.36
C LEU D 12 -41.32 -7.84 36.64
N TYR D 13 -40.79 -8.31 35.53
CA TYR D 13 -39.91 -7.52 34.69
C TYR D 13 -40.61 -6.27 34.23
N GLU D 14 -41.90 -6.41 33.97
CA GLU D 14 -42.71 -5.27 33.59
C GLU D 14 -42.62 -4.21 34.66
N LYS D 15 -42.71 -4.64 35.91
CA LYS D 15 -42.80 -3.71 37.02
C LYS D 15 -41.49 -2.95 37.16
N ILE D 16 -40.39 -3.63 36.88
CA ILE D 16 -39.09 -3.00 36.96
C ILE D 16 -38.93 -1.99 35.84
N ILE D 17 -39.25 -2.43 34.63
CA ILE D 17 -39.05 -1.60 33.46
C ILE D 17 -39.96 -0.38 33.47
N ASN D 18 -41.24 -0.60 33.75
CA ASN D 18 -42.20 0.50 33.77
C ASN D 18 -41.83 1.58 34.76
N PHE D 19 -41.38 1.15 35.94
CA PHE D 19 -40.95 2.09 36.94
C PHE D 19 -39.68 2.78 36.47
N ARG D 20 -38.79 1.99 35.88
CA ARG D 20 -37.51 2.49 35.40
C ARG D 20 -37.70 3.59 34.38
N ASN D 21 -38.56 3.32 33.41
CA ASN D 21 -38.81 4.30 32.36
C ASN D 21 -39.50 5.54 32.89
N THR D 22 -40.32 5.36 33.91
CA THR D 22 -41.07 6.46 34.47
C THR D 22 -40.13 7.48 35.10
N LEU D 23 -39.06 6.99 35.73
CA LEU D 23 -38.08 7.86 36.35
C LEU D 23 -37.52 8.88 35.37
N TYR D 24 -37.15 8.38 34.20
CA TYR D 24 -36.63 9.24 33.15
C TYR D 24 -37.71 10.18 32.63
N ASP D 25 -38.93 9.66 32.53
CA ASP D 25 -40.05 10.47 32.07
C ASP D 25 -40.33 11.61 33.03
N LYS D 26 -40.10 11.36 34.31
CA LYS D 26 -40.41 12.34 35.34
C LYS D 26 -39.17 13.01 35.87
N GLY D 27 -38.07 12.86 35.14
CA GLY D 27 -36.84 13.60 35.39
C GLY D 27 -36.27 13.44 36.77
N PHE D 28 -36.36 12.22 37.32
CA PHE D 28 -35.78 11.97 38.63
C PHE D 28 -34.32 11.53 38.52
N LEU D 29 -33.92 11.09 37.34
CA LEU D 29 -32.55 10.67 37.11
C LEU D 29 -31.91 11.50 36.02
N LYS D 30 -30.60 11.71 36.14
CA LYS D 30 -29.89 12.63 35.27
C LYS D 30 -29.61 12.04 33.90
N ILE D 31 -29.77 12.86 32.87
CA ILE D 31 -29.44 12.49 31.50
C ILE D 31 -28.29 13.34 30.97
N LYS D 32 -27.18 12.69 30.63
CA LYS D 32 -25.99 13.40 30.22
C LYS D 32 -26.03 13.82 28.75
N LYS D 33 -25.25 14.84 28.41
CA LYS D 33 -25.27 15.40 27.06
C LYS D 33 -23.89 15.56 26.45
N LEU D 34 -23.72 15.08 25.23
CA LEU D 34 -22.47 15.25 24.51
C LEU D 34 -22.46 16.56 23.73
N PRO D 35 -21.26 17.11 23.46
CA PRO D 35 -21.17 18.39 22.75
C PRO D 35 -21.49 18.30 21.25
N VAL D 36 -21.48 17.09 20.69
CA VAL D 36 -21.74 16.92 19.26
C VAL D 36 -23.06 16.18 19.05
N PRO D 37 -23.62 16.25 17.83
CA PRO D 37 -24.88 15.56 17.55
C PRO D 37 -24.79 14.05 17.72
N VAL D 38 -25.91 13.41 18.08
CA VAL D 38 -25.96 11.97 18.26
C VAL D 38 -27.21 11.32 17.68
N ILE D 39 -27.01 10.41 16.75
CA ILE D 39 -28.09 9.65 16.16
C ILE D 39 -28.09 8.22 16.71
N SER D 40 -29.27 7.67 16.96
CA SER D 40 -29.35 6.32 17.49
C SER D 40 -30.23 5.43 16.63
N VAL D 41 -29.84 4.16 16.53
CA VAL D 41 -30.65 3.18 15.83
C VAL D 41 -30.82 1.95 16.66
N GLY D 42 -32.05 1.46 16.75
CA GLY D 42 -32.33 0.25 17.52
C GLY D 42 -33.74 -0.28 17.33
N ASN D 43 -34.08 -1.29 18.12
CA ASN D 43 -35.41 -1.87 18.10
C ASN D 43 -35.80 -2.41 19.47
N LEU D 44 -37.02 -2.89 19.59
CA LEU D 44 -37.56 -3.32 20.88
C LEU D 44 -37.31 -4.79 21.18
N SER D 45 -37.03 -5.57 20.15
CA SER D 45 -36.90 -7.00 20.33
C SER D 45 -35.52 -7.47 19.93
N VAL D 46 -35.32 -8.77 20.03
CA VAL D 46 -34.08 -9.38 19.61
C VAL D 46 -34.34 -10.23 18.39
N GLY D 47 -33.27 -10.72 17.78
CA GLY D 47 -33.42 -11.56 16.60
C GLY D 47 -33.28 -10.77 15.33
N GLY D 48 -33.70 -11.37 14.23
CA GLY D 48 -33.62 -10.74 12.92
C GLY D 48 -34.26 -9.37 12.95
N SER D 49 -33.51 -8.36 12.54
CA SER D 49 -33.97 -6.99 12.70
C SER D 49 -33.89 -6.20 11.41
N GLY D 50 -32.77 -6.37 10.71
CA GLY D 50 -32.51 -5.56 9.53
C GLY D 50 -31.76 -4.31 9.92
N LYS D 51 -31.42 -4.23 11.20
CA LYS D 51 -30.70 -3.10 11.75
C LYS D 51 -29.38 -2.91 11.04
N THR D 52 -28.66 -4.01 10.86
CA THR D 52 -27.32 -3.99 10.30
C THR D 52 -27.34 -3.48 8.88
N SER D 53 -28.53 -3.39 8.29
CA SER D 53 -28.64 -2.86 6.95
C SER D 53 -28.96 -1.39 6.99
N PHE D 54 -29.71 -1.00 8.01
CA PHE D 54 -30.11 0.38 8.12
C PHE D 54 -28.95 1.23 8.53
N VAL D 55 -28.10 0.68 9.38
CA VAL D 55 -26.95 1.41 9.87
C VAL D 55 -26.03 1.72 8.71
N MET D 56 -25.88 0.75 7.82
CA MET D 56 -25.05 0.97 6.65
C MET D 56 -25.68 2.03 5.77
N TYR D 57 -26.98 1.91 5.56
CA TYR D 57 -27.71 2.87 4.74
C TYR D 57 -27.63 4.27 5.34
N LEU D 58 -27.68 4.34 6.67
CA LEU D 58 -27.61 5.60 7.36
C LEU D 58 -26.22 6.21 7.25
N ALA D 59 -25.21 5.35 7.30
CA ALA D 59 -23.83 5.80 7.23
C ALA D 59 -23.52 6.30 5.84
N ASP D 60 -24.24 5.79 4.85
CA ASP D 60 -24.03 6.19 3.46
C ASP D 60 -24.65 7.55 3.19
N LEU D 61 -25.63 7.92 3.99
CA LEU D 61 -26.26 9.23 3.84
C LEU D 61 -25.41 10.30 4.49
N LEU D 62 -24.56 9.89 5.42
CA LEU D 62 -23.70 10.83 6.14
C LEU D 62 -22.27 10.72 5.67
N LYS D 63 -22.10 10.33 4.41
CA LYS D 63 -20.75 10.18 3.85
C LYS D 63 -20.09 11.55 3.75
N ASP D 64 -20.91 12.58 3.74
CA ASP D 64 -20.43 13.95 3.66
C ASP D 64 -19.93 14.43 5.02
N LYS D 65 -20.12 13.60 6.04
CA LYS D 65 -19.64 13.94 7.37
C LYS D 65 -18.66 12.91 7.87
N ARG D 66 -18.00 13.23 8.98
CA ARG D 66 -17.06 12.32 9.61
C ARG D 66 -17.78 11.51 10.67
N VAL D 67 -18.00 10.23 10.36
CA VAL D 67 -18.89 9.38 11.13
C VAL D 67 -18.15 8.37 12.00
N CYS D 68 -18.67 8.14 13.20
CA CYS D 68 -18.09 7.16 14.11
C CYS D 68 -19.17 6.32 14.78
N ILE D 69 -18.98 5.00 14.77
CA ILE D 69 -19.93 4.07 15.36
C ILE D 69 -19.61 3.79 16.82
N LEU D 70 -20.63 3.79 17.66
CA LEU D 70 -20.47 3.41 19.06
C LEU D 70 -21.21 2.13 19.38
N SER D 71 -20.58 0.99 19.12
CA SER D 71 -21.24 -0.29 19.34
C SER D 71 -21.04 -0.78 20.77
N ARG D 72 -21.66 -1.92 21.08
CA ARG D 72 -21.50 -2.55 22.38
C ARG D 72 -20.27 -3.45 22.41
N GLY D 73 -20.22 -4.37 21.46
CA GLY D 73 -19.21 -5.42 21.51
C GLY D 73 -19.43 -6.18 22.80
N TYR D 74 -20.66 -6.61 23.01
CA TYR D 74 -21.08 -7.24 24.26
C TYR D 74 -20.24 -8.47 24.60
N LYS D 75 -19.92 -9.26 23.59
CA LYS D 75 -19.10 -10.44 23.82
C LYS D 75 -17.86 -10.44 22.95
N ARG D 76 -16.71 -10.17 23.56
CA ARG D 76 -15.45 -10.20 22.84
C ARG D 76 -14.33 -10.76 23.72
N LYS D 77 -13.18 -10.99 23.11
CA LYS D 77 -12.07 -11.61 23.82
C LYS D 77 -11.48 -10.68 24.86
N SER D 78 -11.50 -9.39 24.55
CA SER D 78 -10.99 -8.38 25.46
C SER D 78 -12.13 -7.68 26.17
N LYS D 79 -11.79 -6.63 26.91
CA LYS D 79 -12.80 -5.89 27.64
C LYS D 79 -12.33 -4.47 27.93
N GLY D 80 -13.29 -3.57 28.12
CA GLY D 80 -13.00 -2.17 28.36
C GLY D 80 -13.41 -1.32 27.18
N THR D 81 -12.59 -0.34 26.84
CA THR D 81 -12.84 0.48 25.66
C THR D 81 -11.86 0.07 24.57
N LEU D 82 -12.29 0.08 23.32
CA LEU D 82 -11.46 -0.43 22.25
C LEU D 82 -11.79 0.17 20.89
N ILE D 83 -10.77 0.70 20.24
CA ILE D 83 -10.90 1.20 18.87
C ILE D 83 -10.70 0.07 17.88
N VAL D 84 -11.74 -0.26 17.15
CA VAL D 84 -11.71 -1.42 16.26
C VAL D 84 -11.10 -1.11 14.91
N SER D 85 -11.51 0.01 14.32
CA SER D 85 -11.06 0.34 12.97
C SER D 85 -10.85 1.84 12.80
N GLU D 86 -9.71 2.19 12.22
CA GLU D 86 -9.37 3.59 11.97
C GLU D 86 -9.59 3.92 10.52
N TYR D 87 -10.85 4.19 10.17
CA TYR D 87 -11.24 4.54 8.81
C TYR D 87 -10.78 3.48 7.81
N GLY D 88 -11.21 2.24 8.04
CA GLY D 88 -10.92 1.17 7.10
C GLY D 88 -9.78 0.25 7.50
N ASN D 89 -8.72 0.85 8.02
CA ASN D 89 -7.57 0.06 8.44
C ASN D 89 -7.79 -0.56 9.80
N LEU D 90 -7.83 -1.88 9.83
CA LEU D 90 -8.11 -2.61 11.04
C LEU D 90 -6.92 -2.59 11.99
N LYS D 91 -7.18 -2.25 13.25
CA LYS D 91 -6.14 -2.21 14.26
C LYS D 91 -6.14 -3.48 15.10
N VAL D 92 -7.21 -4.25 15.00
CA VAL D 92 -7.37 -5.45 15.80
C VAL D 92 -8.03 -6.58 15.02
N SER D 93 -8.10 -7.75 15.63
CA SER D 93 -8.71 -8.91 14.98
C SER D 93 -10.18 -8.98 15.30
N TRP D 94 -10.89 -9.85 14.60
CA TRP D 94 -12.30 -10.01 14.83
C TRP D 94 -12.54 -10.69 16.16
N GLU D 95 -11.56 -11.50 16.58
CA GLU D 95 -11.64 -12.19 17.86
C GLU D 95 -11.63 -11.20 19.01
N GLU D 96 -10.83 -10.15 18.88
CA GLU D 96 -10.67 -9.18 19.95
C GLU D 96 -11.77 -8.15 19.91
N ALA D 97 -12.24 -7.86 18.70
CA ALA D 97 -13.22 -6.81 18.49
C ALA D 97 -14.63 -7.33 18.71
N GLY D 98 -14.84 -8.58 18.34
CA GLY D 98 -16.18 -9.15 18.36
C GLY D 98 -16.68 -9.23 16.94
N ASP D 99 -17.78 -9.93 16.74
CA ASP D 99 -18.28 -10.15 15.39
C ASP D 99 -19.06 -8.95 14.86
N GLU D 100 -19.87 -8.35 15.72
CA GLU D 100 -20.68 -7.23 15.31
C GLU D 100 -19.84 -5.99 14.99
N PRO D 101 -18.91 -5.60 15.88
CA PRO D 101 -18.19 -4.38 15.51
C PRO D 101 -17.26 -4.59 14.33
N TYR D 102 -16.57 -5.73 14.31
CA TYR D 102 -15.60 -6.00 13.26
C TYR D 102 -16.26 -6.05 11.90
N LEU D 103 -17.38 -6.76 11.82
CA LEU D 103 -18.10 -6.91 10.57
C LEU D 103 -18.55 -5.56 10.04
N MET D 104 -19.07 -4.73 10.93
CA MET D 104 -19.53 -3.41 10.55
C MET D 104 -18.38 -2.58 10.01
N ALA D 105 -17.20 -2.76 10.62
CA ALA D 105 -16.02 -2.02 10.23
C ALA D 105 -15.59 -2.35 8.82
N LYS D 106 -15.73 -3.62 8.45
CA LYS D 106 -15.38 -4.07 7.11
C LYS D 106 -16.40 -3.58 6.10
N LEU D 107 -17.66 -3.47 6.54
CA LEU D 107 -18.73 -3.05 5.66
C LEU D 107 -18.71 -1.55 5.41
N LEU D 108 -17.97 -0.82 6.24
CA LEU D 108 -17.93 0.62 6.14
C LEU D 108 -16.50 1.14 6.05
N PRO D 109 -15.90 1.04 4.87
CA PRO D 109 -14.49 1.39 4.68
C PRO D 109 -14.19 2.88 4.86
N HIS D 110 -15.22 3.72 4.90
CA HIS D 110 -14.98 5.15 5.07
C HIS D 110 -15.50 5.64 6.41
N VAL D 111 -15.71 4.71 7.33
CA VAL D 111 -16.31 5.07 8.60
C VAL D 111 -15.54 4.46 9.76
N SER D 112 -15.45 5.22 10.86
CA SER D 112 -14.74 4.77 12.05
C SER D 112 -15.60 3.87 12.90
N VAL D 113 -14.97 3.04 13.72
CA VAL D 113 -15.70 2.15 14.62
C VAL D 113 -15.08 2.11 16.01
N VAL D 114 -15.91 2.29 17.02
CA VAL D 114 -15.45 2.25 18.40
C VAL D 114 -16.31 1.32 19.26
N ALA D 115 -15.72 0.23 19.72
CA ALA D 115 -16.44 -0.72 20.56
C ALA D 115 -16.31 -0.36 22.03
N SER D 116 -17.44 -0.22 22.70
CA SER D 116 -17.46 0.10 24.11
C SER D 116 -18.82 -0.21 24.71
N GLU D 117 -18.81 -0.93 25.84
CA GLU D 117 -20.06 -1.22 26.54
C GLU D 117 -20.74 0.08 26.91
N ASP D 118 -19.98 1.00 27.51
CA ASP D 118 -20.53 2.30 27.86
C ASP D 118 -20.24 3.32 26.77
N ARG D 119 -21.31 3.95 26.28
CA ARG D 119 -21.18 4.83 25.13
C ARG D 119 -20.51 6.15 25.48
N TYR D 120 -20.81 6.69 26.65
CA TYR D 120 -20.34 8.02 27.01
C TYR D 120 -18.82 8.09 27.05
N LYS D 121 -18.22 7.15 27.75
CA LYS D 121 -16.77 7.10 27.84
C LYS D 121 -16.19 6.79 26.49
N GLY D 122 -16.84 5.89 25.76
CA GLY D 122 -16.40 5.55 24.41
C GLY D 122 -16.49 6.74 23.50
N GLY D 123 -17.44 7.62 23.77
CA GLY D 123 -17.64 8.81 22.97
C GLY D 123 -16.50 9.78 23.16
N LEU D 124 -16.07 9.93 24.41
CA LEU D 124 -15.00 10.86 24.72
C LEU D 124 -13.74 10.46 24.01
N LEU D 125 -13.46 9.16 23.99
CA LEU D 125 -12.28 8.64 23.34
C LEU D 125 -12.32 8.92 21.85
N ALA D 126 -13.51 8.89 21.29
CA ALA D 126 -13.69 9.13 19.86
C ALA D 126 -13.39 10.57 19.52
N LEU D 127 -13.87 11.49 20.35
CA LEU D 127 -13.68 12.91 20.13
C LEU D 127 -12.21 13.28 20.18
N GLU D 128 -11.46 12.51 20.97
CA GLU D 128 -10.05 12.81 21.17
C GLU D 128 -9.19 12.38 20.00
N LYS D 129 -9.41 11.15 19.53
CA LYS D 129 -8.56 10.60 18.49
C LYS D 129 -9.12 10.80 17.10
N LEU D 130 -10.36 10.38 16.89
CA LEU D 130 -10.95 10.33 15.56
C LEU D 130 -11.65 11.63 15.19
N SER D 131 -12.06 12.38 16.20
CA SER D 131 -12.73 13.67 16.01
C SER D 131 -13.83 13.63 14.95
N PRO D 132 -14.91 12.89 15.21
CA PRO D 132 -16.03 12.81 14.26
C PRO D 132 -16.98 13.99 14.40
N GLU D 133 -17.90 14.12 13.46
CA GLU D 133 -18.88 15.19 13.50
C GLU D 133 -20.24 14.70 13.95
N VAL D 134 -20.44 13.40 13.88
CA VAL D 134 -21.72 12.83 14.23
C VAL D 134 -21.54 11.39 14.68
N PHE D 135 -22.31 10.97 15.67
CA PHE D 135 -22.23 9.60 16.17
C PHE D 135 -23.42 8.77 15.75
N ILE D 136 -23.20 7.46 15.65
CA ILE D 136 -24.25 6.52 15.31
C ILE D 136 -24.28 5.35 16.28
N LEU D 137 -25.36 5.27 17.05
CA LEU D 137 -25.51 4.19 18.02
C LEU D 137 -26.26 3.02 17.42
N ASP D 138 -25.58 1.91 17.19
CA ASP D 138 -26.28 0.72 16.74
C ASP D 138 -26.74 -0.05 17.95
N ASP D 139 -28.03 -0.37 17.97
CA ASP D 139 -28.64 -1.04 19.10
C ASP D 139 -28.45 -0.19 20.35
N GLY D 140 -28.89 1.06 20.28
CA GLY D 140 -28.72 1.96 21.40
C GLY D 140 -30.02 2.61 21.83
N PHE D 141 -31.13 2.00 21.45
CA PHE D 141 -32.43 2.56 21.80
C PHE D 141 -32.69 2.41 23.29
N GLN D 142 -32.19 1.33 23.86
CA GLN D 142 -32.36 1.07 25.28
C GLN D 142 -31.39 1.89 26.12
N HIS D 143 -30.24 2.17 25.52
CA HIS D 143 -29.17 2.92 26.19
C HIS D 143 -29.62 4.35 26.43
N ARG D 144 -30.49 4.55 27.41
CA ARG D 144 -31.05 5.87 27.67
C ARG D 144 -30.14 6.71 28.57
N LYS D 145 -28.98 6.16 28.92
CA LYS D 145 -27.99 6.89 29.68
C LYS D 145 -27.50 8.09 28.88
N LEU D 146 -27.37 7.88 27.58
CA LEU D 146 -26.84 8.88 26.68
C LEU D 146 -27.93 9.56 25.88
N HIS D 147 -27.98 10.88 25.96
CA HIS D 147 -28.97 11.66 25.23
C HIS D 147 -28.74 11.49 23.75
N ARG D 148 -29.81 11.62 22.96
CA ARG D 148 -29.67 11.50 21.52
C ARG D 148 -30.64 12.44 20.82
N ASP D 149 -30.17 13.10 19.78
CA ASP D 149 -30.96 14.13 19.14
C ASP D 149 -31.96 13.53 18.19
N LEU D 150 -31.57 12.45 17.53
CA LEU D 150 -32.48 11.77 16.63
C LEU D 150 -32.62 10.32 17.04
N ASN D 151 -33.72 10.00 17.71
CA ASN D 151 -33.92 8.66 18.24
C ASN D 151 -34.76 7.82 17.29
N ILE D 152 -34.08 7.10 16.41
CA ILE D 152 -34.77 6.26 15.46
C ILE D 152 -35.09 4.91 16.06
N LEU D 153 -36.29 4.43 15.83
CA LEU D 153 -36.70 3.13 16.33
C LEU D 153 -37.16 2.26 15.19
N LEU D 154 -36.80 0.99 15.23
CA LEU D 154 -37.19 0.04 14.19
C LEU D 154 -38.26 -0.92 14.71
N LEU D 155 -39.21 -1.26 13.85
CA LEU D 155 -40.28 -2.17 14.24
C LEU D 155 -40.60 -3.17 13.15
N LYS D 156 -40.75 -4.42 13.55
CA LYS D 156 -41.20 -5.44 12.63
C LYS D 156 -42.57 -5.93 13.07
N LYS D 157 -43.30 -6.51 12.13
CA LYS D 157 -44.67 -6.95 12.37
C LYS D 157 -44.76 -7.95 13.51
N LYS D 158 -43.70 -8.71 13.71
CA LYS D 158 -43.69 -9.71 14.75
C LYS D 158 -43.71 -9.08 16.13
N ASP D 159 -42.97 -7.99 16.29
CA ASP D 159 -42.82 -7.35 17.59
C ASP D 159 -44.14 -6.98 18.22
N LEU D 160 -45.09 -6.57 17.39
CA LEU D 160 -46.39 -6.19 17.91
C LEU D 160 -47.10 -7.40 18.47
N LYS D 161 -46.71 -8.57 17.99
CA LYS D 161 -47.32 -9.79 18.42
C LYS D 161 -46.41 -10.55 19.37
N ASP D 162 -45.65 -9.82 20.18
CA ASP D 162 -44.69 -10.47 21.04
C ASP D 162 -44.78 -9.96 22.46
N ARG D 163 -44.11 -10.62 23.38
CA ARG D 163 -44.15 -10.22 24.78
C ARG D 163 -42.75 -10.11 25.34
N LEU D 164 -42.63 -9.51 26.52
CA LEU D 164 -41.35 -9.28 27.16
C LEU D 164 -40.59 -10.55 27.48
N LEU D 165 -39.31 -10.37 27.72
CA LEU D 165 -38.44 -11.41 28.22
C LEU D 165 -38.90 -11.78 29.62
N PRO D 166 -38.52 -12.98 30.09
CA PRO D 166 -37.77 -14.02 29.39
C PRO D 166 -38.66 -14.94 28.57
N ALA D 167 -39.96 -14.68 28.60
CA ALA D 167 -40.88 -15.50 27.84
C ALA D 167 -40.74 -15.18 26.37
N GLY D 168 -41.08 -13.95 26.02
CA GLY D 168 -41.07 -13.51 24.65
C GLY D 168 -39.73 -12.95 24.25
N ASN D 169 -39.74 -11.94 23.39
CA ASN D 169 -38.50 -11.40 22.85
C ASN D 169 -38.34 -9.90 23.06
N LEU D 170 -39.38 -9.24 23.54
CA LEU D 170 -39.31 -7.80 23.76
C LEU D 170 -38.45 -7.48 24.95
N ARG D 171 -37.73 -6.37 24.88
CA ARG D 171 -36.93 -5.92 26.01
C ARG D 171 -37.66 -4.83 26.77
N GLU D 172 -38.58 -4.15 26.08
CA GLU D 172 -39.39 -3.12 26.69
C GLU D 172 -40.80 -3.19 26.13
N PRO D 173 -41.78 -2.67 26.88
CA PRO D 173 -43.16 -2.70 26.40
C PRO D 173 -43.32 -1.87 25.15
N LEU D 174 -44.37 -2.15 24.38
CA LEU D 174 -44.62 -1.41 23.16
C LEU D 174 -45.05 0.01 23.47
N LYS D 175 -45.42 0.27 24.72
CA LYS D 175 -45.91 1.59 25.08
C LYS D 175 -44.81 2.64 24.99
N GLU D 176 -43.56 2.19 24.94
CA GLU D 176 -42.42 3.09 24.96
C GLU D 176 -42.09 3.63 23.58
N ILE D 177 -42.89 3.25 22.60
CA ILE D 177 -42.68 3.68 21.23
C ILE D 177 -42.69 5.19 21.15
N ARG D 178 -43.43 5.82 22.06
CA ARG D 178 -43.56 7.26 22.07
C ARG D 178 -42.22 7.98 22.13
N ARG D 179 -41.20 7.30 22.63
CA ARG D 179 -39.89 7.90 22.78
C ARG D 179 -39.20 8.20 21.46
N ALA D 180 -39.55 7.43 20.43
CA ALA D 180 -38.89 7.53 19.14
C ALA D 180 -39.21 8.84 18.46
N ASP D 181 -38.22 9.39 17.76
CA ASP D 181 -38.44 10.60 16.99
C ASP D 181 -38.84 10.22 15.58
N ALA D 182 -38.47 9.01 15.18
CA ALA D 182 -38.81 8.52 13.85
C ALA D 182 -38.87 7.01 13.83
N LEU D 183 -39.78 6.48 13.01
CA LEU D 183 -39.97 5.04 12.93
C LEU D 183 -39.50 4.47 11.62
N VAL D 184 -39.03 3.22 11.66
CA VAL D 184 -38.66 2.54 10.43
C VAL D 184 -39.24 1.13 10.42
N LEU D 185 -40.25 0.93 9.59
CA LEU D 185 -40.91 -0.35 9.51
C LEU D 185 -40.13 -1.32 8.62
N THR D 186 -39.57 -2.35 9.23
CA THR D 186 -38.70 -3.27 8.50
C THR D 186 -39.42 -4.50 7.98
N TYR D 187 -38.71 -5.28 7.18
CA TYR D 187 -39.22 -6.51 6.58
C TYR D 187 -40.51 -6.28 5.81
N GLN D 188 -40.51 -5.24 5.00
CA GLN D 188 -41.65 -4.96 4.15
C GLN D 188 -41.64 -5.86 2.94
N GLU D 189 -40.47 -6.33 2.58
CA GLU D 189 -40.33 -7.10 1.35
C GLU D 189 -40.97 -8.48 1.47
N VAL D 190 -41.25 -8.90 2.70
CA VAL D 190 -41.87 -10.21 2.89
C VAL D 190 -43.20 -10.11 3.62
N GLU D 191 -43.26 -9.26 4.64
CA GLU D 191 -44.48 -9.10 5.41
C GLU D 191 -44.82 -7.65 5.61
N PRO D 192 -45.47 -7.05 4.62
CA PRO D 192 -45.88 -5.64 4.66
C PRO D 192 -46.87 -5.35 5.77
N PHE D 193 -46.84 -4.13 6.29
CA PHE D 193 -47.79 -3.72 7.31
C PHE D 193 -47.80 -2.22 7.49
N GLU D 194 -48.87 -1.70 8.07
CA GLU D 194 -49.03 -0.27 8.30
C GLU D 194 -49.13 0.06 9.77
N PHE D 195 -48.70 1.26 10.14
CA PHE D 195 -48.77 1.71 11.52
C PHE D 195 -48.68 3.22 11.60
N PHE D 196 -49.70 3.84 12.18
CA PHE D 196 -49.76 5.29 12.23
C PHE D 196 -49.71 5.79 13.66
N THR D 197 -48.74 6.66 13.95
CA THR D 197 -48.59 7.18 15.29
C THR D 197 -48.68 8.69 15.32
N GLY D 198 -48.48 9.31 14.16
CA GLY D 198 -48.41 10.74 14.08
C GLY D 198 -46.97 11.19 13.93
N LYS D 199 -46.05 10.28 14.26
CA LYS D 199 -44.64 10.52 14.08
C LYS D 199 -44.24 10.26 12.64
N PRO D 200 -43.02 10.68 12.25
CA PRO D 200 -42.50 10.28 10.94
C PRO D 200 -42.50 8.77 10.76
N THR D 201 -42.78 8.32 9.55
CA THR D 201 -42.94 6.91 9.28
C THR D 201 -42.29 6.55 7.95
N PHE D 202 -41.52 5.45 7.94
CA PHE D 202 -40.83 5.04 6.73
C PHE D 202 -40.87 3.54 6.52
N LYS D 203 -41.27 3.12 5.32
CA LYS D 203 -41.25 1.71 4.97
C LYS D 203 -39.87 1.34 4.43
N MET D 204 -39.33 0.23 4.92
CA MET D 204 -37.99 -0.20 4.53
C MET D 204 -37.99 -1.57 3.87
N PHE D 205 -37.43 -1.64 2.67
CA PHE D 205 -37.36 -2.87 1.91
C PHE D 205 -35.92 -3.32 1.75
N ARG D 206 -35.72 -4.63 1.65
CA ARG D 206 -34.41 -5.17 1.33
C ARG D 206 -34.49 -5.99 0.07
N GLU D 207 -33.54 -5.80 -0.84
CA GLU D 207 -33.56 -6.53 -2.09
C GLU D 207 -32.19 -7.11 -2.42
N PHE D 208 -32.19 -8.34 -2.92
CA PHE D 208 -30.95 -9.02 -3.25
C PHE D 208 -30.26 -8.38 -4.44
N CYS D 209 -29.01 -7.98 -4.25
CA CYS D 209 -28.28 -7.27 -5.29
C CYS D 209 -27.11 -8.05 -5.86
N CYS D 210 -26.26 -8.56 -4.98
CA CYS D 210 -25.04 -9.21 -5.41
C CYS D 210 -24.42 -10.06 -4.31
N LEU D 211 -23.20 -10.53 -4.55
CA LEU D 211 -22.47 -11.31 -3.58
C LEU D 211 -21.29 -10.53 -3.02
N LEU D 212 -20.73 -11.01 -1.92
CA LEU D 212 -19.53 -10.41 -1.34
C LEU D 212 -18.44 -11.45 -1.19
N ASN D 213 -17.33 -11.24 -1.87
CA ASN D 213 -16.23 -12.18 -1.75
C ASN D 213 -15.44 -11.94 -0.47
N SER D 214 -14.34 -12.66 -0.32
CA SER D 214 -13.54 -12.57 0.90
C SER D 214 -12.88 -11.21 1.05
N ASP D 215 -12.79 -10.46 -0.04
CA ASP D 215 -12.21 -9.13 0.01
C ASP D 215 -13.28 -8.09 0.25
N PHE D 216 -14.50 -8.56 0.46
CA PHE D 216 -15.64 -7.70 0.70
C PHE D 216 -15.84 -6.70 -0.43
N GLU D 217 -15.66 -7.20 -1.65
CA GLU D 217 -15.96 -6.44 -2.84
C GLU D 217 -17.16 -7.05 -3.54
N GLU D 218 -18.10 -6.22 -3.97
CA GLU D 218 -19.29 -6.69 -4.65
C GLU D 218 -18.97 -7.34 -5.98
N VAL D 219 -19.52 -8.53 -6.20
CA VAL D 219 -19.30 -9.25 -7.44
C VAL D 219 -20.63 -9.78 -7.97
N PRO D 220 -20.76 -9.89 -9.30
CA PRO D 220 -22.00 -10.33 -9.95
C PRO D 220 -22.43 -11.72 -9.52
N PHE D 221 -23.69 -12.06 -9.76
CA PHE D 221 -24.22 -13.36 -9.38
C PHE D 221 -24.22 -14.34 -10.55
N ASP D 222 -23.69 -13.90 -11.68
CA ASP D 222 -23.68 -14.73 -12.87
C ASP D 222 -22.85 -16.00 -12.68
N ILE D 223 -21.96 -15.99 -11.70
CA ILE D 223 -21.11 -17.15 -11.47
C ILE D 223 -21.93 -18.34 -10.99
N LEU D 224 -23.14 -18.08 -10.53
CA LEU D 224 -24.04 -19.13 -10.08
C LEU D 224 -24.66 -19.87 -11.25
N LYS D 225 -24.58 -19.26 -12.42
CA LYS D 225 -25.15 -19.88 -13.61
C LYS D 225 -24.42 -21.18 -13.92
N GLU D 226 -25.19 -22.22 -14.23
CA GLU D 226 -24.67 -23.54 -14.55
C GLU D 226 -23.86 -24.15 -13.40
N ARG D 227 -24.17 -23.76 -12.18
CA ARG D 227 -23.45 -24.26 -11.01
C ARG D 227 -24.39 -24.47 -9.85
N GLU D 228 -24.28 -25.63 -9.21
CA GLU D 228 -24.94 -25.86 -7.93
C GLU D 228 -23.95 -25.53 -6.83
N VAL D 229 -24.44 -25.17 -5.65
CA VAL D 229 -23.55 -24.64 -4.63
C VAL D 229 -23.60 -25.38 -3.31
N ILE D 230 -22.56 -25.17 -2.51
CA ILE D 230 -22.48 -25.76 -1.19
C ILE D 230 -22.67 -24.69 -0.13
N ALA D 231 -23.83 -24.66 0.48
CA ALA D 231 -24.11 -23.64 1.48
C ALA D 231 -23.66 -24.13 2.86
N PHE D 232 -23.37 -23.19 3.76
CA PHE D 232 -23.09 -23.56 5.14
C PHE D 232 -23.29 -22.42 6.10
N SER D 233 -23.65 -22.76 7.34
CA SER D 233 -23.89 -21.77 8.39
C SER D 233 -23.19 -22.15 9.68
N GLY D 234 -22.58 -21.15 10.31
CA GLY D 234 -21.73 -21.40 11.47
C GLY D 234 -22.46 -21.61 12.78
N LEU D 235 -23.76 -21.40 12.77
CA LEU D 235 -24.51 -21.49 14.02
C LEU D 235 -25.97 -21.78 13.75
N GLY D 236 -26.83 -21.39 14.67
CA GLY D 236 -28.23 -21.70 14.55
C GLY D 236 -28.97 -20.83 13.57
N ASP D 237 -28.27 -20.25 12.61
CA ASP D 237 -28.91 -19.38 11.64
C ASP D 237 -29.43 -20.19 10.48
N ASN D 238 -29.12 -21.48 10.48
CA ASN D 238 -29.48 -22.39 9.40
C ASN D 238 -30.92 -22.26 8.97
N GLY D 239 -31.83 -22.34 9.93
CA GLY D 239 -33.24 -22.28 9.64
C GLY D 239 -33.58 -21.06 8.81
N GLN D 240 -32.90 -19.96 9.09
CA GLN D 240 -33.20 -18.71 8.41
C GLN D 240 -32.51 -18.63 7.06
N PHE D 241 -31.25 -19.03 7.04
CA PHE D 241 -30.46 -18.91 5.84
C PHE D 241 -30.99 -19.82 4.75
N ARG D 242 -31.32 -21.05 5.12
CA ARG D 242 -31.81 -22.02 4.16
C ARG D 242 -33.11 -21.55 3.54
N LYS D 243 -33.93 -20.91 4.35
CA LYS D 243 -35.21 -20.40 3.88
C LYS D 243 -34.97 -19.39 2.77
N VAL D 244 -33.99 -18.53 2.99
CA VAL D 244 -33.67 -17.50 2.01
C VAL D 244 -33.24 -18.15 0.72
N LEU D 245 -32.32 -19.10 0.83
CA LEU D 245 -31.81 -19.79 -0.34
C LEU D 245 -32.92 -20.43 -1.13
N LYS D 246 -33.94 -20.88 -0.43
CA LYS D 246 -35.06 -21.54 -1.07
C LYS D 246 -35.89 -20.53 -1.84
N ASN D 247 -36.09 -19.37 -1.23
CA ASN D 247 -36.92 -18.36 -1.85
C ASN D 247 -36.24 -17.71 -3.04
N LEU D 248 -34.93 -17.58 -2.97
CA LEU D 248 -34.19 -16.93 -4.04
C LEU D 248 -34.13 -17.83 -5.28
N GLY D 249 -34.30 -19.13 -5.07
CA GLY D 249 -34.30 -20.08 -6.16
C GLY D 249 -32.92 -20.63 -6.45
N ILE D 250 -32.06 -20.61 -5.45
CA ILE D 250 -30.70 -21.08 -5.61
C ILE D 250 -30.60 -22.57 -5.32
N LYS D 251 -30.04 -23.32 -6.25
CA LYS D 251 -29.93 -24.76 -6.08
C LYS D 251 -28.75 -25.13 -5.20
N VAL D 252 -29.04 -25.83 -4.10
CA VAL D 252 -28.01 -26.24 -3.17
C VAL D 252 -27.76 -27.72 -3.25
N LYS D 253 -26.51 -28.10 -3.53
CA LYS D 253 -26.20 -29.52 -3.65
C LYS D 253 -26.01 -30.14 -2.28
N GLU D 254 -25.58 -29.35 -1.32
CA GLU D 254 -25.54 -29.81 0.07
C GLU D 254 -25.37 -28.67 1.04
N PHE D 255 -25.83 -28.89 2.27
CA PHE D 255 -25.76 -27.88 3.30
C PHE D 255 -24.88 -28.38 4.44
N MET D 256 -24.27 -27.45 5.17
CA MET D 256 -23.38 -27.82 6.27
C MET D 256 -23.56 -26.93 7.48
N SER D 257 -23.82 -27.54 8.63
CA SER D 257 -23.98 -26.77 9.85
C SER D 257 -22.80 -27.00 10.79
N PHE D 258 -22.43 -25.97 11.53
CA PHE D 258 -21.33 -26.05 12.48
C PHE D 258 -21.75 -25.54 13.85
N PRO D 259 -21.00 -25.92 14.90
CA PRO D 259 -21.32 -25.46 16.26
C PRO D 259 -21.32 -23.95 16.39
N ASP D 260 -22.17 -23.43 17.26
CA ASP D 260 -22.37 -22.00 17.41
C ASP D 260 -21.07 -21.25 17.69
N HIS D 261 -20.16 -21.87 18.45
CA HIS D 261 -18.92 -21.21 18.86
C HIS D 261 -17.77 -21.48 17.89
N TYR D 262 -18.08 -22.15 16.78
CA TYR D 262 -17.07 -22.53 15.81
C TYR D 262 -16.44 -21.31 15.16
N ASP D 263 -15.12 -21.22 15.25
CA ASP D 263 -14.41 -20.07 14.72
C ASP D 263 -13.76 -20.38 13.39
N TYR D 264 -14.12 -21.52 12.81
CA TYR D 264 -13.60 -21.95 11.51
C TYR D 264 -12.09 -22.04 11.46
N SER D 265 -11.50 -22.59 12.51
CA SER D 265 -10.06 -22.76 12.55
C SER D 265 -9.65 -23.99 11.76
N ASP D 266 -10.50 -25.02 11.81
CA ASP D 266 -10.22 -26.27 11.14
C ASP D 266 -10.93 -26.37 9.80
N PHE D 267 -11.46 -25.25 9.33
CA PHE D 267 -12.22 -25.27 8.10
C PHE D 267 -11.31 -25.31 6.89
N THR D 268 -11.63 -26.16 5.93
CA THR D 268 -10.76 -26.38 4.79
C THR D 268 -11.54 -26.55 3.48
N PRO D 269 -11.76 -25.45 2.77
CA PRO D 269 -12.51 -25.44 1.50
C PRO D 269 -11.77 -26.13 0.36
N GLU D 270 -12.11 -27.39 0.12
CA GLU D 270 -11.50 -28.15 -0.96
C GLU D 270 -12.08 -27.75 -2.30
N GLU D 271 -11.25 -27.87 -3.33
CA GLU D 271 -11.69 -27.77 -4.72
C GLU D 271 -12.12 -26.38 -5.15
N GLY D 272 -12.00 -26.11 -6.44
CA GLY D 272 -12.47 -24.88 -7.03
C GLY D 272 -13.98 -24.94 -7.11
N GLU D 273 -14.63 -24.99 -5.96
CA GLU D 273 -16.07 -25.10 -5.87
C GLU D 273 -16.65 -23.95 -5.09
N ILE D 274 -17.89 -23.61 -5.38
CA ILE D 274 -18.50 -22.43 -4.79
C ILE D 274 -19.08 -22.74 -3.43
N TYR D 275 -18.97 -21.79 -2.51
CA TYR D 275 -19.53 -21.94 -1.19
C TYR D 275 -20.29 -20.68 -0.78
N LEU D 276 -21.37 -20.85 -0.04
CA LEU D 276 -22.14 -19.73 0.46
C LEU D 276 -22.18 -19.75 1.98
N THR D 277 -22.32 -18.58 2.59
CA THR D 277 -22.48 -18.48 4.02
C THR D 277 -23.02 -17.12 4.41
N THR D 278 -22.98 -16.83 5.70
CA THR D 278 -23.46 -15.55 6.18
C THR D 278 -22.31 -14.58 6.33
N PRO D 279 -22.60 -13.28 6.19
CA PRO D 279 -21.57 -12.27 6.38
C PRO D 279 -20.95 -12.38 7.76
N LYS D 280 -21.78 -12.66 8.74
CA LYS D 280 -21.32 -12.74 10.11
C LYS D 280 -20.28 -13.84 10.26
N ASP D 281 -20.32 -14.82 9.37
CA ASP D 281 -19.36 -15.91 9.41
C ASP D 281 -18.23 -15.69 8.41
N LEU D 282 -18.47 -14.85 7.42
CA LEU D 282 -17.49 -14.63 6.36
C LEU D 282 -16.22 -13.92 6.87
N ILE D 283 -16.39 -13.09 7.89
CA ILE D 283 -15.28 -12.33 8.43
C ILE D 283 -14.18 -13.21 9.01
N LYS D 284 -14.52 -14.42 9.37
CA LYS D 284 -13.55 -15.33 9.95
C LYS D 284 -12.83 -16.11 8.87
N LEU D 285 -13.27 -15.92 7.64
CA LEU D 285 -12.72 -16.68 6.54
C LEU D 285 -11.95 -15.80 5.58
N GLN D 286 -11.06 -14.98 6.12
CA GLN D 286 -10.24 -14.12 5.29
C GLN D 286 -9.09 -14.93 4.70
N GLY D 287 -8.97 -14.87 3.38
CA GLY D 287 -7.92 -15.58 2.67
C GLY D 287 -8.46 -16.56 1.65
N TYR D 288 -9.57 -17.22 2.00
CA TYR D 288 -10.19 -18.18 1.11
C TYR D 288 -10.97 -17.48 -0.01
N GLU D 289 -10.44 -17.55 -1.22
CA GLU D 289 -11.00 -16.78 -2.34
C GLU D 289 -12.11 -17.51 -3.08
N ASN D 290 -12.80 -18.43 -2.41
CA ASN D 290 -13.91 -19.12 -3.04
C ASN D 290 -15.10 -19.28 -2.11
N VAL D 291 -15.25 -18.34 -1.19
CA VAL D 291 -16.38 -18.33 -0.26
C VAL D 291 -17.13 -17.02 -0.41
N PHE D 292 -18.46 -17.09 -0.48
CA PHE D 292 -19.25 -15.89 -0.69
C PHE D 292 -20.42 -15.76 0.26
N ALA D 293 -21.10 -14.62 0.18
CA ALA D 293 -22.27 -14.37 0.99
C ALA D 293 -23.27 -13.54 0.21
N LEU D 294 -24.53 -13.58 0.62
CA LEU D 294 -25.56 -12.80 -0.04
C LEU D 294 -25.47 -11.37 0.41
N ASN D 295 -25.81 -10.46 -0.49
CA ASN D 295 -25.76 -9.04 -0.17
C ASN D 295 -27.05 -8.34 -0.54
N PHE D 296 -27.69 -7.75 0.47
CA PHE D 296 -28.91 -7.00 0.25
C PHE D 296 -28.68 -5.52 0.48
N LYS D 297 -29.47 -4.70 -0.19
CA LYS D 297 -29.34 -3.26 -0.05
C LYS D 297 -30.69 -2.62 0.26
N VAL D 298 -30.65 -1.55 1.02
CA VAL D 298 -31.86 -0.90 1.51
C VAL D 298 -32.54 -0.04 0.46
N LYS D 299 -33.84 -0.24 0.30
CA LYS D 299 -34.64 0.64 -0.53
C LYS D 299 -35.74 1.26 0.32
N LEU D 300 -35.59 2.54 0.61
CA LEU D 300 -36.48 3.22 1.54
C LEU D 300 -37.41 4.20 0.85
N GLU D 301 -38.70 4.08 1.11
CA GLU D 301 -39.66 5.05 0.60
C GLU D 301 -39.52 6.36 1.35
N ARG D 302 -39.91 7.46 0.71
CA ARG D 302 -39.92 8.78 1.34
C ARG D 302 -38.52 9.19 1.81
N GLU D 303 -37.52 8.84 1.03
CA GLU D 303 -36.11 9.02 1.39
C GLU D 303 -35.74 10.47 1.69
N GLU D 304 -36.33 11.38 0.93
CA GLU D 304 -36.02 12.79 1.06
C GLU D 304 -36.43 13.33 2.44
N LYS D 305 -37.48 12.75 3.00
CA LYS D 305 -37.96 13.22 4.30
C LYS D 305 -37.02 12.78 5.40
N LEU D 306 -36.45 11.59 5.25
CA LEU D 306 -35.52 11.09 6.23
C LEU D 306 -34.26 11.94 6.22
N LYS D 307 -33.79 12.27 5.03
CA LYS D 307 -32.62 13.12 4.88
C LYS D 307 -32.79 14.39 5.68
N LYS D 308 -33.90 15.09 5.42
CA LYS D 308 -34.21 16.35 6.08
C LYS D 308 -34.30 16.18 7.59
N LEU D 309 -34.80 15.03 8.01
CA LEU D 309 -34.87 14.72 9.43
C LEU D 309 -33.49 14.68 10.05
N ILE D 310 -32.56 14.10 9.32
CA ILE D 310 -31.24 13.85 9.86
C ILE D 310 -30.46 15.15 10.01
N TYR D 311 -30.59 16.01 9.02
CA TYR D 311 -29.74 17.19 8.95
C TYR D 311 -30.17 18.29 9.89
N ARG D 312 -31.28 18.10 10.59
CA ARG D 312 -31.78 19.16 11.46
C ARG D 312 -31.06 19.18 12.81
N ILE D 313 -30.32 18.12 13.10
CA ILE D 313 -29.69 18.00 14.39
C ILE D 313 -28.31 18.63 14.42
N PHE D 314 -27.86 19.11 13.27
CA PHE D 314 -26.52 19.68 13.18
C PHE D 314 -26.50 21.17 13.52
N TYR D 315 -27.65 21.69 13.93
CA TYR D 315 -27.74 23.12 14.26
C TYR D 315 -27.65 23.36 15.75
N1 EPE E . -5.45 47.54 -0.87
C2 EPE E . -6.34 47.45 0.29
C3 EPE E . -7.72 48.00 -0.01
N4 EPE E . -8.24 47.53 -1.27
C5 EPE E . -7.33 47.50 -2.38
C6 EPE E . -6.07 46.76 -1.97
C7 EPE E . -9.66 47.63 -1.55
C8 EPE E . -10.34 46.27 -1.57
O8 EPE E . -9.65 45.39 -2.43
C9 EPE E . -4.09 47.06 -0.57
C10 EPE E . -3.56 47.68 0.72
S EPE E . -3.55 46.58 2.18
O1S EPE E . -3.28 45.21 1.75
O2S EPE E . -2.42 46.99 3.02
O3S EPE E . -4.80 46.69 2.88
C1 LP4 F . 2.47 31.91 13.34
C2 LP4 F . 1.93 30.83 14.29
N2 LP4 F . 0.73 31.29 14.98
C3 LP4 F . 2.96 30.41 15.31
O3 LP4 F . 2.41 29.43 16.18
C4 LP4 F . 4.16 29.90 14.53
O4 LP4 F . 5.16 29.35 15.40
C5 LP4 F . 4.76 31.06 13.75
O5 LP4 F . 3.82 31.73 12.89
C6 LP4 F . 5.93 30.61 12.90
O6 LP4 F . 5.47 29.82 11.79
C7 LP4 F . -0.51 30.91 14.67
O7 LP4 F . -0.76 29.96 13.92
C8 LP4 F . -1.62 31.73 15.30
C16 LP4 F . -2.98 31.14 14.98
C17 LP4 F . -4.06 31.88 15.78
C18 LP4 F . -5.45 31.62 15.21
C19 LP4 F . -6.53 31.96 16.23
C28 LP4 F . 2.05 29.99 17.48
C29 LP4 F . 2.06 29.14 18.73
O42 LP4 F . 1.73 31.17 17.55
O44 LP4 F . -3.27 31.27 13.58
P45 LP4 F . 5.44 27.76 15.47
O46 LP4 F . 4.07 27.12 15.45
O47 LP4 F . 6.25 27.48 14.23
O48 LP4 F . 6.20 27.61 16.76
O48 LP5 G . -0.17 34.48 5.76
P45 LP5 G . 0.74 34.58 6.96
O46 LP5 G . 1.54 35.85 7.05
O47 LP5 G . 1.54 33.33 7.24
O1 LP5 G . -0.27 34.69 8.22
C1 LP5 G . -0.50 33.60 9.12
C2 LP5 G . -1.76 33.83 9.96
N2 LP5 G . -2.91 34.04 9.09
C7 LP5 G . -4.10 33.48 9.33
C8 LP5 G . -5.27 34.04 8.56
O7 LP5 G . -4.26 32.59 10.14
C3 LP5 G . -1.60 34.99 10.94
C4 LP5 G . -0.15 35.31 11.30
C5 LP5 G . 0.77 34.09 11.18
O5 LP5 G . 0.69 33.43 9.91
C6 LP5 G . 0.59 33.10 12.33
O6 LP5 G . 1.55 32.05 12.20
O4 LP5 G . 0.35 36.36 10.46
O3 LP5 G . -2.29 34.71 12.16
C28 LP5 G . -3.67 35.20 12.16
O42 LP5 G . -4.02 35.97 11.28
C29 LP5 G . -4.64 34.76 13.23
C1 LP4 H . -0.99 10.72 -42.13
C2 LP4 H . 0.15 10.04 -42.89
N2 LP4 H . 0.62 10.91 -43.96
C3 LP4 H . -0.21 8.69 -43.50
O3 LP4 H . 0.98 8.00 -43.88
C4 LP4 H . -0.96 7.83 -42.50
O4 LP4 H . -1.42 6.63 -43.14
C5 LP4 H . -2.14 8.59 -41.89
O5 LP4 H . -1.75 9.83 -41.31
C6 LP4 H . -2.75 7.74 -40.78
O6 LP4 H . -3.24 8.56 -39.72
C7 LP4 H . 1.56 11.86 -43.79
O7 LP4 H . 2.51 11.71 -43.05
C8 LP4 H . 1.38 13.13 -44.57
C16 LP4 H . 2.54 14.08 -44.30
C17 LP4 H . 2.23 15.46 -44.89
C28 LP4 H . 0.87 7.40 -45.20
C29 LP4 H . 0.97 5.91 -45.38
O42 LP4 H . 0.69 8.12 -46.18
O44 LP4 H . 2.74 14.19 -42.89
P45 LP4 H . -1.05 5.14 -42.63
O46 LP4 H . 0.28 5.28 -41.93
O47 LP4 H . -2.19 4.78 -41.72
O48 LP4 H . -1.01 4.30 -43.89
O48 LP5 I . -2.59 17.01 -36.00
P45 LP5 I . -1.46 16.03 -35.79
O46 LP5 I . -1.92 14.65 -35.39
O47 LP5 I . -0.34 16.58 -34.93
O1 LP5 I . -0.83 15.88 -37.27
C1 LP5 I . 0.17 14.95 -37.68
C2 LP5 I . 1.02 15.60 -38.77
N2 LP5 I . 1.66 16.80 -38.28
C7 LP5 I . 2.95 17.10 -38.49
C8 LP5 I . 3.93 15.96 -38.39
O7 LP5 I . 3.34 18.23 -38.74
C3 LP5 I . 0.06 15.86 -39.92
C4 LP5 I . -0.38 14.55 -40.54
C5 LP5 I . -0.72 13.45 -39.52
O5 LP5 I . -0.52 13.76 -38.12
C6 LP5 I . -0.01 12.15 -39.91
O6 LP5 I . -0.41 11.76 -41.23
O4 LP5 I . -1.52 14.78 -41.38
O3 LP5 I . 0.60 16.69 -40.95
C28 LP5 I . -0.43 17.54 -41.53
O42 LP5 I . -1.48 17.69 -40.93
C29 LP5 I . -0.23 18.18 -42.88
#